data_5CX0
# 
_entry.id   5CX0 
# 
_audit_conform.dict_name       mmcif_pdbx.dic 
_audit_conform.dict_version    5.387 
_audit_conform.dict_location   http://mmcif.pdb.org/dictionaries/ascii/mmcif_pdbx.dic 
# 
loop_
_database_2.database_id 
_database_2.database_code 
_database_2.pdbx_database_accession 
_database_2.pdbx_DOI 
PDB   5CX0         pdb_00005cx0 10.2210/pdb5cx0/pdb 
WWPDB D_1000212301 ?            ?                   
# 
loop_
_pdbx_audit_revision_history.ordinal 
_pdbx_audit_revision_history.data_content_type 
_pdbx_audit_revision_history.major_revision 
_pdbx_audit_revision_history.minor_revision 
_pdbx_audit_revision_history.revision_date 
1 'Structure model' 1 0 2016-08-03 
2 'Structure model' 1 1 2024-03-20 
# 
_pdbx_audit_revision_details.ordinal             1 
_pdbx_audit_revision_details.revision_ordinal    1 
_pdbx_audit_revision_details.data_content_type   'Structure model' 
_pdbx_audit_revision_details.provider            repository 
_pdbx_audit_revision_details.type                'Initial release' 
_pdbx_audit_revision_details.description         ? 
_pdbx_audit_revision_details.details             ? 
# 
loop_
_pdbx_audit_revision_group.ordinal 
_pdbx_audit_revision_group.revision_ordinal 
_pdbx_audit_revision_group.data_content_type 
_pdbx_audit_revision_group.group 
1 2 'Structure model' 'Data collection'      
2 2 'Structure model' 'Database references'  
3 2 'Structure model' 'Derived calculations' 
# 
loop_
_pdbx_audit_revision_category.ordinal 
_pdbx_audit_revision_category.revision_ordinal 
_pdbx_audit_revision_category.data_content_type 
_pdbx_audit_revision_category.category 
1 2 'Structure model' chem_comp_atom         
2 2 'Structure model' chem_comp_bond         
3 2 'Structure model' database_2             
4 2 'Structure model' pdbx_struct_conn_angle 
5 2 'Structure model' pdbx_struct_oper_list  
6 2 'Structure model' struct_conn            
# 
loop_
_pdbx_audit_revision_item.ordinal 
_pdbx_audit_revision_item.revision_ordinal 
_pdbx_audit_revision_item.data_content_type 
_pdbx_audit_revision_item.item 
1  2 'Structure model' '_database_2.pdbx_DOI'                        
2  2 'Structure model' '_database_2.pdbx_database_accession'         
3  2 'Structure model' '_pdbx_struct_conn_angle.ptnr1_auth_comp_id'  
4  2 'Structure model' '_pdbx_struct_conn_angle.ptnr1_auth_seq_id'   
5  2 'Structure model' '_pdbx_struct_conn_angle.ptnr1_label_asym_id' 
6  2 'Structure model' '_pdbx_struct_conn_angle.ptnr1_label_atom_id' 
7  2 'Structure model' '_pdbx_struct_conn_angle.ptnr1_label_comp_id' 
8  2 'Structure model' '_pdbx_struct_conn_angle.ptnr1_label_seq_id'  
9  2 'Structure model' '_pdbx_struct_conn_angle.ptnr2_auth_seq_id'   
10 2 'Structure model' '_pdbx_struct_conn_angle.ptnr2_label_asym_id' 
11 2 'Structure model' '_pdbx_struct_conn_angle.ptnr2_symmetry'      
12 2 'Structure model' '_pdbx_struct_conn_angle.ptnr3_auth_comp_id'  
13 2 'Structure model' '_pdbx_struct_conn_angle.ptnr3_auth_seq_id'   
14 2 'Structure model' '_pdbx_struct_conn_angle.ptnr3_label_asym_id' 
15 2 'Structure model' '_pdbx_struct_conn_angle.ptnr3_label_atom_id' 
16 2 'Structure model' '_pdbx_struct_conn_angle.ptnr3_label_comp_id' 
17 2 'Structure model' '_pdbx_struct_conn_angle.ptnr3_label_seq_id'  
18 2 'Structure model' '_pdbx_struct_conn_angle.value'               
19 2 'Structure model' '_pdbx_struct_oper_list.symmetry_operation'   
20 2 'Structure model' '_struct_conn.pdbx_dist_value'                
21 2 'Structure model' '_struct_conn.ptnr1_auth_comp_id'             
22 2 'Structure model' '_struct_conn.ptnr1_auth_seq_id'              
23 2 'Structure model' '_struct_conn.ptnr1_label_asym_id'            
24 2 'Structure model' '_struct_conn.ptnr1_label_atom_id'            
25 2 'Structure model' '_struct_conn.ptnr1_label_comp_id'            
26 2 'Structure model' '_struct_conn.ptnr1_label_seq_id'             
27 2 'Structure model' '_struct_conn.ptnr2_auth_comp_id'             
28 2 'Structure model' '_struct_conn.ptnr2_auth_seq_id'              
29 2 'Structure model' '_struct_conn.ptnr2_label_asym_id'            
30 2 'Structure model' '_struct_conn.ptnr2_label_atom_id'            
31 2 'Structure model' '_struct_conn.ptnr2_label_comp_id'            
32 2 'Structure model' '_struct_conn.ptnr2_symmetry'                 
# 
_pdbx_database_status.status_code                     REL 
_pdbx_database_status.status_code_sf                  REL 
_pdbx_database_status.status_code_mr                  ? 
_pdbx_database_status.entry_id                        5CX0 
_pdbx_database_status.recvd_initial_deposition_date   2015-07-28 
_pdbx_database_status.SG_entry                        N 
_pdbx_database_status.deposit_site                    RCSB 
_pdbx_database_status.process_site                    PDBJ 
_pdbx_database_status.status_code_cs                  ? 
_pdbx_database_status.methods_development_category    ? 
_pdbx_database_status.pdb_format_compatible           Y 
_pdbx_database_status.status_code_nmr_data            ? 
# 
loop_
_pdbx_database_related.db_name 
_pdbx_database_related.details 
_pdbx_database_related.db_id 
_pdbx_database_related.content_type 
PDB . 5CP0 unspecified 
PDB . 5CPD unspecified 
PDB . 5CVK unspecified 
PDB . 5CVP unspecified 
PDB . 5CVQ unspecified 
PDB . 5CWX unspecified 
PDB . 5CWY unspecified 
PDB . 5CXJ unspecified 
PDB . 5CY7 unspecified 
PDB . 5CY8 unspecified 
# 
loop_
_audit_author.name 
_audit_author.pdbx_ordinal 
'Ngo, H.P.T.' 1 
'Kang, L.W.'  2 
# 
_citation.abstract                  ? 
_citation.abstract_id_CAS           ? 
_citation.book_id_ISBN              ? 
_citation.book_publisher            ? 
_citation.book_publisher_city       ? 
_citation.book_title                ? 
_citation.coordinate_linkage        ? 
_citation.country                   ? 
_citation.database_id_Medline       ? 
_citation.details                   ? 
_citation.id                        primary 
_citation.journal_abbrev            'To Be Published' 
_citation.journal_id_ASTM           ? 
_citation.journal_id_CSD            0353 
_citation.journal_id_ISSN           ? 
_citation.journal_full              ? 
_citation.journal_issue             ? 
_citation.journal_volume            ? 
_citation.language                  ? 
_citation.page_first                ? 
_citation.page_last                 ? 
_citation.title                     
'Structure of Xoo1075, a peptide deformylase from Xanthomonas oryzae pv. oryzae, in complex with fragment 322' 
_citation.year                      ? 
_citation.database_id_CSD           ? 
_citation.pdbx_database_id_DOI      ? 
_citation.pdbx_database_id_PubMed   ? 
_citation.unpublished_flag          ? 
# 
loop_
_citation_author.citation_id 
_citation_author.name 
_citation_author.ordinal 
_citation_author.identifier_ORCID 
primary 'Ngo, H.P.T.' 1 ? 
primary 'Kang, L.W.'  2 ? 
# 
loop_
_entity.id 
_entity.type 
_entity.src_method 
_entity.pdbx_description 
_entity.formula_weight 
_entity.pdbx_number_of_molecules 
_entity.pdbx_ec 
_entity.pdbx_mutation 
_entity.pdbx_fragment 
_entity.details 
1 polymer     man 'Peptide deformylase'                                        19097.656 1  3.5.1.88 ? 'UNP residues 42-212' ? 
2 non-polymer syn 'CADMIUM ION'                                                112.411   3  ?        ? ?                     ? 
3 non-polymer syn 'ACETATE ION'                                                59.044    1  ?        ? ?                     ? 
4 non-polymer syn '5-(propan-2-yl)-2-thioxodihydropyrimidine-4,6(1H,5H)-dione' 186.231   1  ?        ? ?                     ? 
5 water       nat water                                                        18.015    60 ?        ? ?                     ? 
# 
_entity_name_com.entity_id   1 
_entity_name_com.name        'PDF,Polypeptide deformylase' 
# 
_entity_poly.entity_id                      1 
_entity_poly.type                           'polypeptide(L)' 
_entity_poly.nstd_linkage                   no 
_entity_poly.nstd_monomer                   no 
_entity_poly.pdbx_seq_one_letter_code       
;MIRDIIRMGDKRLLRVAPQVTNLGSAELHALVSDMFETMGAAHGVGLAAPQIAVDLQLMVFGFEASERYPEAPAVPLTAL
ANAQIEPLSDEMENGWEGCLSIPGLRAVIPRYRYIRYRGFAPDGSPIEREAEGFHARVVQHEYDHLVGRLYPSRIENFDT
FGFDDVLSYDL
;
_entity_poly.pdbx_seq_one_letter_code_can   
;MIRDIIRMGDKRLLRVAPQVTNLGSAELHALVSDMFETMGAAHGVGLAAPQIAVDLQLMVFGFEASERYPEAPAVPLTAL
ANAQIEPLSDEMENGWEGCLSIPGLRAVIPRYRYIRYRGFAPDGSPIEREAEGFHARVVQHEYDHLVGRLYPSRIENFDT
FGFDDVLSYDL
;
_entity_poly.pdbx_strand_id                 A 
_entity_poly.pdbx_target_identifier         ? 
# 
loop_
_pdbx_entity_nonpoly.entity_id 
_pdbx_entity_nonpoly.name 
_pdbx_entity_nonpoly.comp_id 
2 'CADMIUM ION'                                                CD  
3 'ACETATE ION'                                                ACT 
4 '5-(propan-2-yl)-2-thioxodihydropyrimidine-4,6(1H,5H)-dione' 56L 
5 water                                                        HOH 
# 
loop_
_entity_poly_seq.entity_id 
_entity_poly_seq.num 
_entity_poly_seq.mon_id 
_entity_poly_seq.hetero 
1 1   MET n 
1 2   ILE n 
1 3   ARG n 
1 4   ASP n 
1 5   ILE n 
1 6   ILE n 
1 7   ARG n 
1 8   MET n 
1 9   GLY n 
1 10  ASP n 
1 11  LYS n 
1 12  ARG n 
1 13  LEU n 
1 14  LEU n 
1 15  ARG n 
1 16  VAL n 
1 17  ALA n 
1 18  PRO n 
1 19  GLN n 
1 20  VAL n 
1 21  THR n 
1 22  ASN n 
1 23  LEU n 
1 24  GLY n 
1 25  SER n 
1 26  ALA n 
1 27  GLU n 
1 28  LEU n 
1 29  HIS n 
1 30  ALA n 
1 31  LEU n 
1 32  VAL n 
1 33  SER n 
1 34  ASP n 
1 35  MET n 
1 36  PHE n 
1 37  GLU n 
1 38  THR n 
1 39  MET n 
1 40  GLY n 
1 41  ALA n 
1 42  ALA n 
1 43  HIS n 
1 44  GLY n 
1 45  VAL n 
1 46  GLY n 
1 47  LEU n 
1 48  ALA n 
1 49  ALA n 
1 50  PRO n 
1 51  GLN n 
1 52  ILE n 
1 53  ALA n 
1 54  VAL n 
1 55  ASP n 
1 56  LEU n 
1 57  GLN n 
1 58  LEU n 
1 59  MET n 
1 60  VAL n 
1 61  PHE n 
1 62  GLY n 
1 63  PHE n 
1 64  GLU n 
1 65  ALA n 
1 66  SER n 
1 67  GLU n 
1 68  ARG n 
1 69  TYR n 
1 70  PRO n 
1 71  GLU n 
1 72  ALA n 
1 73  PRO n 
1 74  ALA n 
1 75  VAL n 
1 76  PRO n 
1 77  LEU n 
1 78  THR n 
1 79  ALA n 
1 80  LEU n 
1 81  ALA n 
1 82  ASN n 
1 83  ALA n 
1 84  GLN n 
1 85  ILE n 
1 86  GLU n 
1 87  PRO n 
1 88  LEU n 
1 89  SER n 
1 90  ASP n 
1 91  GLU n 
1 92  MET n 
1 93  GLU n 
1 94  ASN n 
1 95  GLY n 
1 96  TRP n 
1 97  GLU n 
1 98  GLY n 
1 99  CYS n 
1 100 LEU n 
1 101 SER n 
1 102 ILE n 
1 103 PRO n 
1 104 GLY n 
1 105 LEU n 
1 106 ARG n 
1 107 ALA n 
1 108 VAL n 
1 109 ILE n 
1 110 PRO n 
1 111 ARG n 
1 112 TYR n 
1 113 ARG n 
1 114 TYR n 
1 115 ILE n 
1 116 ARG n 
1 117 TYR n 
1 118 ARG n 
1 119 GLY n 
1 120 PHE n 
1 121 ALA n 
1 122 PRO n 
1 123 ASP n 
1 124 GLY n 
1 125 SER n 
1 126 PRO n 
1 127 ILE n 
1 128 GLU n 
1 129 ARG n 
1 130 GLU n 
1 131 ALA n 
1 132 GLU n 
1 133 GLY n 
1 134 PHE n 
1 135 HIS n 
1 136 ALA n 
1 137 ARG n 
1 138 VAL n 
1 139 VAL n 
1 140 GLN n 
1 141 HIS n 
1 142 GLU n 
1 143 TYR n 
1 144 ASP n 
1 145 HIS n 
1 146 LEU n 
1 147 VAL n 
1 148 GLY n 
1 149 ARG n 
1 150 LEU n 
1 151 TYR n 
1 152 PRO n 
1 153 SER n 
1 154 ARG n 
1 155 ILE n 
1 156 GLU n 
1 157 ASN n 
1 158 PHE n 
1 159 ASP n 
1 160 THR n 
1 161 PHE n 
1 162 GLY n 
1 163 PHE n 
1 164 ASP n 
1 165 ASP n 
1 166 VAL n 
1 167 LEU n 
1 168 SER n 
1 169 TYR n 
1 170 ASP n 
1 171 LEU n 
# 
_entity_src_gen.entity_id                          1 
_entity_src_gen.pdbx_src_id                        1 
_entity_src_gen.pdbx_alt_source_flag               sample 
_entity_src_gen.pdbx_seq_type                      'Biological sequence' 
_entity_src_gen.pdbx_beg_seq_num                   1 
_entity_src_gen.pdbx_end_seq_num                   171 
_entity_src_gen.gene_src_common_name               ? 
_entity_src_gen.gene_src_genus                     ? 
_entity_src_gen.pdbx_gene_src_gene                 'def, XOO1075' 
_entity_src_gen.gene_src_species                   ? 
_entity_src_gen.gene_src_strain                    KACC10331 
_entity_src_gen.gene_src_tissue                    ? 
_entity_src_gen.gene_src_tissue_fraction           ? 
_entity_src_gen.gene_src_details                   ? 
_entity_src_gen.pdbx_gene_src_fragment             ? 
_entity_src_gen.pdbx_gene_src_scientific_name      'Xanthomonas oryzae pv. oryzae KACC10331' 
_entity_src_gen.pdbx_gene_src_ncbi_taxonomy_id     291331 
_entity_src_gen.pdbx_gene_src_variant              ? 
_entity_src_gen.pdbx_gene_src_cell_line            ? 
_entity_src_gen.pdbx_gene_src_atcc                 ? 
_entity_src_gen.pdbx_gene_src_organ                ? 
_entity_src_gen.pdbx_gene_src_organelle            ? 
_entity_src_gen.pdbx_gene_src_cell                 ? 
_entity_src_gen.pdbx_gene_src_cellular_location    ? 
_entity_src_gen.host_org_common_name               ? 
_entity_src_gen.pdbx_host_org_scientific_name      'Escherichia coli' 
_entity_src_gen.pdbx_host_org_ncbi_taxonomy_id     562 
_entity_src_gen.host_org_genus                     ? 
_entity_src_gen.pdbx_host_org_gene                 ? 
_entity_src_gen.pdbx_host_org_organ                ? 
_entity_src_gen.host_org_species                   ? 
_entity_src_gen.pdbx_host_org_tissue               ? 
_entity_src_gen.pdbx_host_org_tissue_fraction      ? 
_entity_src_gen.pdbx_host_org_strain               ? 
_entity_src_gen.pdbx_host_org_variant              ? 
_entity_src_gen.pdbx_host_org_cell_line            ? 
_entity_src_gen.pdbx_host_org_atcc                 ? 
_entity_src_gen.pdbx_host_org_culture_collection   ? 
_entity_src_gen.pdbx_host_org_cell                 ? 
_entity_src_gen.pdbx_host_org_organelle            ? 
_entity_src_gen.pdbx_host_org_cellular_location    ? 
_entity_src_gen.pdbx_host_org_vector_type          plasmid 
_entity_src_gen.pdbx_host_org_vector               ? 
_entity_src_gen.host_org_details                   ? 
_entity_src_gen.expression_system_id               ? 
_entity_src_gen.plasmid_name                       ? 
_entity_src_gen.plasmid_details                    ? 
_entity_src_gen.pdbx_description                   ? 
# 
loop_
_chem_comp.id 
_chem_comp.type 
_chem_comp.mon_nstd_flag 
_chem_comp.name 
_chem_comp.pdbx_synonyms 
_chem_comp.formula 
_chem_comp.formula_weight 
56L non-polymer         . '5-(propan-2-yl)-2-thioxodihydropyrimidine-4,6(1H,5H)-dione' ? 'C7 H10 N2 O2 S' 186.231 
ACT non-polymer         . 'ACETATE ION'                                                ? 'C2 H3 O2 -1'    59.044  
ALA 'L-peptide linking' y ALANINE                                                      ? 'C3 H7 N O2'     89.093  
ARG 'L-peptide linking' y ARGININE                                                     ? 'C6 H15 N4 O2 1' 175.209 
ASN 'L-peptide linking' y ASPARAGINE                                                   ? 'C4 H8 N2 O3'    132.118 
ASP 'L-peptide linking' y 'ASPARTIC ACID'                                              ? 'C4 H7 N O4'     133.103 
CD  non-polymer         . 'CADMIUM ION'                                                ? 'Cd 2'           112.411 
CYS 'L-peptide linking' y CYSTEINE                                                     ? 'C3 H7 N O2 S'   121.158 
GLN 'L-peptide linking' y GLUTAMINE                                                    ? 'C5 H10 N2 O3'   146.144 
GLU 'L-peptide linking' y 'GLUTAMIC ACID'                                              ? 'C5 H9 N O4'     147.129 
GLY 'peptide linking'   y GLYCINE                                                      ? 'C2 H5 N O2'     75.067  
HIS 'L-peptide linking' y HISTIDINE                                                    ? 'C6 H10 N3 O2 1' 156.162 
HOH non-polymer         . WATER                                                        ? 'H2 O'           18.015  
ILE 'L-peptide linking' y ISOLEUCINE                                                   ? 'C6 H13 N O2'    131.173 
LEU 'L-peptide linking' y LEUCINE                                                      ? 'C6 H13 N O2'    131.173 
LYS 'L-peptide linking' y LYSINE                                                       ? 'C6 H15 N2 O2 1' 147.195 
MET 'L-peptide linking' y METHIONINE                                                   ? 'C5 H11 N O2 S'  149.211 
PHE 'L-peptide linking' y PHENYLALANINE                                                ? 'C9 H11 N O2'    165.189 
PRO 'L-peptide linking' y PROLINE                                                      ? 'C5 H9 N O2'     115.130 
SER 'L-peptide linking' y SERINE                                                       ? 'C3 H7 N O3'     105.093 
THR 'L-peptide linking' y THREONINE                                                    ? 'C4 H9 N O3'     119.119 
TRP 'L-peptide linking' y TRYPTOPHAN                                                   ? 'C11 H12 N2 O2'  204.225 
TYR 'L-peptide linking' y TYROSINE                                                     ? 'C9 H11 N O3'    181.189 
VAL 'L-peptide linking' y VALINE                                                       ? 'C5 H11 N O2'    117.146 
# 
loop_
_pdbx_poly_seq_scheme.asym_id 
_pdbx_poly_seq_scheme.entity_id 
_pdbx_poly_seq_scheme.seq_id 
_pdbx_poly_seq_scheme.mon_id 
_pdbx_poly_seq_scheme.ndb_seq_num 
_pdbx_poly_seq_scheme.pdb_seq_num 
_pdbx_poly_seq_scheme.auth_seq_num 
_pdbx_poly_seq_scheme.pdb_mon_id 
_pdbx_poly_seq_scheme.auth_mon_id 
_pdbx_poly_seq_scheme.pdb_strand_id 
_pdbx_poly_seq_scheme.pdb_ins_code 
_pdbx_poly_seq_scheme.hetero 
A 1 1   MET 1   1   1   MET MET A . n 
A 1 2   ILE 2   2   2   ILE ILE A . n 
A 1 3   ARG 3   3   3   ARG ARG A . n 
A 1 4   ASP 4   4   4   ASP ASP A . n 
A 1 5   ILE 5   5   5   ILE ILE A . n 
A 1 6   ILE 6   6   6   ILE ILE A . n 
A 1 7   ARG 7   7   7   ARG ARG A . n 
A 1 8   MET 8   8   8   MET MET A . n 
A 1 9   GLY 9   9   9   GLY GLY A . n 
A 1 10  ASP 10  10  10  ASP ASP A . n 
A 1 11  LYS 11  11  11  LYS LYS A . n 
A 1 12  ARG 12  12  12  ARG ARG A . n 
A 1 13  LEU 13  13  13  LEU LEU A . n 
A 1 14  LEU 14  14  14  LEU LEU A . n 
A 1 15  ARG 15  15  15  ARG ARG A . n 
A 1 16  VAL 16  16  16  VAL VAL A . n 
A 1 17  ALA 17  17  17  ALA ALA A . n 
A 1 18  PRO 18  18  18  PRO PRO A . n 
A 1 19  GLN 19  19  19  GLN GLN A . n 
A 1 20  VAL 20  20  20  VAL VAL A . n 
A 1 21  THR 21  21  21  THR THR A . n 
A 1 22  ASN 22  22  22  ASN ASN A . n 
A 1 23  LEU 23  23  23  LEU LEU A . n 
A 1 24  GLY 24  24  24  GLY GLY A . n 
A 1 25  SER 25  25  25  SER SER A . n 
A 1 26  ALA 26  26  26  ALA ALA A . n 
A 1 27  GLU 27  27  27  GLU GLU A . n 
A 1 28  LEU 28  28  28  LEU LEU A . n 
A 1 29  HIS 29  29  29  HIS HIS A . n 
A 1 30  ALA 30  30  30  ALA ALA A . n 
A 1 31  LEU 31  31  31  LEU LEU A . n 
A 1 32  VAL 32  32  32  VAL VAL A . n 
A 1 33  SER 33  33  33  SER SER A . n 
A 1 34  ASP 34  34  34  ASP ASP A . n 
A 1 35  MET 35  35  35  MET MET A . n 
A 1 36  PHE 36  36  36  PHE PHE A . n 
A 1 37  GLU 37  37  37  GLU GLU A . n 
A 1 38  THR 38  38  38  THR THR A . n 
A 1 39  MET 39  39  39  MET MET A . n 
A 1 40  GLY 40  40  40  GLY GLY A . n 
A 1 41  ALA 41  41  41  ALA ALA A . n 
A 1 42  ALA 42  42  42  ALA ALA A . n 
A 1 43  HIS 43  43  43  HIS HIS A . n 
A 1 44  GLY 44  44  44  GLY GLY A . n 
A 1 45  VAL 45  45  45  VAL VAL A . n 
A 1 46  GLY 46  46  46  GLY GLY A . n 
A 1 47  LEU 47  47  47  LEU LEU A . n 
A 1 48  ALA 48  48  48  ALA ALA A . n 
A 1 49  ALA 49  49  49  ALA ALA A . n 
A 1 50  PRO 50  50  50  PRO PRO A . n 
A 1 51  GLN 51  51  51  GLN GLN A . n 
A 1 52  ILE 52  52  52  ILE ILE A . n 
A 1 53  ALA 53  53  53  ALA ALA A . n 
A 1 54  VAL 54  54  54  VAL VAL A . n 
A 1 55  ASP 55  55  55  ASP ASP A . n 
A 1 56  LEU 56  56  56  LEU LEU A . n 
A 1 57  GLN 57  57  57  GLN GLN A . n 
A 1 58  LEU 58  58  58  LEU LEU A . n 
A 1 59  MET 59  59  59  MET MET A . n 
A 1 60  VAL 60  60  60  VAL VAL A . n 
A 1 61  PHE 61  61  61  PHE PHE A . n 
A 1 62  GLY 62  62  62  GLY GLY A . n 
A 1 63  PHE 63  63  63  PHE PHE A . n 
A 1 64  GLU 64  64  64  GLU ALA A . n 
A 1 65  ALA 65  65  ?   ?   ?   A . n 
A 1 66  SER 66  66  ?   ?   ?   A . n 
A 1 67  GLU 67  67  ?   ?   ?   A . n 
A 1 68  ARG 68  68  ?   ?   ?   A . n 
A 1 69  TYR 69  69  ?   ?   ?   A . n 
A 1 70  PRO 70  70  ?   ?   ?   A . n 
A 1 71  GLU 71  71  ?   ?   ?   A . n 
A 1 72  ALA 72  72  ?   ?   ?   A . n 
A 1 73  PRO 73  73  73  PRO ALA A . n 
A 1 74  ALA 74  74  74  ALA ALA A . n 
A 1 75  VAL 75  75  75  VAL VAL A . n 
A 1 76  PRO 76  76  76  PRO PRO A . n 
A 1 77  LEU 77  77  77  LEU LEU A . n 
A 1 78  THR 78  78  78  THR THR A . n 
A 1 79  ALA 79  79  79  ALA ALA A . n 
A 1 80  LEU 80  80  80  LEU LEU A . n 
A 1 81  ALA 81  81  81  ALA ALA A . n 
A 1 82  ASN 82  82  82  ASN ASN A . n 
A 1 83  ALA 83  83  83  ALA ALA A . n 
A 1 84  GLN 84  84  84  GLN GLN A . n 
A 1 85  ILE 85  85  85  ILE ILE A . n 
A 1 86  GLU 86  86  86  GLU GLU A . n 
A 1 87  PRO 87  87  87  PRO PRO A . n 
A 1 88  LEU 88  88  88  LEU LEU A . n 
A 1 89  SER 89  89  89  SER SER A . n 
A 1 90  ASP 90  90  90  ASP ASP A . n 
A 1 91  GLU 91  91  91  GLU GLU A . n 
A 1 92  MET 92  92  92  MET MET A . n 
A 1 93  GLU 93  93  93  GLU GLU A . n 
A 1 94  ASN 94  94  94  ASN ASN A . n 
A 1 95  GLY 95  95  95  GLY GLY A . n 
A 1 96  TRP 96  96  96  TRP TRP A . n 
A 1 97  GLU 97  97  97  GLU GLU A . n 
A 1 98  GLY 98  98  98  GLY GLY A . n 
A 1 99  CYS 99  99  99  CYS CYS A . n 
A 1 100 LEU 100 100 100 LEU LEU A . n 
A 1 101 SER 101 101 101 SER SER A . n 
A 1 102 ILE 102 102 102 ILE ILE A . n 
A 1 103 PRO 103 103 103 PRO PRO A . n 
A 1 104 GLY 104 104 104 GLY GLY A . n 
A 1 105 LEU 105 105 105 LEU LEU A . n 
A 1 106 ARG 106 106 106 ARG ARG A . n 
A 1 107 ALA 107 107 107 ALA ALA A . n 
A 1 108 VAL 108 108 108 VAL VAL A . n 
A 1 109 ILE 109 109 109 ILE ILE A . n 
A 1 110 PRO 110 110 110 PRO PRO A . n 
A 1 111 ARG 111 111 111 ARG ARG A . n 
A 1 112 TYR 112 112 112 TYR TYR A . n 
A 1 113 ARG 113 113 113 ARG ARG A . n 
A 1 114 TYR 114 114 114 TYR TYR A . n 
A 1 115 ILE 115 115 115 ILE ILE A . n 
A 1 116 ARG 116 116 116 ARG ARG A . n 
A 1 117 TYR 117 117 117 TYR TYR A . n 
A 1 118 ARG 118 118 118 ARG ARG A . n 
A 1 119 GLY 119 119 119 GLY GLY A . n 
A 1 120 PHE 120 120 120 PHE PHE A . n 
A 1 121 ALA 121 121 121 ALA ALA A . n 
A 1 122 PRO 122 122 122 PRO PRO A . n 
A 1 123 ASP 123 123 123 ASP ASP A . n 
A 1 124 GLY 124 124 124 GLY GLY A . n 
A 1 125 SER 125 125 125 SER SER A . n 
A 1 126 PRO 126 126 126 PRO PRO A . n 
A 1 127 ILE 127 127 127 ILE ILE A . n 
A 1 128 GLU 128 128 128 GLU GLU A . n 
A 1 129 ARG 129 129 129 ARG ARG A . n 
A 1 130 GLU 130 130 130 GLU GLU A . n 
A 1 131 ALA 131 131 131 ALA ALA A . n 
A 1 132 GLU 132 132 132 GLU GLU A . n 
A 1 133 GLY 133 133 133 GLY GLY A . n 
A 1 134 PHE 134 134 134 PHE PHE A . n 
A 1 135 HIS 135 135 135 HIS HIS A . n 
A 1 136 ALA 136 136 136 ALA ALA A . n 
A 1 137 ARG 137 137 137 ARG ARG A . n 
A 1 138 VAL 138 138 138 VAL VAL A . n 
A 1 139 VAL 139 139 139 VAL VAL A . n 
A 1 140 GLN 140 140 140 GLN GLN A . n 
A 1 141 HIS 141 141 141 HIS HIS A . n 
A 1 142 GLU 142 142 142 GLU GLU A . n 
A 1 143 TYR 143 143 143 TYR TYR A . n 
A 1 144 ASP 144 144 144 ASP ASP A . n 
A 1 145 HIS 145 145 145 HIS HIS A . n 
A 1 146 LEU 146 146 146 LEU LEU A . n 
A 1 147 VAL 147 147 147 VAL VAL A . n 
A 1 148 GLY 148 148 148 GLY GLY A . n 
A 1 149 ARG 149 149 149 ARG ARG A . n 
A 1 150 LEU 150 150 150 LEU LEU A . n 
A 1 151 TYR 151 151 151 TYR TYR A . n 
A 1 152 PRO 152 152 152 PRO PRO A . n 
A 1 153 SER 153 153 153 SER SER A . n 
A 1 154 ARG 154 154 154 ARG ARG A . n 
A 1 155 ILE 155 155 155 ILE ILE A . n 
A 1 156 GLU 156 156 156 GLU GLU A . n 
A 1 157 ASN 157 157 157 ASN ASN A . n 
A 1 158 PHE 158 158 158 PHE PHE A . n 
A 1 159 ASP 159 159 159 ASP ASP A . n 
A 1 160 THR 160 160 160 THR THR A . n 
A 1 161 PHE 161 161 161 PHE PHE A . n 
A 1 162 GLY 162 162 162 GLY GLY A . n 
A 1 163 PHE 163 163 163 PHE PHE A . n 
A 1 164 ASP 164 164 164 ASP ASP A . n 
A 1 165 ASP 165 165 165 ASP ASP A . n 
A 1 166 VAL 166 166 166 VAL VAL A . n 
A 1 167 LEU 167 167 167 LEU LEU A . n 
A 1 168 SER 168 168 168 SER SER A . n 
A 1 169 TYR 169 169 169 TYR TYR A . n 
A 1 170 ASP 170 170 170 ASP ASP A . n 
A 1 171 LEU 171 171 ?   ?   ?   A . n 
# 
loop_
_pdbx_nonpoly_scheme.asym_id 
_pdbx_nonpoly_scheme.entity_id 
_pdbx_nonpoly_scheme.mon_id 
_pdbx_nonpoly_scheme.ndb_seq_num 
_pdbx_nonpoly_scheme.pdb_seq_num 
_pdbx_nonpoly_scheme.auth_seq_num 
_pdbx_nonpoly_scheme.pdb_mon_id 
_pdbx_nonpoly_scheme.auth_mon_id 
_pdbx_nonpoly_scheme.pdb_strand_id 
_pdbx_nonpoly_scheme.pdb_ins_code 
B 2 CD  1  201 1  CD  CD  A . 
C 2 CD  1  202 1  CD  CD  A . 
D 2 CD  1  203 1  CD  CD  A . 
E 3 ACT 1  204 1  ACT ACT A . 
F 4 56L 1  205 1  56L 322 A . 
G 5 HOH 1  301 48 HOH HOH A . 
G 5 HOH 2  302 7  HOH HOH A . 
G 5 HOH 3  303 34 HOH HOH A . 
G 5 HOH 4  304 38 HOH HOH A . 
G 5 HOH 5  305 57 HOH HOH A . 
G 5 HOH 6  306 39 HOH HOH A . 
G 5 HOH 7  307 25 HOH HOH A . 
G 5 HOH 8  308 17 HOH HOH A . 
G 5 HOH 9  309 36 HOH HOH A . 
G 5 HOH 10 310 37 HOH HOH A . 
G 5 HOH 11 311 35 HOH HOH A . 
G 5 HOH 12 312 28 HOH HOH A . 
G 5 HOH 13 313 32 HOH HOH A . 
G 5 HOH 14 314 31 HOH HOH A . 
G 5 HOH 15 315 21 HOH HOH A . 
G 5 HOH 16 316 8  HOH HOH A . 
G 5 HOH 17 317 53 HOH HOH A . 
G 5 HOH 18 318 40 HOH HOH A . 
G 5 HOH 19 319 24 HOH HOH A . 
G 5 HOH 20 320 6  HOH HOH A . 
G 5 HOH 21 321 16 HOH HOH A . 
G 5 HOH 22 322 5  HOH HOH A . 
G 5 HOH 23 323 26 HOH HOH A . 
G 5 HOH 24 324 29 HOH HOH A . 
G 5 HOH 25 325 14 HOH HOH A . 
G 5 HOH 26 326 11 HOH HOH A . 
G 5 HOH 27 327 1  HOH HOH A . 
G 5 HOH 28 328 23 HOH HOH A . 
G 5 HOH 29 329 20 HOH HOH A . 
G 5 HOH 30 330 22 HOH HOH A . 
G 5 HOH 31 331 45 HOH HOH A . 
G 5 HOH 32 332 30 HOH HOH A . 
G 5 HOH 33 333 33 HOH HOH A . 
G 5 HOH 34 334 10 HOH HOH A . 
G 5 HOH 35 335 4  HOH HOH A . 
G 5 HOH 36 336 3  HOH HOH A . 
G 5 HOH 37 337 9  HOH HOH A . 
G 5 HOH 38 338 56 HOH HOH A . 
G 5 HOH 39 339 44 HOH HOH A . 
G 5 HOH 40 340 15 HOH HOH A . 
G 5 HOH 41 341 46 HOH HOH A . 
G 5 HOH 42 342 42 HOH HOH A . 
G 5 HOH 43 343 58 HOH HOH A . 
G 5 HOH 44 344 19 HOH HOH A . 
G 5 HOH 45 345 51 HOH HOH A . 
G 5 HOH 46 346 27 HOH HOH A . 
G 5 HOH 47 347 18 HOH HOH A . 
G 5 HOH 48 348 13 HOH HOH A . 
G 5 HOH 49 349 47 HOH HOH A . 
G 5 HOH 50 350 55 HOH HOH A . 
G 5 HOH 51 351 12 HOH HOH A . 
G 5 HOH 52 352 54 HOH HOH A . 
G 5 HOH 53 353 41 HOH HOH A . 
G 5 HOH 54 354 52 HOH HOH A . 
G 5 HOH 55 355 2  HOH HOH A . 
G 5 HOH 56 356 60 HOH HOH A . 
G 5 HOH 57 357 49 HOH HOH A . 
G 5 HOH 58 358 50 HOH HOH A . 
G 5 HOH 59 359 59 HOH HOH A . 
G 5 HOH 60 360 43 HOH HOH A . 
# 
loop_
_pdbx_unobs_or_zero_occ_atoms.id 
_pdbx_unobs_or_zero_occ_atoms.PDB_model_num 
_pdbx_unobs_or_zero_occ_atoms.polymer_flag 
_pdbx_unobs_or_zero_occ_atoms.occupancy_flag 
_pdbx_unobs_or_zero_occ_atoms.auth_asym_id 
_pdbx_unobs_or_zero_occ_atoms.auth_comp_id 
_pdbx_unobs_or_zero_occ_atoms.auth_seq_id 
_pdbx_unobs_or_zero_occ_atoms.PDB_ins_code 
_pdbx_unobs_or_zero_occ_atoms.auth_atom_id 
_pdbx_unobs_or_zero_occ_atoms.label_alt_id 
_pdbx_unobs_or_zero_occ_atoms.label_asym_id 
_pdbx_unobs_or_zero_occ_atoms.label_comp_id 
_pdbx_unobs_or_zero_occ_atoms.label_seq_id 
_pdbx_unobs_or_zero_occ_atoms.label_atom_id 
1 1 Y 1 A GLU 64 ? CG  ? A GLU 64 CG  
2 1 Y 1 A GLU 64 ? CD  ? A GLU 64 CD  
3 1 Y 1 A GLU 64 ? OE1 ? A GLU 64 OE1 
4 1 Y 1 A GLU 64 ? OE2 ? A GLU 64 OE2 
5 1 Y 1 A PRO 73 ? CG  ? A PRO 73 CG  
6 1 Y 1 A PRO 73 ? CD  ? A PRO 73 CD  
# 
loop_
_software.citation_id 
_software.classification 
_software.compiler_name 
_software.compiler_version 
_software.contact_author 
_software.contact_author_email 
_software.date 
_software.description 
_software.dependencies 
_software.hardware 
_software.language 
_software.location 
_software.mods 
_software.name 
_software.os 
_software.os_version 
_software.type 
_software.version 
_software.pdbx_ordinal 
? refinement       ? ? ? ? ? ? ? ? ? ? ? REFMAC   ? ? ? 5.7.0032 1 
? 'data reduction' ? ? ? ? ? ? ? ? ? ? ? HKL-2000 ? ? ? .        2 
? 'data scaling'   ? ? ? ? ? ? ? ? ? ? ? HKL-2000 ? ? ? .        3 
? phasing          ? ? ? ? ? ? ? ? ? ? ? HKL-2000 ? ? ? .        4 
# 
_cell.angle_alpha                  90.00 
_cell.angle_alpha_esd              ? 
_cell.angle_beta                   90.00 
_cell.angle_beta_esd               ? 
_cell.angle_gamma                  120.00 
_cell.angle_gamma_esd              ? 
_cell.entry_id                     5CX0 
_cell.details                      ? 
_cell.formula_units_Z              ? 
_cell.length_a                     58.751 
_cell.length_a_esd                 ? 
_cell.length_b                     58.751 
_cell.length_b_esd                 ? 
_cell.length_c                     266.092 
_cell.length_c_esd                 ? 
_cell.volume                       ? 
_cell.volume_esd                   ? 
_cell.Z_PDB                        12 
_cell.reciprocal_angle_alpha       ? 
_cell.reciprocal_angle_beta        ? 
_cell.reciprocal_angle_gamma       ? 
_cell.reciprocal_angle_alpha_esd   ? 
_cell.reciprocal_angle_beta_esd    ? 
_cell.reciprocal_angle_gamma_esd   ? 
_cell.reciprocal_length_a          ? 
_cell.reciprocal_length_b          ? 
_cell.reciprocal_length_c          ? 
_cell.reciprocal_length_a_esd      ? 
_cell.reciprocal_length_b_esd      ? 
_cell.reciprocal_length_c_esd      ? 
_cell.pdbx_unique_axis             ? 
# 
_symmetry.entry_id                         5CX0 
_symmetry.cell_setting                     ? 
_symmetry.Int_Tables_number                178 
_symmetry.space_group_name_Hall            ? 
_symmetry.space_group_name_H-M             'P 61 2 2' 
_symmetry.pdbx_full_space_group_name_H-M   ? 
# 
_exptl.absorpt_coefficient_mu     ? 
_exptl.absorpt_correction_T_max   ? 
_exptl.absorpt_correction_T_min   ? 
_exptl.absorpt_correction_type    ? 
_exptl.absorpt_process_details    ? 
_exptl.entry_id                   5CX0 
_exptl.crystals_number            1 
_exptl.details                    ? 
_exptl.method                     'X-RAY DIFFRACTION' 
_exptl.method_details             ? 
# 
_exptl_crystal.colour                      ? 
_exptl_crystal.density_diffrn              ? 
_exptl_crystal.density_Matthews            3.47 
_exptl_crystal.density_method              ? 
_exptl_crystal.density_percent_sol         64.56 
_exptl_crystal.description                 ? 
_exptl_crystal.F_000                       ? 
_exptl_crystal.id                          1 
_exptl_crystal.preparation                 ? 
_exptl_crystal.size_max                    ? 
_exptl_crystal.size_mid                    ? 
_exptl_crystal.size_min                    ? 
_exptl_crystal.size_rad                    ? 
_exptl_crystal.colour_lustre               ? 
_exptl_crystal.colour_modifier             ? 
_exptl_crystal.colour_primary              ? 
_exptl_crystal.density_meas                ? 
_exptl_crystal.density_meas_esd            ? 
_exptl_crystal.density_meas_gt             ? 
_exptl_crystal.density_meas_lt             ? 
_exptl_crystal.density_meas_temp           ? 
_exptl_crystal.density_meas_temp_esd       ? 
_exptl_crystal.density_meas_temp_gt        ? 
_exptl_crystal.density_meas_temp_lt        ? 
_exptl_crystal.pdbx_crystal_image_url      ? 
_exptl_crystal.pdbx_crystal_image_format   ? 
_exptl_crystal.pdbx_mosaicity              ? 
_exptl_crystal.pdbx_mosaicity_esd          ? 
# 
_exptl_crystal_grow.apparatus       ? 
_exptl_crystal_grow.atmosphere      ? 
_exptl_crystal_grow.crystal_id      1 
_exptl_crystal_grow.details         ? 
_exptl_crystal_grow.method          'VAPOR DIFFUSION, HANGING DROP' 
_exptl_crystal_grow.method_ref      ? 
_exptl_crystal_grow.pH              7.5 
_exptl_crystal_grow.pressure        ? 
_exptl_crystal_grow.pressure_esd    ? 
_exptl_crystal_grow.seeding         ? 
_exptl_crystal_grow.seeding_ref     ? 
_exptl_crystal_grow.temp            287 
_exptl_crystal_grow.temp_details    ? 
_exptl_crystal_grow.temp_esd        ? 
_exptl_crystal_grow.time            ? 
_exptl_crystal_grow.pdbx_details    '0.05M Cadmium sulfate, 0.1M HEPES, 2.0M Sodium acetate trihydrate, pH 7.5' 
_exptl_crystal_grow.pdbx_pH_range   ? 
# 
_diffrn.ambient_environment    ? 
_diffrn.ambient_temp           100 
_diffrn.ambient_temp_details   ? 
_diffrn.ambient_temp_esd       ? 
_diffrn.crystal_id             1 
_diffrn.crystal_support        ? 
_diffrn.crystal_treatment      ? 
_diffrn.details                ? 
_diffrn.id                     1 
_diffrn.ambient_pressure       ? 
_diffrn.ambient_pressure_esd   ? 
_diffrn.ambient_pressure_gt    ? 
_diffrn.ambient_pressure_lt    ? 
_diffrn.ambient_temp_gt        ? 
_diffrn.ambient_temp_lt        ? 
# 
_diffrn_detector.details                      ? 
_diffrn_detector.detector                     CCD 
_diffrn_detector.diffrn_id                    1 
_diffrn_detector.type                         'ADSC QUANTUM 210' 
_diffrn_detector.area_resol_mean              ? 
_diffrn_detector.dtime                        ? 
_diffrn_detector.pdbx_frames_total            ? 
_diffrn_detector.pdbx_collection_time_total   ? 
_diffrn_detector.pdbx_collection_date         2010-01-19 
# 
_diffrn_radiation.collimation                      ? 
_diffrn_radiation.diffrn_id                        1 
_diffrn_radiation.filter_edge                      ? 
_diffrn_radiation.inhomogeneity                    ? 
_diffrn_radiation.monochromator                    ? 
_diffrn_radiation.polarisn_norm                    ? 
_diffrn_radiation.polarisn_ratio                   ? 
_diffrn_radiation.probe                            ? 
_diffrn_radiation.type                             ? 
_diffrn_radiation.xray_symbol                      ? 
_diffrn_radiation.wavelength_id                    1 
_diffrn_radiation.pdbx_monochromatic_or_laue_m_l   M 
_diffrn_radiation.pdbx_wavelength_list             ? 
_diffrn_radiation.pdbx_wavelength                  ? 
_diffrn_radiation.pdbx_diffrn_protocol             'SINGLE WAVELENGTH' 
_diffrn_radiation.pdbx_analyzer                    ? 
_diffrn_radiation.pdbx_scattering_type             x-ray 
# 
_diffrn_radiation_wavelength.id           1 
_diffrn_radiation_wavelength.wavelength   0.99 
_diffrn_radiation_wavelength.wt           1.0 
# 
_diffrn_source.current                     ? 
_diffrn_source.details                     ? 
_diffrn_source.diffrn_id                   1 
_diffrn_source.power                       ? 
_diffrn_source.size                        ? 
_diffrn_source.source                      SYNCHROTRON 
_diffrn_source.target                      ? 
_diffrn_source.type                        'PAL/PLS BEAMLINE 6C1' 
_diffrn_source.voltage                     ? 
_diffrn_source.take-off_angle              ? 
_diffrn_source.pdbx_wavelength_list        0.99 
_diffrn_source.pdbx_wavelength             ? 
_diffrn_source.pdbx_synchrotron_beamline   6C1 
_diffrn_source.pdbx_synchrotron_site       PAL/PLS 
# 
_reflns.B_iso_Wilson_estimate            ? 
_reflns.entry_id                         5CX0 
_reflns.data_reduction_details           ? 
_reflns.data_reduction_method            ? 
_reflns.d_resolution_high                2.4 
_reflns.d_resolution_low                 50 
_reflns.details                          ? 
_reflns.limit_h_max                      ? 
_reflns.limit_h_min                      ? 
_reflns.limit_k_max                      ? 
_reflns.limit_k_min                      ? 
_reflns.limit_l_max                      ? 
_reflns.limit_l_min                      ? 
_reflns.number_all                       ? 
_reflns.number_obs                       11485 
_reflns.observed_criterion               ? 
_reflns.observed_criterion_F_max         ? 
_reflns.observed_criterion_F_min         ? 
_reflns.observed_criterion_I_max         ? 
_reflns.observed_criterion_I_min         ? 
_reflns.observed_criterion_sigma_F       ? 
_reflns.observed_criterion_sigma_I       ? 
_reflns.percent_possible_obs             98.8 
_reflns.R_free_details                   ? 
_reflns.Rmerge_F_all                     ? 
_reflns.Rmerge_F_obs                     ? 
_reflns.Friedel_coverage                 ? 
_reflns.number_gt                        ? 
_reflns.threshold_expression             ? 
_reflns.pdbx_redundancy                  6.8 
_reflns.pdbx_Rmerge_I_obs                ? 
_reflns.pdbx_Rmerge_I_all                ? 
_reflns.pdbx_Rsym_value                  ? 
_reflns.pdbx_netI_over_av_sigmaI         ? 
_reflns.pdbx_netI_over_sigmaI            12.3 
_reflns.pdbx_res_netI_over_av_sigmaI_2   ? 
_reflns.pdbx_res_netI_over_sigmaI_2      ? 
_reflns.pdbx_chi_squared                 ? 
_reflns.pdbx_scaling_rejects             ? 
_reflns.pdbx_d_res_high_opt              ? 
_reflns.pdbx_d_res_low_opt               ? 
_reflns.pdbx_d_res_opt_method            ? 
_reflns.phase_calculation_details        ? 
_reflns.pdbx_Rrim_I_all                  ? 
_reflns.pdbx_Rpim_I_all                  ? 
_reflns.pdbx_d_opt                       ? 
_reflns.pdbx_number_measured_all         ? 
_reflns.pdbx_diffrn_id                   1 
_reflns.pdbx_ordinal                     1 
_reflns.pdbx_CC_half                     ? 
_reflns.pdbx_R_split                     ? 
# 
_refine.aniso_B[1][1]                            0.00 
_refine.aniso_B[1][2]                            0.00 
_refine.aniso_B[1][3]                            -0.00 
_refine.aniso_B[2][2]                            0.00 
_refine.aniso_B[2][3]                            -0.00 
_refine.aniso_B[3][3]                            -0.01 
_refine.B_iso_max                                ? 
_refine.B_iso_mean                               36.571 
_refine.B_iso_min                                ? 
_refine.correlation_coeff_Fo_to_Fc               0.939 
_refine.correlation_coeff_Fo_to_Fc_free          0.914 
_refine.details                                  'HYDROGENS HAVE BEEN USED IF PRESENT IN THE INPUT' 
_refine.diff_density_max                         ? 
_refine.diff_density_max_esd                     ? 
_refine.diff_density_min                         ? 
_refine.diff_density_min_esd                     ? 
_refine.diff_density_rms                         ? 
_refine.diff_density_rms_esd                     ? 
_refine.entry_id                                 5CX0 
_refine.pdbx_refine_id                           'X-RAY DIFFRACTION' 
_refine.ls_abs_structure_details                 ? 
_refine.ls_abs_structure_Flack                   ? 
_refine.ls_abs_structure_Flack_esd               ? 
_refine.ls_abs_structure_Rogers                  ? 
_refine.ls_abs_structure_Rogers_esd              ? 
_refine.ls_d_res_high                            2.50 
_refine.ls_d_res_low                             30.40 
_refine.ls_extinction_coef                       ? 
_refine.ls_extinction_coef_esd                   ? 
_refine.ls_extinction_expression                 ? 
_refine.ls_extinction_method                     ? 
_refine.ls_goodness_of_fit_all                   ? 
_refine.ls_goodness_of_fit_all_esd               ? 
_refine.ls_goodness_of_fit_obs                   ? 
_refine.ls_goodness_of_fit_obs_esd               ? 
_refine.ls_hydrogen_treatment                    ? 
_refine.ls_matrix_type                           ? 
_refine.ls_number_constraints                    ? 
_refine.ls_number_parameters                     ? 
_refine.ls_number_reflns_all                     ? 
_refine.ls_number_reflns_obs                     9677 
_refine.ls_number_reflns_R_free                  486 
_refine.ls_number_reflns_R_work                  ? 
_refine.ls_number_restraints                     ? 
_refine.ls_percent_reflns_obs                    99.08 
_refine.ls_percent_reflns_R_free                 4.8 
_refine.ls_R_factor_all                          ? 
_refine.ls_R_factor_obs                          0.19431 
_refine.ls_R_factor_R_free                       0.23816 
_refine.ls_R_factor_R_free_error                 ? 
_refine.ls_R_factor_R_free_error_details         ? 
_refine.ls_R_factor_R_work                       0.19216 
_refine.ls_R_Fsqd_factor_obs                     ? 
_refine.ls_R_I_factor_obs                        ? 
_refine.ls_redundancy_reflns_all                 ? 
_refine.ls_redundancy_reflns_obs                 ? 
_refine.ls_restrained_S_all                      ? 
_refine.ls_restrained_S_obs                      ? 
_refine.ls_shift_over_esd_max                    ? 
_refine.ls_shift_over_esd_mean                   ? 
_refine.ls_structure_factor_coef                 ? 
_refine.ls_weighting_details                     ? 
_refine.ls_weighting_scheme                      ? 
_refine.ls_wR_factor_all                         ? 
_refine.ls_wR_factor_obs                         ? 
_refine.ls_wR_factor_R_free                      ? 
_refine.ls_wR_factor_R_work                      ? 
_refine.occupancy_max                            ? 
_refine.occupancy_min                            ? 
_refine.solvent_model_details                    MASK 
_refine.solvent_model_param_bsol                 ? 
_refine.solvent_model_param_ksol                 ? 
_refine.ls_R_factor_gt                           ? 
_refine.ls_goodness_of_fit_gt                    ? 
_refine.ls_goodness_of_fit_ref                   ? 
_refine.ls_shift_over_su_max                     ? 
_refine.ls_shift_over_su_max_lt                  ? 
_refine.ls_shift_over_su_mean                    ? 
_refine.ls_shift_over_su_mean_lt                 ? 
_refine.pdbx_ls_sigma_I                          ? 
_refine.pdbx_ls_sigma_F                          ? 
_refine.pdbx_ls_sigma_Fsqd                       ? 
_refine.pdbx_data_cutoff_high_absF               ? 
_refine.pdbx_data_cutoff_high_rms_absF           ? 
_refine.pdbx_data_cutoff_low_absF                ? 
_refine.pdbx_isotropic_thermal_model             ? 
_refine.pdbx_ls_cross_valid_method               THROUGHOUT 
_refine.pdbx_method_to_determine_struct          ? 
_refine.pdbx_starting_model                      ? 
_refine.pdbx_stereochemistry_target_values       'MAXIMUM LIKELIHOOD' 
_refine.pdbx_R_Free_selection_details            RANDOM 
_refine.pdbx_stereochem_target_val_spec_case     ? 
_refine.pdbx_overall_ESU_R                       0.274 
_refine.pdbx_overall_ESU_R_Free                  0.226 
_refine.pdbx_solvent_vdw_probe_radii             1.20 
_refine.pdbx_solvent_ion_probe_radii             0.80 
_refine.pdbx_solvent_shrinkage_radii             0.80 
_refine.pdbx_real_space_R                        ? 
_refine.pdbx_density_correlation                 ? 
_refine.pdbx_pd_number_of_powder_patterns        ? 
_refine.pdbx_pd_number_of_points                 ? 
_refine.pdbx_pd_meas_number_of_points            ? 
_refine.pdbx_pd_proc_ls_prof_R_factor            ? 
_refine.pdbx_pd_proc_ls_prof_wR_factor           ? 
_refine.pdbx_pd_Marquardt_correlation_coeff      ? 
_refine.pdbx_pd_Fsqrd_R_factor                   ? 
_refine.pdbx_pd_ls_matrix_band_width             ? 
_refine.pdbx_overall_phase_error                 ? 
_refine.pdbx_overall_SU_R_free_Cruickshank_DPI   ? 
_refine.pdbx_overall_SU_R_free_Blow_DPI          ? 
_refine.pdbx_overall_SU_R_Blow_DPI               ? 
_refine.pdbx_TLS_residual_ADP_flag               ? 
_refine.pdbx_diffrn_id                           1 
_refine.overall_SU_B                             7.526 
_refine.overall_SU_ML                            0.162 
_refine.overall_SU_R_Cruickshank_DPI             ? 
_refine.overall_SU_R_free                        ? 
_refine.overall_FOM_free_R_set                   ? 
_refine.overall_FOM_work_R_set                   ? 
_refine.pdbx_average_fsc_overall                 ? 
_refine.pdbx_average_fsc_work                    ? 
_refine.pdbx_average_fsc_free                    ? 
# 
_refine_hist.pdbx_refine_id                   'X-RAY DIFFRACTION' 
_refine_hist.cycle_id                         1 
_refine_hist.pdbx_number_atoms_protein        1265 
_refine_hist.pdbx_number_atoms_nucleic_acid   0 
_refine_hist.pdbx_number_atoms_ligand         19 
_refine_hist.number_atoms_solvent             60 
_refine_hist.number_atoms_total               1344 
_refine_hist.d_res_high                       2.50 
_refine_hist.d_res_low                        30.40 
# 
loop_
_refine_ls_restr.pdbx_refine_id 
_refine_ls_restr.criterion 
_refine_ls_restr.dev_ideal 
_refine_ls_restr.dev_ideal_target 
_refine_ls_restr.number 
_refine_ls_restr.rejects 
_refine_ls_restr.type 
_refine_ls_restr.weight 
_refine_ls_restr.pdbx_restraint_function 
'X-RAY DIFFRACTION' ? 0.016  0.019  1308 ? r_bond_refined_d             ? ? 
'X-RAY DIFFRACTION' ? ?      ?      ?    ? r_bond_other_d               ? ? 
'X-RAY DIFFRACTION' ? 1.991  1.973  1772 ? r_angle_refined_deg          ? ? 
'X-RAY DIFFRACTION' ? ?      ?      ?    ? r_angle_other_deg            ? ? 
'X-RAY DIFFRACTION' ? 6.988  5.000  160  ? r_dihedral_angle_1_deg       ? ? 
'X-RAY DIFFRACTION' ? 31.113 22.813 64   ? r_dihedral_angle_2_deg       ? ? 
'X-RAY DIFFRACTION' ? 17.891 15.000 204  ? r_dihedral_angle_3_deg       ? ? 
'X-RAY DIFFRACTION' ? 21.603 15.000 13   ? r_dihedral_angle_4_deg       ? ? 
'X-RAY DIFFRACTION' ? 0.156  0.200  192  ? r_chiral_restr               ? ? 
'X-RAY DIFFRACTION' ? 0.008  0.021  1022 ? r_gen_planes_refined         ? ? 
'X-RAY DIFFRACTION' ? ?      ?      ?    ? r_gen_planes_other           ? ? 
'X-RAY DIFFRACTION' ? ?      ?      ?    ? r_nbd_refined                ? ? 
'X-RAY DIFFRACTION' ? ?      ?      ?    ? r_nbd_other                  ? ? 
'X-RAY DIFFRACTION' ? ?      ?      ?    ? r_nbtor_refined              ? ? 
'X-RAY DIFFRACTION' ? ?      ?      ?    ? r_nbtor_other                ? ? 
'X-RAY DIFFRACTION' ? ?      ?      ?    ? r_xyhbond_nbd_refined        ? ? 
'X-RAY DIFFRACTION' ? ?      ?      ?    ? r_xyhbond_nbd_other          ? ? 
'X-RAY DIFFRACTION' ? ?      ?      ?    ? r_metal_ion_refined          ? ? 
'X-RAY DIFFRACTION' ? ?      ?      ?    ? r_metal_ion_other            ? ? 
'X-RAY DIFFRACTION' ? ?      ?      ?    ? r_symmetry_vdw_refined       ? ? 
'X-RAY DIFFRACTION' ? ?      ?      ?    ? r_symmetry_vdw_other         ? ? 
'X-RAY DIFFRACTION' ? ?      ?      ?    ? r_symmetry_hbond_refined     ? ? 
'X-RAY DIFFRACTION' ? ?      ?      ?    ? r_symmetry_hbond_other       ? ? 
'X-RAY DIFFRACTION' ? ?      ?      ?    ? r_symmetry_metal_ion_refined ? ? 
'X-RAY DIFFRACTION' ? ?      ?      ?    ? r_symmetry_metal_ion_other   ? ? 
'X-RAY DIFFRACTION' ? 2.740  3.495  646  ? r_mcbond_it                  ? ? 
'X-RAY DIFFRACTION' ? ?      ?      ?    ? r_mcbond_other               ? ? 
'X-RAY DIFFRACTION' ? 4.190  5.208  803  ? r_mcangle_it                 ? ? 
'X-RAY DIFFRACTION' ? ?      ?      ?    ? r_mcangle_other              ? ? 
'X-RAY DIFFRACTION' ? 3.957  3.774  661  ? r_scbond_it                  ? ? 
'X-RAY DIFFRACTION' ? ?      ?      ?    ? r_scbond_other               ? ? 
'X-RAY DIFFRACTION' ? ?      ?      ?    ? r_scangle_it                 ? ? 
'X-RAY DIFFRACTION' ? ?      ?      ?    ? r_scangle_other              ? ? 
'X-RAY DIFFRACTION' ? 8.428  30.081 2018 ? r_long_range_B_refined       ? ? 
'X-RAY DIFFRACTION' ? ?      ?      ?    ? r_long_range_B_other         ? ? 
'X-RAY DIFFRACTION' ? ?      ?      ?    ? r_rigid_bond_restr           ? ? 
'X-RAY DIFFRACTION' ? ?      ?      ?    ? r_sphericity_free            ? ? 
'X-RAY DIFFRACTION' ? ?      ?      ?    ? r_sphericity_bonded          ? ? 
# 
_refine_ls_shell.pdbx_refine_id                   'X-RAY DIFFRACTION' 
_refine_ls_shell.d_res_high                       2.500 
_refine_ls_shell.d_res_low                        2.565 
_refine_ls_shell.number_reflns_all                ? 
_refine_ls_shell.number_reflns_obs                ? 
_refine_ls_shell.number_reflns_R_free             27 
_refine_ls_shell.number_reflns_R_work             695 
_refine_ls_shell.percent_reflns_obs               98.37 
_refine_ls_shell.percent_reflns_R_free            ? 
_refine_ls_shell.R_factor_all                     ? 
_refine_ls_shell.R_factor_obs                     ? 
_refine_ls_shell.R_factor_R_free                  0.403 
_refine_ls_shell.R_factor_R_free_error            ? 
_refine_ls_shell.R_factor_R_work                  0.260 
_refine_ls_shell.redundancy_reflns_all            ? 
_refine_ls_shell.redundancy_reflns_obs            ? 
_refine_ls_shell.wR_factor_all                    ? 
_refine_ls_shell.wR_factor_obs                    ? 
_refine_ls_shell.wR_factor_R_free                 ? 
_refine_ls_shell.wR_factor_R_work                 ? 
_refine_ls_shell.pdbx_total_number_of_bins_used   20 
_refine_ls_shell.pdbx_phase_error                 ? 
_refine_ls_shell.pdbx_fsc_work                    ? 
_refine_ls_shell.pdbx_fsc_free                    ? 
# 
_struct.entry_id                     5CX0 
_struct.title                        
'Structure of Xoo1075, a peptide deformylase from Xanthomonas oryzae pv. oryzae, in complex with fragment 322' 
_struct.pdbx_model_details           ? 
_struct.pdbx_formula_weight          ? 
_struct.pdbx_formula_weight_method   ? 
_struct.pdbx_model_type_details      ? 
_struct.pdbx_CASP_flag               ? 
# 
_struct_keywords.entry_id        5CX0 
_struct_keywords.text            'peptide deformyase, Xanthomonas, fragment, metallopeptidase, HYDROLASE' 
_struct_keywords.pdbx_keywords   HYDROLASE 
# 
loop_
_struct_asym.id 
_struct_asym.pdbx_blank_PDB_chainid_flag 
_struct_asym.pdbx_modified 
_struct_asym.entity_id 
_struct_asym.details 
A N N 1 ? 
B N N 2 ? 
C N N 2 ? 
D N N 2 ? 
E N N 3 ? 
F N N 4 ? 
G N N 5 ? 
# 
_struct_ref.id                         1 
_struct_ref.db_name                    UNP 
_struct_ref.db_code                    Q5H3Z2_XANOR 
_struct_ref.pdbx_db_accession          Q5H3Z2 
_struct_ref.pdbx_db_isoform            ? 
_struct_ref.entity_id                  1 
_struct_ref.pdbx_seq_one_letter_code   
;MIRDIIRMGDKRLLRVAPQVTNLGSAELHALVSDMFETMGAAHGVGLAAPQIAVDLQLMVFGFEASERYPEAPAVPLTAL
ANAQIEPLSDEMENGWEGCLSIPGLRAVIPRYRYIRYRGFAPDGSPIEREAEGFHARVVQHEYDHLVGRLYPSRIENFDT
FGFDDVLSYDL
;
_struct_ref.pdbx_align_begin           42 
# 
_struct_ref_seq.align_id                      1 
_struct_ref_seq.ref_id                        1 
_struct_ref_seq.pdbx_PDB_id_code              5CX0 
_struct_ref_seq.pdbx_strand_id                A 
_struct_ref_seq.seq_align_beg                 1 
_struct_ref_seq.pdbx_seq_align_beg_ins_code   ? 
_struct_ref_seq.seq_align_end                 171 
_struct_ref_seq.pdbx_seq_align_end_ins_code   ? 
_struct_ref_seq.pdbx_db_accession             Q5H3Z2 
_struct_ref_seq.db_align_beg                  42 
_struct_ref_seq.pdbx_db_align_beg_ins_code    ? 
_struct_ref_seq.db_align_end                  212 
_struct_ref_seq.pdbx_db_align_end_ins_code    ? 
_struct_ref_seq.pdbx_auth_seq_align_beg       1 
_struct_ref_seq.pdbx_auth_seq_align_end       171 
# 
_pdbx_struct_assembly.id                   1 
_pdbx_struct_assembly.details              author_and_software_defined_assembly 
_pdbx_struct_assembly.method_details       PISA 
_pdbx_struct_assembly.oligomeric_details   dimeric 
_pdbx_struct_assembly.oligomeric_count     2 
# 
loop_
_pdbx_struct_assembly_prop.biol_id 
_pdbx_struct_assembly_prop.type 
_pdbx_struct_assembly_prop.value 
_pdbx_struct_assembly_prop.details 
1 'ABSA (A^2)' 2900  ? 
1 MORE         -34   ? 
1 'SSA (A^2)'  14500 ? 
# 
_pdbx_struct_assembly_gen.assembly_id       1 
_pdbx_struct_assembly_gen.oper_expression   1,2 
_pdbx_struct_assembly_gen.asym_id_list      A,B,C,D,E,F,G 
# 
loop_
_pdbx_struct_oper_list.id 
_pdbx_struct_oper_list.type 
_pdbx_struct_oper_list.name 
_pdbx_struct_oper_list.symmetry_operation 
_pdbx_struct_oper_list.matrix[1][1] 
_pdbx_struct_oper_list.matrix[1][2] 
_pdbx_struct_oper_list.matrix[1][3] 
_pdbx_struct_oper_list.vector[1] 
_pdbx_struct_oper_list.matrix[2][1] 
_pdbx_struct_oper_list.matrix[2][2] 
_pdbx_struct_oper_list.matrix[2][3] 
_pdbx_struct_oper_list.vector[2] 
_pdbx_struct_oper_list.matrix[3][1] 
_pdbx_struct_oper_list.matrix[3][2] 
_pdbx_struct_oper_list.matrix[3][3] 
_pdbx_struct_oper_list.vector[3] 
1 'identity operation'         1_555 x,y,z     1.0000000000  0.0000000000 0.0000000000 0.0000000000  0.0000000000 1.0000000000 0.0000000000 0.0000000000  0.0000000000 0.0000000000 1.0000000000  0.0000000000   
2 'crystal symmetry operation' 8_555 x-y,-y,-z -0.8371960455 0.4564743903 0.3012207037 -0.0149766077 0.4564743903 0.2798759690 0.8445712362 19.5472411021 0.3012207037 0.8445712362 -0.4426799235 -29.6140889452 
# 
loop_
_struct_conf.conf_type_id 
_struct_conf.id 
_struct_conf.pdbx_PDB_helix_id 
_struct_conf.beg_label_comp_id 
_struct_conf.beg_label_asym_id 
_struct_conf.beg_label_seq_id 
_struct_conf.pdbx_beg_PDB_ins_code 
_struct_conf.end_label_comp_id 
_struct_conf.end_label_asym_id 
_struct_conf.end_label_seq_id 
_struct_conf.pdbx_end_PDB_ins_code 
_struct_conf.beg_auth_comp_id 
_struct_conf.beg_auth_asym_id 
_struct_conf.beg_auth_seq_id 
_struct_conf.end_auth_comp_id 
_struct_conf.end_auth_asym_id 
_struct_conf.end_auth_seq_id 
_struct_conf.pdbx_PDB_helix_class 
_struct_conf.details 
_struct_conf.pdbx_PDB_helix_length 
HELX_P HELX_P1 AA1 ASP A 10  ? LEU A 14  ? ASP A 10  LEU A 14  5 ? 5  
HELX_P HELX_P2 AA2 SER A 25  ? ALA A 42  ? SER A 25  ALA A 42  1 ? 18 
HELX_P HELX_P3 AA3 PRO A 50  ? ALA A 53  ? PRO A 50  ALA A 53  5 ? 4  
HELX_P HELX_P4 AA4 GLY A 133 ? VAL A 147 ? GLY A 133 VAL A 147 1 ? 15 
HELX_P HELX_P5 AA5 LEU A 150 ? ILE A 155 ? LEU A 150 ILE A 155 5 ? 6  
HELX_P HELX_P6 AA6 ASN A 157 ? PHE A 161 ? ASN A 157 PHE A 161 5 ? 5  
# 
_struct_conf_type.id          HELX_P 
_struct_conf_type.criteria    ? 
_struct_conf_type.reference   ? 
# 
loop_
_struct_conn.id 
_struct_conn.conn_type_id 
_struct_conn.pdbx_leaving_atom_flag 
_struct_conn.pdbx_PDB_id 
_struct_conn.ptnr1_label_asym_id 
_struct_conn.ptnr1_label_comp_id 
_struct_conn.ptnr1_label_seq_id 
_struct_conn.ptnr1_label_atom_id 
_struct_conn.pdbx_ptnr1_label_alt_id 
_struct_conn.pdbx_ptnr1_PDB_ins_code 
_struct_conn.pdbx_ptnr1_standard_comp_id 
_struct_conn.ptnr1_symmetry 
_struct_conn.ptnr2_label_asym_id 
_struct_conn.ptnr2_label_comp_id 
_struct_conn.ptnr2_label_seq_id 
_struct_conn.ptnr2_label_atom_id 
_struct_conn.pdbx_ptnr2_label_alt_id 
_struct_conn.pdbx_ptnr2_PDB_ins_code 
_struct_conn.ptnr1_auth_asym_id 
_struct_conn.ptnr1_auth_comp_id 
_struct_conn.ptnr1_auth_seq_id 
_struct_conn.ptnr2_auth_asym_id 
_struct_conn.ptnr2_auth_comp_id 
_struct_conn.ptnr2_auth_seq_id 
_struct_conn.ptnr2_symmetry 
_struct_conn.pdbx_ptnr3_label_atom_id 
_struct_conn.pdbx_ptnr3_label_seq_id 
_struct_conn.pdbx_ptnr3_label_comp_id 
_struct_conn.pdbx_ptnr3_label_asym_id 
_struct_conn.pdbx_ptnr3_label_alt_id 
_struct_conn.pdbx_ptnr3_PDB_ins_code 
_struct_conn.details 
_struct_conn.pdbx_dist_value 
_struct_conn.pdbx_value_order 
_struct_conn.pdbx_role 
metalc1  metalc ? ? A GLU 37  OE2 ? ? ? 1_555 C CD  . CD ? ? A GLU 37  A CD  202 1_555 ? ? ? ? ? ? ? 2.613 ? ? 
metalc2  metalc ? ? A HIS 43  NE2 ? ? ? 1_555 D CD  . CD ? ? A HIS 43  A CD  203 8_445 ? ? ? ? ? ? ? 2.359 ? ? 
metalc3  metalc ? ? A CYS 99  SG  ? ? ? 1_555 B CD  . CD ? ? A CYS 99  A CD  201 1_555 ? ? ? ? ? ? ? 2.362 ? ? 
metalc4  metalc ? ? A GLU 128 OE1 ? ? ? 1_555 D CD  . CD ? ? A GLU 128 A CD  203 1_555 ? ? ? ? ? ? ? 2.498 ? ? 
metalc5  metalc ? ? A GLU 130 OE1 ? ? ? 1_555 D CD  . CD ? ? A GLU 130 A CD  203 1_555 ? ? ? ? ? ? ? 2.604 ? ? 
metalc6  metalc ? ? A GLU 130 OE2 ? ? ? 1_555 D CD  . CD ? ? A GLU 130 A CD  203 1_555 ? ? ? ? ? ? ? 2.579 ? ? 
metalc7  metalc ? ? A GLU 132 OE1 ? ? ? 1_555 C CD  . CD ? ? A GLU 132 A CD  202 8_545 ? ? ? ? ? ? ? 2.562 ? ? 
metalc8  metalc ? ? A HIS 141 NE2 ? ? ? 1_555 B CD  . CD ? ? A HIS 141 A CD  201 1_555 ? ? ? ? ? ? ? 2.299 ? ? 
metalc9  metalc ? ? A HIS 145 NE2 ? ? ? 1_555 B CD  . CD ? ? A HIS 145 A CD  201 1_555 ? ? ? ? ? ? ? 2.339 ? ? 
metalc10 metalc ? ? B CD  .   CD  ? ? ? 1_555 F 56L . S7 ? ? A CD  201 A 56L 205 1_555 ? ? ? ? ? ? ? 2.698 ? ? 
metalc11 metalc ? ? C CD  .   CD  ? ? ? 1_555 G HOH . O  ? ? A CD  202 A HOH 317 8_445 ? ? ? ? ? ? ? 2.571 ? ? 
metalc12 metalc ? ? D CD  .   CD  ? ? ? 1_555 G HOH . O  ? ? A CD  203 A HOH 320 1_555 ? ? ? ? ? ? ? 2.345 ? ? 
metalc13 metalc ? ? D CD  .   CD  ? ? ? 1_555 G HOH . O  ? ? A CD  203 A HOH 345 1_555 ? ? ? ? ? ? ? 2.315 ? ? 
# 
_struct_conn_type.id          metalc 
_struct_conn_type.criteria    ? 
_struct_conn_type.reference   ? 
# 
loop_
_pdbx_struct_conn_angle.id 
_pdbx_struct_conn_angle.ptnr1_label_atom_id 
_pdbx_struct_conn_angle.ptnr1_label_alt_id 
_pdbx_struct_conn_angle.ptnr1_label_asym_id 
_pdbx_struct_conn_angle.ptnr1_label_comp_id 
_pdbx_struct_conn_angle.ptnr1_label_seq_id 
_pdbx_struct_conn_angle.ptnr1_auth_atom_id 
_pdbx_struct_conn_angle.ptnr1_auth_asym_id 
_pdbx_struct_conn_angle.ptnr1_auth_comp_id 
_pdbx_struct_conn_angle.ptnr1_auth_seq_id 
_pdbx_struct_conn_angle.ptnr1_PDB_ins_code 
_pdbx_struct_conn_angle.ptnr1_symmetry 
_pdbx_struct_conn_angle.ptnr2_label_atom_id 
_pdbx_struct_conn_angle.ptnr2_label_alt_id 
_pdbx_struct_conn_angle.ptnr2_label_asym_id 
_pdbx_struct_conn_angle.ptnr2_label_comp_id 
_pdbx_struct_conn_angle.ptnr2_label_seq_id 
_pdbx_struct_conn_angle.ptnr2_auth_atom_id 
_pdbx_struct_conn_angle.ptnr2_auth_asym_id 
_pdbx_struct_conn_angle.ptnr2_auth_comp_id 
_pdbx_struct_conn_angle.ptnr2_auth_seq_id 
_pdbx_struct_conn_angle.ptnr2_PDB_ins_code 
_pdbx_struct_conn_angle.ptnr2_symmetry 
_pdbx_struct_conn_angle.ptnr3_label_atom_id 
_pdbx_struct_conn_angle.ptnr3_label_alt_id 
_pdbx_struct_conn_angle.ptnr3_label_asym_id 
_pdbx_struct_conn_angle.ptnr3_label_comp_id 
_pdbx_struct_conn_angle.ptnr3_label_seq_id 
_pdbx_struct_conn_angle.ptnr3_auth_atom_id 
_pdbx_struct_conn_angle.ptnr3_auth_asym_id 
_pdbx_struct_conn_angle.ptnr3_auth_comp_id 
_pdbx_struct_conn_angle.ptnr3_auth_seq_id 
_pdbx_struct_conn_angle.ptnr3_PDB_ins_code 
_pdbx_struct_conn_angle.ptnr3_symmetry 
_pdbx_struct_conn_angle.value 
_pdbx_struct_conn_angle.value_esd 
1  OE2 ? A GLU 37  ? A GLU 37  ? 1_555 CD ? C CD . ? A CD 202 ? 1_555 OE1 ? A GLU 132 ? A GLU 132 ? 1_555 24.7  ? 
2  OE2 ? A GLU 37  ? A GLU 37  ? 1_555 CD ? C CD . ? A CD 202 ? 1_555 O   ? G HOH .   ? A HOH 317 ? 8_445 108.2 ? 
3  OE1 ? A GLU 132 ? A GLU 132 ? 1_555 CD ? C CD . ? A CD 202 ? 1_555 O   ? G HOH .   ? A HOH 317 ? 8_445 83.5  ? 
4  NE2 ? A HIS 43  ? A HIS 43  ? 1_555 CD ? D CD . ? A CD 203 ? 8_445 OE1 ? A GLU 128 ? A GLU 128 ? 1_555 60.6  ? 
5  NE2 ? A HIS 43  ? A HIS 43  ? 1_555 CD ? D CD . ? A CD 203 ? 8_445 OE1 ? A GLU 130 ? A GLU 130 ? 1_555 55.7  ? 
6  OE1 ? A GLU 128 ? A GLU 128 ? 1_555 CD ? D CD . ? A CD 203 ? 8_445 OE1 ? A GLU 130 ? A GLU 130 ? 1_555 6.0   ? 
7  NE2 ? A HIS 43  ? A HIS 43  ? 1_555 CD ? D CD . ? A CD 203 ? 8_445 OE2 ? A GLU 130 ? A GLU 130 ? 1_555 57.0  ? 
8  OE1 ? A GLU 128 ? A GLU 128 ? 1_555 CD ? D CD . ? A CD 203 ? 8_445 OE2 ? A GLU 130 ? A GLU 130 ? 1_555 7.8   ? 
9  OE1 ? A GLU 130 ? A GLU 130 ? 1_555 CD ? D CD . ? A CD 203 ? 8_445 OE2 ? A GLU 130 ? A GLU 130 ? 1_555 3.7   ? 
10 NE2 ? A HIS 43  ? A HIS 43  ? 1_555 CD ? D CD . ? A CD 203 ? 8_445 O   ? G HOH .   ? A HOH 320 ? 1_555 60.8  ? 
11 OE1 ? A GLU 128 ? A GLU 128 ? 1_555 CD ? D CD . ? A CD 203 ? 8_445 O   ? G HOH .   ? A HOH 320 ? 1_555 7.8   ? 
12 OE1 ? A GLU 130 ? A GLU 130 ? 1_555 CD ? D CD . ? A CD 203 ? 8_445 O   ? G HOH .   ? A HOH 320 ? 1_555 6.7   ? 
13 OE2 ? A GLU 130 ? A GLU 130 ? 1_555 CD ? D CD . ? A CD 203 ? 8_445 O   ? G HOH .   ? A HOH 320 ? 1_555 3.9   ? 
14 NE2 ? A HIS 43  ? A HIS 43  ? 1_555 CD ? D CD . ? A CD 203 ? 8_445 O   ? G HOH .   ? A HOH 345 ? 1_555 62.2  ? 
15 OE1 ? A GLU 128 ? A GLU 128 ? 1_555 CD ? D CD . ? A CD 203 ? 8_445 O   ? G HOH .   ? A HOH 345 ? 1_555 6.2   ? 
16 OE1 ? A GLU 130 ? A GLU 130 ? 1_555 CD ? D CD . ? A CD 203 ? 8_445 O   ? G HOH .   ? A HOH 345 ? 1_555 6.9   ? 
17 OE2 ? A GLU 130 ? A GLU 130 ? 1_555 CD ? D CD . ? A CD 203 ? 8_445 O   ? G HOH .   ? A HOH 345 ? 1_555 5.2   ? 
18 O   ? G HOH .   ? A HOH 320 ? 1_555 CD ? D CD . ? A CD 203 ? 8_445 O   ? G HOH .   ? A HOH 345 ? 1_555 2.3   ? 
19 SG  ? A CYS 99  ? A CYS 99  ? 1_555 CD ? B CD . ? A CD 201 ? 1_555 NE2 ? A HIS 141 ? A HIS 141 ? 1_555 128.1 ? 
20 SG  ? A CYS 99  ? A CYS 99  ? 1_555 CD ? B CD . ? A CD 201 ? 1_555 NE2 ? A HIS 145 ? A HIS 145 ? 1_555 95.1  ? 
21 NE2 ? A HIS 141 ? A HIS 141 ? 1_555 CD ? B CD . ? A CD 201 ? 1_555 NE2 ? A HIS 145 ? A HIS 145 ? 1_555 101.5 ? 
22 SG  ? A CYS 99  ? A CYS 99  ? 1_555 CD ? B CD . ? A CD 201 ? 1_555 S7  ? F 56L .   ? A 56L 205 ? 1_555 104.9 ? 
23 NE2 ? A HIS 141 ? A HIS 141 ? 1_555 CD ? B CD . ? A CD 201 ? 1_555 S7  ? F 56L .   ? A 56L 205 ? 1_555 99.7  ? 
24 NE2 ? A HIS 145 ? A HIS 145 ? 1_555 CD ? B CD . ? A CD 201 ? 1_555 S7  ? F 56L .   ? A 56L 205 ? 1_555 131.7 ? 
# 
loop_
_struct_sheet.id 
_struct_sheet.type 
_struct_sheet.number_strands 
_struct_sheet.details 
AA1 ? 5 ? 
AA2 ? 3 ? 
# 
loop_
_struct_sheet_order.sheet_id 
_struct_sheet_order.range_id_1 
_struct_sheet_order.range_id_2 
_struct_sheet_order.offset 
_struct_sheet_order.sense 
AA1 1 2 ? anti-parallel 
AA1 2 3 ? anti-parallel 
AA1 3 4 ? anti-parallel 
AA1 4 5 ? anti-parallel 
AA2 1 2 ? anti-parallel 
AA2 2 3 ? anti-parallel 
# 
loop_
_struct_sheet_range.sheet_id 
_struct_sheet_range.id 
_struct_sheet_range.beg_label_comp_id 
_struct_sheet_range.beg_label_asym_id 
_struct_sheet_range.beg_label_seq_id 
_struct_sheet_range.pdbx_beg_PDB_ins_code 
_struct_sheet_range.end_label_comp_id 
_struct_sheet_range.end_label_asym_id 
_struct_sheet_range.end_label_seq_id 
_struct_sheet_range.pdbx_end_PDB_ins_code 
_struct_sheet_range.beg_auth_comp_id 
_struct_sheet_range.beg_auth_asym_id 
_struct_sheet_range.beg_auth_seq_id 
_struct_sheet_range.end_auth_comp_id 
_struct_sheet_range.end_auth_asym_id 
_struct_sheet_range.end_auth_seq_id 
AA1 1 GLY A 46  ? ALA A 48  ? GLY A 46  ALA A 48  
AA1 2 LEU A 58  ? PHE A 63  ? LEU A 58  PHE A 63  
AA1 3 VAL A 75  ? PRO A 87  ? VAL A 75  PRO A 87  
AA1 4 TYR A 114 ? PHE A 120 ? TYR A 114 PHE A 120 
AA1 5 PRO A 126 ? GLU A 132 ? PRO A 126 GLU A 132 
AA2 1 MET A 92  ? GLY A 98  ? MET A 92  GLY A 98  
AA2 2 LEU A 105 ? TYR A 112 ? LEU A 105 TYR A 112 
AA2 3 GLY A 162 ? PHE A 163 ? GLY A 162 PHE A 163 
# 
loop_
_pdbx_struct_sheet_hbond.sheet_id 
_pdbx_struct_sheet_hbond.range_id_1 
_pdbx_struct_sheet_hbond.range_id_2 
_pdbx_struct_sheet_hbond.range_1_label_atom_id 
_pdbx_struct_sheet_hbond.range_1_label_comp_id 
_pdbx_struct_sheet_hbond.range_1_label_asym_id 
_pdbx_struct_sheet_hbond.range_1_label_seq_id 
_pdbx_struct_sheet_hbond.range_1_PDB_ins_code 
_pdbx_struct_sheet_hbond.range_1_auth_atom_id 
_pdbx_struct_sheet_hbond.range_1_auth_comp_id 
_pdbx_struct_sheet_hbond.range_1_auth_asym_id 
_pdbx_struct_sheet_hbond.range_1_auth_seq_id 
_pdbx_struct_sheet_hbond.range_2_label_atom_id 
_pdbx_struct_sheet_hbond.range_2_label_comp_id 
_pdbx_struct_sheet_hbond.range_2_label_asym_id 
_pdbx_struct_sheet_hbond.range_2_label_seq_id 
_pdbx_struct_sheet_hbond.range_2_PDB_ins_code 
_pdbx_struct_sheet_hbond.range_2_auth_atom_id 
_pdbx_struct_sheet_hbond.range_2_auth_comp_id 
_pdbx_struct_sheet_hbond.range_2_auth_asym_id 
_pdbx_struct_sheet_hbond.range_2_auth_seq_id 
AA1 1 2 N LEU A 47  ? N LEU A 47  O VAL A 60  ? O VAL A 60  
AA1 2 3 N PHE A 61  ? N PHE A 61  O THR A 78  ? O THR A 78  
AA1 3 4 N ALA A 81  ? N ALA A 81  O PHE A 120 ? O PHE A 120 
AA1 4 5 N ILE A 115 ? N ILE A 115 O ALA A 131 ? O ALA A 131 
AA2 1 2 N GLY A 95  ? N GLY A 95  O ILE A 109 ? O ILE A 109 
AA2 2 3 N ARG A 106 ? N ARG A 106 O GLY A 162 ? O GLY A 162 
# 
loop_
_struct_site.id 
_struct_site.pdbx_evidence_code 
_struct_site.pdbx_auth_asym_id 
_struct_site.pdbx_auth_comp_id 
_struct_site.pdbx_auth_seq_id 
_struct_site.pdbx_auth_ins_code 
_struct_site.pdbx_num_residues 
_struct_site.details 
AC1 Software A CD  201 ? 5  'binding site for residue CD A 201'  
AC2 Software A CD  202 ? 6  'binding site for residue CD A 202'  
AC3 Software A CD  203 ? 5  'binding site for residue CD A 203'  
AC4 Software A ACT 204 ? 5  'binding site for residue ACT A 204' 
AC5 Software A 56L 205 ? 14 'binding site for residue 56L A 205' 
# 
loop_
_struct_site_gen.id 
_struct_site_gen.site_id 
_struct_site_gen.pdbx_num_res 
_struct_site_gen.label_comp_id 
_struct_site_gen.label_asym_id 
_struct_site_gen.label_seq_id 
_struct_site_gen.pdbx_auth_ins_code 
_struct_site_gen.auth_comp_id 
_struct_site_gen.auth_asym_id 
_struct_site_gen.auth_seq_id 
_struct_site_gen.label_atom_id 
_struct_site_gen.label_alt_id 
_struct_site_gen.symmetry 
_struct_site_gen.details 
1  AC1 5  GLN A 51  ? GLN A 51  . ? 1_555 ? 
2  AC1 5  CYS A 99  ? CYS A 99  . ? 1_555 ? 
3  AC1 5  HIS A 141 ? HIS A 141 . ? 1_555 ? 
4  AC1 5  HIS A 145 ? HIS A 145 . ? 1_555 ? 
5  AC1 5  56L F .   ? 56L A 205 . ? 1_555 ? 
6  AC2 6  MET A 1   ? MET A 1   . ? 1_555 ? 
7  AC2 6  GLU A 37  ? GLU A 37  . ? 1_555 ? 
8  AC2 6  GLU A 132 ? GLU A 132 . ? 8_445 ? 
9  AC2 6  HOH G .   ? HOH A 317 . ? 8_445 ? 
10 AC2 6  HOH G .   ? HOH A 355 . ? 1_555 ? 
11 AC2 6  HOH G .   ? HOH A 357 . ? 1_555 ? 
12 AC3 5  HIS A 43  ? HIS A 43  . ? 8_545 ? 
13 AC3 5  GLU A 128 ? GLU A 128 . ? 1_555 ? 
14 AC3 5  GLU A 130 ? GLU A 130 . ? 1_555 ? 
15 AC3 5  HOH G .   ? HOH A 320 . ? 1_555 ? 
16 AC3 5  HOH G .   ? HOH A 345 . ? 1_555 ? 
17 AC4 5  GLY A 148 ? GLY A 148 . ? 1_555 ? 
18 AC4 5  ARG A 149 ? ARG A 149 . ? 1_555 ? 
19 AC4 5  LEU A 150 ? LEU A 150 . ? 1_555 ? 
20 AC4 5  SER A 153 ? SER A 153 . ? 1_555 ? 
21 AC4 5  ASP A 159 ? ASP A 159 . ? 8_555 ? 
22 AC5 14 VAL A 45  ? VAL A 45  . ? 1_555 ? 
23 AC5 14 GLY A 46  ? GLY A 46  . ? 1_555 ? 
24 AC5 14 GLN A 51  ? GLN A 51  . ? 1_555 ? 
25 AC5 14 GLU A 97  ? GLU A 97  . ? 1_555 ? 
26 AC5 14 GLY A 98  ? GLY A 98  . ? 1_555 ? 
27 AC5 14 CYS A 99  ? CYS A 99  . ? 1_555 ? 
28 AC5 14 LEU A 100 ? LEU A 100 . ? 1_555 ? 
29 AC5 14 ARG A 137 ? ARG A 137 . ? 1_555 ? 
30 AC5 14 VAL A 138 ? VAL A 138 . ? 1_555 ? 
31 AC5 14 HIS A 141 ? HIS A 141 . ? 1_555 ? 
32 AC5 14 GLU A 142 ? GLU A 142 . ? 1_555 ? 
33 AC5 14 CD  B .   ? CD  A 201 . ? 1_555 ? 
34 AC5 14 HOH G .   ? HOH A 305 . ? 1_555 ? 
35 AC5 14 HOH G .   ? HOH A 343 . ? 1_555 ? 
# 
_pdbx_validate_close_contact.id               1 
_pdbx_validate_close_contact.PDB_model_num    1 
_pdbx_validate_close_contact.auth_atom_id_1   OD2 
_pdbx_validate_close_contact.auth_asym_id_1   A 
_pdbx_validate_close_contact.auth_comp_id_1   ASP 
_pdbx_validate_close_contact.auth_seq_id_1    164 
_pdbx_validate_close_contact.PDB_ins_code_1   ? 
_pdbx_validate_close_contact.label_alt_id_1   ? 
_pdbx_validate_close_contact.auth_atom_id_2   O 
_pdbx_validate_close_contact.auth_asym_id_2   A 
_pdbx_validate_close_contact.auth_comp_id_2   HOH 
_pdbx_validate_close_contact.auth_seq_id_2    301 
_pdbx_validate_close_contact.PDB_ins_code_2   ? 
_pdbx_validate_close_contact.label_alt_id_2   ? 
_pdbx_validate_close_contact.dist             2.14 
# 
_pdbx_validate_rmsd_bond.id                        1 
_pdbx_validate_rmsd_bond.PDB_model_num             1 
_pdbx_validate_rmsd_bond.auth_atom_id_1            CD 
_pdbx_validate_rmsd_bond.auth_asym_id_1            A 
_pdbx_validate_rmsd_bond.auth_comp_id_1            GLU 
_pdbx_validate_rmsd_bond.auth_seq_id_1             91 
_pdbx_validate_rmsd_bond.PDB_ins_code_1            ? 
_pdbx_validate_rmsd_bond.label_alt_id_1            ? 
_pdbx_validate_rmsd_bond.auth_atom_id_2            OE1 
_pdbx_validate_rmsd_bond.auth_asym_id_2            A 
_pdbx_validate_rmsd_bond.auth_comp_id_2            GLU 
_pdbx_validate_rmsd_bond.auth_seq_id_2             91 
_pdbx_validate_rmsd_bond.PDB_ins_code_2            ? 
_pdbx_validate_rmsd_bond.label_alt_id_2            ? 
_pdbx_validate_rmsd_bond.bond_value                1.322 
_pdbx_validate_rmsd_bond.bond_target_value         1.252 
_pdbx_validate_rmsd_bond.bond_deviation            0.070 
_pdbx_validate_rmsd_bond.bond_standard_deviation   0.011 
_pdbx_validate_rmsd_bond.linker_flag               N 
# 
loop_
_pdbx_validate_rmsd_angle.id 
_pdbx_validate_rmsd_angle.PDB_model_num 
_pdbx_validate_rmsd_angle.auth_atom_id_1 
_pdbx_validate_rmsd_angle.auth_asym_id_1 
_pdbx_validate_rmsd_angle.auth_comp_id_1 
_pdbx_validate_rmsd_angle.auth_seq_id_1 
_pdbx_validate_rmsd_angle.PDB_ins_code_1 
_pdbx_validate_rmsd_angle.label_alt_id_1 
_pdbx_validate_rmsd_angle.auth_atom_id_2 
_pdbx_validate_rmsd_angle.auth_asym_id_2 
_pdbx_validate_rmsd_angle.auth_comp_id_2 
_pdbx_validate_rmsd_angle.auth_seq_id_2 
_pdbx_validate_rmsd_angle.PDB_ins_code_2 
_pdbx_validate_rmsd_angle.label_alt_id_2 
_pdbx_validate_rmsd_angle.auth_atom_id_3 
_pdbx_validate_rmsd_angle.auth_asym_id_3 
_pdbx_validate_rmsd_angle.auth_comp_id_3 
_pdbx_validate_rmsd_angle.auth_seq_id_3 
_pdbx_validate_rmsd_angle.PDB_ins_code_3 
_pdbx_validate_rmsd_angle.label_alt_id_3 
_pdbx_validate_rmsd_angle.angle_value 
_pdbx_validate_rmsd_angle.angle_target_value 
_pdbx_validate_rmsd_angle.angle_deviation 
_pdbx_validate_rmsd_angle.angle_standard_deviation 
_pdbx_validate_rmsd_angle.linker_flag 
1 1 N  A PRO 73  ? ? CA A PRO 73  ? ? CB  A PRO 73  ? ? 111.06 103.30 7.76  1.20 N 
2 1 CA A CYS 99  ? ? CB A CYS 99  ? ? SG  A CYS 99  ? ? 127.15 114.20 12.95 1.10 N 
3 1 NE A ARG 116 ? ? CZ A ARG 116 ? ? NH1 A ARG 116 ? ? 124.12 120.30 3.82  0.50 N 
4 1 NE A ARG 116 ? ? CZ A ARG 116 ? ? NH2 A ARG 116 ? ? 116.93 120.30 -3.37 0.50 N 
# 
_pdbx_validate_torsion.id              1 
_pdbx_validate_torsion.PDB_model_num   1 
_pdbx_validate_torsion.auth_comp_id    GLN 
_pdbx_validate_torsion.auth_asym_id    A 
_pdbx_validate_torsion.auth_seq_id     57 
_pdbx_validate_torsion.PDB_ins_code    ? 
_pdbx_validate_torsion.label_alt_id    ? 
_pdbx_validate_torsion.phi             -69.91 
_pdbx_validate_torsion.psi             74.51 
# 
loop_
_pdbx_unobs_or_zero_occ_residues.id 
_pdbx_unobs_or_zero_occ_residues.PDB_model_num 
_pdbx_unobs_or_zero_occ_residues.polymer_flag 
_pdbx_unobs_or_zero_occ_residues.occupancy_flag 
_pdbx_unobs_or_zero_occ_residues.auth_asym_id 
_pdbx_unobs_or_zero_occ_residues.auth_comp_id 
_pdbx_unobs_or_zero_occ_residues.auth_seq_id 
_pdbx_unobs_or_zero_occ_residues.PDB_ins_code 
_pdbx_unobs_or_zero_occ_residues.label_asym_id 
_pdbx_unobs_or_zero_occ_residues.label_comp_id 
_pdbx_unobs_or_zero_occ_residues.label_seq_id 
1 1 Y 1 A ALA 65  ? A ALA 65  
2 1 Y 1 A SER 66  ? A SER 66  
3 1 Y 1 A GLU 67  ? A GLU 67  
4 1 Y 1 A ARG 68  ? A ARG 68  
5 1 Y 1 A TYR 69  ? A TYR 69  
6 1 Y 1 A PRO 70  ? A PRO 70  
7 1 Y 1 A GLU 71  ? A GLU 71  
8 1 Y 1 A ALA 72  ? A ALA 72  
9 1 Y 1 A LEU 171 ? A LEU 171 
# 
loop_
_chem_comp_atom.comp_id 
_chem_comp_atom.atom_id 
_chem_comp_atom.type_symbol 
_chem_comp_atom.pdbx_aromatic_flag 
_chem_comp_atom.pdbx_stereo_config 
_chem_comp_atom.pdbx_ordinal 
56L C10  C  N N 1   
56L C9   C  N N 2   
56L C5   C  N N 3   
56L C3   C  N N 4   
56L C2   C  N N 5   
56L C1   C  N N 6   
56L C11  C  N N 7   
56L O12  O  N N 8   
56L N4   N  N N 9   
56L S7   S  N N 10  
56L N6   N  N N 11  
56L O8   O  N N 12  
56L H1   H  N N 13  
56L H2   H  N N 14  
56L H3   H  N N 15  
56L H4   H  N N 16  
56L H5   H  N N 17  
56L H6   H  N N 18  
56L H7   H  N N 19  
56L H8   H  N N 20  
56L H9   H  N N 21  
56L H10  H  N N 22  
ACT C    C  N N 23  
ACT O    O  N N 24  
ACT OXT  O  N N 25  
ACT CH3  C  N N 26  
ACT H1   H  N N 27  
ACT H2   H  N N 28  
ACT H3   H  N N 29  
ALA N    N  N N 30  
ALA CA   C  N S 31  
ALA C    C  N N 32  
ALA O    O  N N 33  
ALA CB   C  N N 34  
ALA OXT  O  N N 35  
ALA H    H  N N 36  
ALA H2   H  N N 37  
ALA HA   H  N N 38  
ALA HB1  H  N N 39  
ALA HB2  H  N N 40  
ALA HB3  H  N N 41  
ALA HXT  H  N N 42  
ARG N    N  N N 43  
ARG CA   C  N S 44  
ARG C    C  N N 45  
ARG O    O  N N 46  
ARG CB   C  N N 47  
ARG CG   C  N N 48  
ARG CD   C  N N 49  
ARG NE   N  N N 50  
ARG CZ   C  N N 51  
ARG NH1  N  N N 52  
ARG NH2  N  N N 53  
ARG OXT  O  N N 54  
ARG H    H  N N 55  
ARG H2   H  N N 56  
ARG HA   H  N N 57  
ARG HB2  H  N N 58  
ARG HB3  H  N N 59  
ARG HG2  H  N N 60  
ARG HG3  H  N N 61  
ARG HD2  H  N N 62  
ARG HD3  H  N N 63  
ARG HE   H  N N 64  
ARG HH11 H  N N 65  
ARG HH12 H  N N 66  
ARG HH21 H  N N 67  
ARG HH22 H  N N 68  
ARG HXT  H  N N 69  
ASN N    N  N N 70  
ASN CA   C  N S 71  
ASN C    C  N N 72  
ASN O    O  N N 73  
ASN CB   C  N N 74  
ASN CG   C  N N 75  
ASN OD1  O  N N 76  
ASN ND2  N  N N 77  
ASN OXT  O  N N 78  
ASN H    H  N N 79  
ASN H2   H  N N 80  
ASN HA   H  N N 81  
ASN HB2  H  N N 82  
ASN HB3  H  N N 83  
ASN HD21 H  N N 84  
ASN HD22 H  N N 85  
ASN HXT  H  N N 86  
ASP N    N  N N 87  
ASP CA   C  N S 88  
ASP C    C  N N 89  
ASP O    O  N N 90  
ASP CB   C  N N 91  
ASP CG   C  N N 92  
ASP OD1  O  N N 93  
ASP OD2  O  N N 94  
ASP OXT  O  N N 95  
ASP H    H  N N 96  
ASP H2   H  N N 97  
ASP HA   H  N N 98  
ASP HB2  H  N N 99  
ASP HB3  H  N N 100 
ASP HD2  H  N N 101 
ASP HXT  H  N N 102 
CD  CD   CD N N 103 
CYS N    N  N N 104 
CYS CA   C  N R 105 
CYS C    C  N N 106 
CYS O    O  N N 107 
CYS CB   C  N N 108 
CYS SG   S  N N 109 
CYS OXT  O  N N 110 
CYS H    H  N N 111 
CYS H2   H  N N 112 
CYS HA   H  N N 113 
CYS HB2  H  N N 114 
CYS HB3  H  N N 115 
CYS HG   H  N N 116 
CYS HXT  H  N N 117 
GLN N    N  N N 118 
GLN CA   C  N S 119 
GLN C    C  N N 120 
GLN O    O  N N 121 
GLN CB   C  N N 122 
GLN CG   C  N N 123 
GLN CD   C  N N 124 
GLN OE1  O  N N 125 
GLN NE2  N  N N 126 
GLN OXT  O  N N 127 
GLN H    H  N N 128 
GLN H2   H  N N 129 
GLN HA   H  N N 130 
GLN HB2  H  N N 131 
GLN HB3  H  N N 132 
GLN HG2  H  N N 133 
GLN HG3  H  N N 134 
GLN HE21 H  N N 135 
GLN HE22 H  N N 136 
GLN HXT  H  N N 137 
GLU N    N  N N 138 
GLU CA   C  N S 139 
GLU C    C  N N 140 
GLU O    O  N N 141 
GLU CB   C  N N 142 
GLU CG   C  N N 143 
GLU CD   C  N N 144 
GLU OE1  O  N N 145 
GLU OE2  O  N N 146 
GLU OXT  O  N N 147 
GLU H    H  N N 148 
GLU H2   H  N N 149 
GLU HA   H  N N 150 
GLU HB2  H  N N 151 
GLU HB3  H  N N 152 
GLU HG2  H  N N 153 
GLU HG3  H  N N 154 
GLU HE2  H  N N 155 
GLU HXT  H  N N 156 
GLY N    N  N N 157 
GLY CA   C  N N 158 
GLY C    C  N N 159 
GLY O    O  N N 160 
GLY OXT  O  N N 161 
GLY H    H  N N 162 
GLY H2   H  N N 163 
GLY HA2  H  N N 164 
GLY HA3  H  N N 165 
GLY HXT  H  N N 166 
HIS N    N  N N 167 
HIS CA   C  N S 168 
HIS C    C  N N 169 
HIS O    O  N N 170 
HIS CB   C  N N 171 
HIS CG   C  Y N 172 
HIS ND1  N  Y N 173 
HIS CD2  C  Y N 174 
HIS CE1  C  Y N 175 
HIS NE2  N  Y N 176 
HIS OXT  O  N N 177 
HIS H    H  N N 178 
HIS H2   H  N N 179 
HIS HA   H  N N 180 
HIS HB2  H  N N 181 
HIS HB3  H  N N 182 
HIS HD1  H  N N 183 
HIS HD2  H  N N 184 
HIS HE1  H  N N 185 
HIS HE2  H  N N 186 
HIS HXT  H  N N 187 
HOH O    O  N N 188 
HOH H1   H  N N 189 
HOH H2   H  N N 190 
ILE N    N  N N 191 
ILE CA   C  N S 192 
ILE C    C  N N 193 
ILE O    O  N N 194 
ILE CB   C  N S 195 
ILE CG1  C  N N 196 
ILE CG2  C  N N 197 
ILE CD1  C  N N 198 
ILE OXT  O  N N 199 
ILE H    H  N N 200 
ILE H2   H  N N 201 
ILE HA   H  N N 202 
ILE HB   H  N N 203 
ILE HG12 H  N N 204 
ILE HG13 H  N N 205 
ILE HG21 H  N N 206 
ILE HG22 H  N N 207 
ILE HG23 H  N N 208 
ILE HD11 H  N N 209 
ILE HD12 H  N N 210 
ILE HD13 H  N N 211 
ILE HXT  H  N N 212 
LEU N    N  N N 213 
LEU CA   C  N S 214 
LEU C    C  N N 215 
LEU O    O  N N 216 
LEU CB   C  N N 217 
LEU CG   C  N N 218 
LEU CD1  C  N N 219 
LEU CD2  C  N N 220 
LEU OXT  O  N N 221 
LEU H    H  N N 222 
LEU H2   H  N N 223 
LEU HA   H  N N 224 
LEU HB2  H  N N 225 
LEU HB3  H  N N 226 
LEU HG   H  N N 227 
LEU HD11 H  N N 228 
LEU HD12 H  N N 229 
LEU HD13 H  N N 230 
LEU HD21 H  N N 231 
LEU HD22 H  N N 232 
LEU HD23 H  N N 233 
LEU HXT  H  N N 234 
LYS N    N  N N 235 
LYS CA   C  N S 236 
LYS C    C  N N 237 
LYS O    O  N N 238 
LYS CB   C  N N 239 
LYS CG   C  N N 240 
LYS CD   C  N N 241 
LYS CE   C  N N 242 
LYS NZ   N  N N 243 
LYS OXT  O  N N 244 
LYS H    H  N N 245 
LYS H2   H  N N 246 
LYS HA   H  N N 247 
LYS HB2  H  N N 248 
LYS HB3  H  N N 249 
LYS HG2  H  N N 250 
LYS HG3  H  N N 251 
LYS HD2  H  N N 252 
LYS HD3  H  N N 253 
LYS HE2  H  N N 254 
LYS HE3  H  N N 255 
LYS HZ1  H  N N 256 
LYS HZ2  H  N N 257 
LYS HZ3  H  N N 258 
LYS HXT  H  N N 259 
MET N    N  N N 260 
MET CA   C  N S 261 
MET C    C  N N 262 
MET O    O  N N 263 
MET CB   C  N N 264 
MET CG   C  N N 265 
MET SD   S  N N 266 
MET CE   C  N N 267 
MET OXT  O  N N 268 
MET H    H  N N 269 
MET H2   H  N N 270 
MET HA   H  N N 271 
MET HB2  H  N N 272 
MET HB3  H  N N 273 
MET HG2  H  N N 274 
MET HG3  H  N N 275 
MET HE1  H  N N 276 
MET HE2  H  N N 277 
MET HE3  H  N N 278 
MET HXT  H  N N 279 
PHE N    N  N N 280 
PHE CA   C  N S 281 
PHE C    C  N N 282 
PHE O    O  N N 283 
PHE CB   C  N N 284 
PHE CG   C  Y N 285 
PHE CD1  C  Y N 286 
PHE CD2  C  Y N 287 
PHE CE1  C  Y N 288 
PHE CE2  C  Y N 289 
PHE CZ   C  Y N 290 
PHE OXT  O  N N 291 
PHE H    H  N N 292 
PHE H2   H  N N 293 
PHE HA   H  N N 294 
PHE HB2  H  N N 295 
PHE HB3  H  N N 296 
PHE HD1  H  N N 297 
PHE HD2  H  N N 298 
PHE HE1  H  N N 299 
PHE HE2  H  N N 300 
PHE HZ   H  N N 301 
PHE HXT  H  N N 302 
PRO N    N  N N 303 
PRO CA   C  N S 304 
PRO C    C  N N 305 
PRO O    O  N N 306 
PRO CB   C  N N 307 
PRO CG   C  N N 308 
PRO CD   C  N N 309 
PRO OXT  O  N N 310 
PRO H    H  N N 311 
PRO HA   H  N N 312 
PRO HB2  H  N N 313 
PRO HB3  H  N N 314 
PRO HG2  H  N N 315 
PRO HG3  H  N N 316 
PRO HD2  H  N N 317 
PRO HD3  H  N N 318 
PRO HXT  H  N N 319 
SER N    N  N N 320 
SER CA   C  N S 321 
SER C    C  N N 322 
SER O    O  N N 323 
SER CB   C  N N 324 
SER OG   O  N N 325 
SER OXT  O  N N 326 
SER H    H  N N 327 
SER H2   H  N N 328 
SER HA   H  N N 329 
SER HB2  H  N N 330 
SER HB3  H  N N 331 
SER HG   H  N N 332 
SER HXT  H  N N 333 
THR N    N  N N 334 
THR CA   C  N S 335 
THR C    C  N N 336 
THR O    O  N N 337 
THR CB   C  N R 338 
THR OG1  O  N N 339 
THR CG2  C  N N 340 
THR OXT  O  N N 341 
THR H    H  N N 342 
THR H2   H  N N 343 
THR HA   H  N N 344 
THR HB   H  N N 345 
THR HG1  H  N N 346 
THR HG21 H  N N 347 
THR HG22 H  N N 348 
THR HG23 H  N N 349 
THR HXT  H  N N 350 
TRP N    N  N N 351 
TRP CA   C  N S 352 
TRP C    C  N N 353 
TRP O    O  N N 354 
TRP CB   C  N N 355 
TRP CG   C  Y N 356 
TRP CD1  C  Y N 357 
TRP CD2  C  Y N 358 
TRP NE1  N  Y N 359 
TRP CE2  C  Y N 360 
TRP CE3  C  Y N 361 
TRP CZ2  C  Y N 362 
TRP CZ3  C  Y N 363 
TRP CH2  C  Y N 364 
TRP OXT  O  N N 365 
TRP H    H  N N 366 
TRP H2   H  N N 367 
TRP HA   H  N N 368 
TRP HB2  H  N N 369 
TRP HB3  H  N N 370 
TRP HD1  H  N N 371 
TRP HE1  H  N N 372 
TRP HE3  H  N N 373 
TRP HZ2  H  N N 374 
TRP HZ3  H  N N 375 
TRP HH2  H  N N 376 
TRP HXT  H  N N 377 
TYR N    N  N N 378 
TYR CA   C  N S 379 
TYR C    C  N N 380 
TYR O    O  N N 381 
TYR CB   C  N N 382 
TYR CG   C  Y N 383 
TYR CD1  C  Y N 384 
TYR CD2  C  Y N 385 
TYR CE1  C  Y N 386 
TYR CE2  C  Y N 387 
TYR CZ   C  Y N 388 
TYR OH   O  N N 389 
TYR OXT  O  N N 390 
TYR H    H  N N 391 
TYR H2   H  N N 392 
TYR HA   H  N N 393 
TYR HB2  H  N N 394 
TYR HB3  H  N N 395 
TYR HD1  H  N N 396 
TYR HD2  H  N N 397 
TYR HE1  H  N N 398 
TYR HE2  H  N N 399 
TYR HH   H  N N 400 
TYR HXT  H  N N 401 
VAL N    N  N N 402 
VAL CA   C  N S 403 
VAL C    C  N N 404 
VAL O    O  N N 405 
VAL CB   C  N N 406 
VAL CG1  C  N N 407 
VAL CG2  C  N N 408 
VAL OXT  O  N N 409 
VAL H    H  N N 410 
VAL H2   H  N N 411 
VAL HA   H  N N 412 
VAL HB   H  N N 413 
VAL HG11 H  N N 414 
VAL HG12 H  N N 415 
VAL HG13 H  N N 416 
VAL HG21 H  N N 417 
VAL HG22 H  N N 418 
VAL HG23 H  N N 419 
VAL HXT  H  N N 420 
# 
loop_
_chem_comp_bond.comp_id 
_chem_comp_bond.atom_id_1 
_chem_comp_bond.atom_id_2 
_chem_comp_bond.value_order 
_chem_comp_bond.pdbx_aromatic_flag 
_chem_comp_bond.pdbx_stereo_config 
_chem_comp_bond.pdbx_ordinal 
56L C10 C9   sing N N 1   
56L C11 C9   sing N N 2   
56L C9  C2   sing N N 3   
56L O12 C3   doub N N 4   
56L C3  C2   sing N N 5   
56L C3  N4   sing N N 6   
56L C2  C1   sing N N 7   
56L N4  C5   sing N N 8   
56L C1  O8   doub N N 9   
56L C1  N6   sing N N 10  
56L C5  N6   sing N N 11  
56L C5  S7   doub N N 12  
56L C10 H1   sing N N 13  
56L C10 H2   sing N N 14  
56L C10 H3   sing N N 15  
56L C9  H4   sing N N 16  
56L C2  H5   sing N N 17  
56L C11 H6   sing N N 18  
56L C11 H7   sing N N 19  
56L C11 H8   sing N N 20  
56L N4  H9   sing N N 21  
56L N6  H10  sing N N 22  
ACT C   O    doub N N 23  
ACT C   OXT  sing N N 24  
ACT C   CH3  sing N N 25  
ACT CH3 H1   sing N N 26  
ACT CH3 H2   sing N N 27  
ACT CH3 H3   sing N N 28  
ALA N   CA   sing N N 29  
ALA N   H    sing N N 30  
ALA N   H2   sing N N 31  
ALA CA  C    sing N N 32  
ALA CA  CB   sing N N 33  
ALA CA  HA   sing N N 34  
ALA C   O    doub N N 35  
ALA C   OXT  sing N N 36  
ALA CB  HB1  sing N N 37  
ALA CB  HB2  sing N N 38  
ALA CB  HB3  sing N N 39  
ALA OXT HXT  sing N N 40  
ARG N   CA   sing N N 41  
ARG N   H    sing N N 42  
ARG N   H2   sing N N 43  
ARG CA  C    sing N N 44  
ARG CA  CB   sing N N 45  
ARG CA  HA   sing N N 46  
ARG C   O    doub N N 47  
ARG C   OXT  sing N N 48  
ARG CB  CG   sing N N 49  
ARG CB  HB2  sing N N 50  
ARG CB  HB3  sing N N 51  
ARG CG  CD   sing N N 52  
ARG CG  HG2  sing N N 53  
ARG CG  HG3  sing N N 54  
ARG CD  NE   sing N N 55  
ARG CD  HD2  sing N N 56  
ARG CD  HD3  sing N N 57  
ARG NE  CZ   sing N N 58  
ARG NE  HE   sing N N 59  
ARG CZ  NH1  sing N N 60  
ARG CZ  NH2  doub N N 61  
ARG NH1 HH11 sing N N 62  
ARG NH1 HH12 sing N N 63  
ARG NH2 HH21 sing N N 64  
ARG NH2 HH22 sing N N 65  
ARG OXT HXT  sing N N 66  
ASN N   CA   sing N N 67  
ASN N   H    sing N N 68  
ASN N   H2   sing N N 69  
ASN CA  C    sing N N 70  
ASN CA  CB   sing N N 71  
ASN CA  HA   sing N N 72  
ASN C   O    doub N N 73  
ASN C   OXT  sing N N 74  
ASN CB  CG   sing N N 75  
ASN CB  HB2  sing N N 76  
ASN CB  HB3  sing N N 77  
ASN CG  OD1  doub N N 78  
ASN CG  ND2  sing N N 79  
ASN ND2 HD21 sing N N 80  
ASN ND2 HD22 sing N N 81  
ASN OXT HXT  sing N N 82  
ASP N   CA   sing N N 83  
ASP N   H    sing N N 84  
ASP N   H2   sing N N 85  
ASP CA  C    sing N N 86  
ASP CA  CB   sing N N 87  
ASP CA  HA   sing N N 88  
ASP C   O    doub N N 89  
ASP C   OXT  sing N N 90  
ASP CB  CG   sing N N 91  
ASP CB  HB2  sing N N 92  
ASP CB  HB3  sing N N 93  
ASP CG  OD1  doub N N 94  
ASP CG  OD2  sing N N 95  
ASP OD2 HD2  sing N N 96  
ASP OXT HXT  sing N N 97  
CYS N   CA   sing N N 98  
CYS N   H    sing N N 99  
CYS N   H2   sing N N 100 
CYS CA  C    sing N N 101 
CYS CA  CB   sing N N 102 
CYS CA  HA   sing N N 103 
CYS C   O    doub N N 104 
CYS C   OXT  sing N N 105 
CYS CB  SG   sing N N 106 
CYS CB  HB2  sing N N 107 
CYS CB  HB3  sing N N 108 
CYS SG  HG   sing N N 109 
CYS OXT HXT  sing N N 110 
GLN N   CA   sing N N 111 
GLN N   H    sing N N 112 
GLN N   H2   sing N N 113 
GLN CA  C    sing N N 114 
GLN CA  CB   sing N N 115 
GLN CA  HA   sing N N 116 
GLN C   O    doub N N 117 
GLN C   OXT  sing N N 118 
GLN CB  CG   sing N N 119 
GLN CB  HB2  sing N N 120 
GLN CB  HB3  sing N N 121 
GLN CG  CD   sing N N 122 
GLN CG  HG2  sing N N 123 
GLN CG  HG3  sing N N 124 
GLN CD  OE1  doub N N 125 
GLN CD  NE2  sing N N 126 
GLN NE2 HE21 sing N N 127 
GLN NE2 HE22 sing N N 128 
GLN OXT HXT  sing N N 129 
GLU N   CA   sing N N 130 
GLU N   H    sing N N 131 
GLU N   H2   sing N N 132 
GLU CA  C    sing N N 133 
GLU CA  CB   sing N N 134 
GLU CA  HA   sing N N 135 
GLU C   O    doub N N 136 
GLU C   OXT  sing N N 137 
GLU CB  CG   sing N N 138 
GLU CB  HB2  sing N N 139 
GLU CB  HB3  sing N N 140 
GLU CG  CD   sing N N 141 
GLU CG  HG2  sing N N 142 
GLU CG  HG3  sing N N 143 
GLU CD  OE1  doub N N 144 
GLU CD  OE2  sing N N 145 
GLU OE2 HE2  sing N N 146 
GLU OXT HXT  sing N N 147 
GLY N   CA   sing N N 148 
GLY N   H    sing N N 149 
GLY N   H2   sing N N 150 
GLY CA  C    sing N N 151 
GLY CA  HA2  sing N N 152 
GLY CA  HA3  sing N N 153 
GLY C   O    doub N N 154 
GLY C   OXT  sing N N 155 
GLY OXT HXT  sing N N 156 
HIS N   CA   sing N N 157 
HIS N   H    sing N N 158 
HIS N   H2   sing N N 159 
HIS CA  C    sing N N 160 
HIS CA  CB   sing N N 161 
HIS CA  HA   sing N N 162 
HIS C   O    doub N N 163 
HIS C   OXT  sing N N 164 
HIS CB  CG   sing N N 165 
HIS CB  HB2  sing N N 166 
HIS CB  HB3  sing N N 167 
HIS CG  ND1  sing Y N 168 
HIS CG  CD2  doub Y N 169 
HIS ND1 CE1  doub Y N 170 
HIS ND1 HD1  sing N N 171 
HIS CD2 NE2  sing Y N 172 
HIS CD2 HD2  sing N N 173 
HIS CE1 NE2  sing Y N 174 
HIS CE1 HE1  sing N N 175 
HIS NE2 HE2  sing N N 176 
HIS OXT HXT  sing N N 177 
HOH O   H1   sing N N 178 
HOH O   H2   sing N N 179 
ILE N   CA   sing N N 180 
ILE N   H    sing N N 181 
ILE N   H2   sing N N 182 
ILE CA  C    sing N N 183 
ILE CA  CB   sing N N 184 
ILE CA  HA   sing N N 185 
ILE C   O    doub N N 186 
ILE C   OXT  sing N N 187 
ILE CB  CG1  sing N N 188 
ILE CB  CG2  sing N N 189 
ILE CB  HB   sing N N 190 
ILE CG1 CD1  sing N N 191 
ILE CG1 HG12 sing N N 192 
ILE CG1 HG13 sing N N 193 
ILE CG2 HG21 sing N N 194 
ILE CG2 HG22 sing N N 195 
ILE CG2 HG23 sing N N 196 
ILE CD1 HD11 sing N N 197 
ILE CD1 HD12 sing N N 198 
ILE CD1 HD13 sing N N 199 
ILE OXT HXT  sing N N 200 
LEU N   CA   sing N N 201 
LEU N   H    sing N N 202 
LEU N   H2   sing N N 203 
LEU CA  C    sing N N 204 
LEU CA  CB   sing N N 205 
LEU CA  HA   sing N N 206 
LEU C   O    doub N N 207 
LEU C   OXT  sing N N 208 
LEU CB  CG   sing N N 209 
LEU CB  HB2  sing N N 210 
LEU CB  HB3  sing N N 211 
LEU CG  CD1  sing N N 212 
LEU CG  CD2  sing N N 213 
LEU CG  HG   sing N N 214 
LEU CD1 HD11 sing N N 215 
LEU CD1 HD12 sing N N 216 
LEU CD1 HD13 sing N N 217 
LEU CD2 HD21 sing N N 218 
LEU CD2 HD22 sing N N 219 
LEU CD2 HD23 sing N N 220 
LEU OXT HXT  sing N N 221 
LYS N   CA   sing N N 222 
LYS N   H    sing N N 223 
LYS N   H2   sing N N 224 
LYS CA  C    sing N N 225 
LYS CA  CB   sing N N 226 
LYS CA  HA   sing N N 227 
LYS C   O    doub N N 228 
LYS C   OXT  sing N N 229 
LYS CB  CG   sing N N 230 
LYS CB  HB2  sing N N 231 
LYS CB  HB3  sing N N 232 
LYS CG  CD   sing N N 233 
LYS CG  HG2  sing N N 234 
LYS CG  HG3  sing N N 235 
LYS CD  CE   sing N N 236 
LYS CD  HD2  sing N N 237 
LYS CD  HD3  sing N N 238 
LYS CE  NZ   sing N N 239 
LYS CE  HE2  sing N N 240 
LYS CE  HE3  sing N N 241 
LYS NZ  HZ1  sing N N 242 
LYS NZ  HZ2  sing N N 243 
LYS NZ  HZ3  sing N N 244 
LYS OXT HXT  sing N N 245 
MET N   CA   sing N N 246 
MET N   H    sing N N 247 
MET N   H2   sing N N 248 
MET CA  C    sing N N 249 
MET CA  CB   sing N N 250 
MET CA  HA   sing N N 251 
MET C   O    doub N N 252 
MET C   OXT  sing N N 253 
MET CB  CG   sing N N 254 
MET CB  HB2  sing N N 255 
MET CB  HB3  sing N N 256 
MET CG  SD   sing N N 257 
MET CG  HG2  sing N N 258 
MET CG  HG3  sing N N 259 
MET SD  CE   sing N N 260 
MET CE  HE1  sing N N 261 
MET CE  HE2  sing N N 262 
MET CE  HE3  sing N N 263 
MET OXT HXT  sing N N 264 
PHE N   CA   sing N N 265 
PHE N   H    sing N N 266 
PHE N   H2   sing N N 267 
PHE CA  C    sing N N 268 
PHE CA  CB   sing N N 269 
PHE CA  HA   sing N N 270 
PHE C   O    doub N N 271 
PHE C   OXT  sing N N 272 
PHE CB  CG   sing N N 273 
PHE CB  HB2  sing N N 274 
PHE CB  HB3  sing N N 275 
PHE CG  CD1  doub Y N 276 
PHE CG  CD2  sing Y N 277 
PHE CD1 CE1  sing Y N 278 
PHE CD1 HD1  sing N N 279 
PHE CD2 CE2  doub Y N 280 
PHE CD2 HD2  sing N N 281 
PHE CE1 CZ   doub Y N 282 
PHE CE1 HE1  sing N N 283 
PHE CE2 CZ   sing Y N 284 
PHE CE2 HE2  sing N N 285 
PHE CZ  HZ   sing N N 286 
PHE OXT HXT  sing N N 287 
PRO N   CA   sing N N 288 
PRO N   CD   sing N N 289 
PRO N   H    sing N N 290 
PRO CA  C    sing N N 291 
PRO CA  CB   sing N N 292 
PRO CA  HA   sing N N 293 
PRO C   O    doub N N 294 
PRO C   OXT  sing N N 295 
PRO CB  CG   sing N N 296 
PRO CB  HB2  sing N N 297 
PRO CB  HB3  sing N N 298 
PRO CG  CD   sing N N 299 
PRO CG  HG2  sing N N 300 
PRO CG  HG3  sing N N 301 
PRO CD  HD2  sing N N 302 
PRO CD  HD3  sing N N 303 
PRO OXT HXT  sing N N 304 
SER N   CA   sing N N 305 
SER N   H    sing N N 306 
SER N   H2   sing N N 307 
SER CA  C    sing N N 308 
SER CA  CB   sing N N 309 
SER CA  HA   sing N N 310 
SER C   O    doub N N 311 
SER C   OXT  sing N N 312 
SER CB  OG   sing N N 313 
SER CB  HB2  sing N N 314 
SER CB  HB3  sing N N 315 
SER OG  HG   sing N N 316 
SER OXT HXT  sing N N 317 
THR N   CA   sing N N 318 
THR N   H    sing N N 319 
THR N   H2   sing N N 320 
THR CA  C    sing N N 321 
THR CA  CB   sing N N 322 
THR CA  HA   sing N N 323 
THR C   O    doub N N 324 
THR C   OXT  sing N N 325 
THR CB  OG1  sing N N 326 
THR CB  CG2  sing N N 327 
THR CB  HB   sing N N 328 
THR OG1 HG1  sing N N 329 
THR CG2 HG21 sing N N 330 
THR CG2 HG22 sing N N 331 
THR CG2 HG23 sing N N 332 
THR OXT HXT  sing N N 333 
TRP N   CA   sing N N 334 
TRP N   H    sing N N 335 
TRP N   H2   sing N N 336 
TRP CA  C    sing N N 337 
TRP CA  CB   sing N N 338 
TRP CA  HA   sing N N 339 
TRP C   O    doub N N 340 
TRP C   OXT  sing N N 341 
TRP CB  CG   sing N N 342 
TRP CB  HB2  sing N N 343 
TRP CB  HB3  sing N N 344 
TRP CG  CD1  doub Y N 345 
TRP CG  CD2  sing Y N 346 
TRP CD1 NE1  sing Y N 347 
TRP CD1 HD1  sing N N 348 
TRP CD2 CE2  doub Y N 349 
TRP CD2 CE3  sing Y N 350 
TRP NE1 CE2  sing Y N 351 
TRP NE1 HE1  sing N N 352 
TRP CE2 CZ2  sing Y N 353 
TRP CE3 CZ3  doub Y N 354 
TRP CE3 HE3  sing N N 355 
TRP CZ2 CH2  doub Y N 356 
TRP CZ2 HZ2  sing N N 357 
TRP CZ3 CH2  sing Y N 358 
TRP CZ3 HZ3  sing N N 359 
TRP CH2 HH2  sing N N 360 
TRP OXT HXT  sing N N 361 
TYR N   CA   sing N N 362 
TYR N   H    sing N N 363 
TYR N   H2   sing N N 364 
TYR CA  C    sing N N 365 
TYR CA  CB   sing N N 366 
TYR CA  HA   sing N N 367 
TYR C   O    doub N N 368 
TYR C   OXT  sing N N 369 
TYR CB  CG   sing N N 370 
TYR CB  HB2  sing N N 371 
TYR CB  HB3  sing N N 372 
TYR CG  CD1  doub Y N 373 
TYR CG  CD2  sing Y N 374 
TYR CD1 CE1  sing Y N 375 
TYR CD1 HD1  sing N N 376 
TYR CD2 CE2  doub Y N 377 
TYR CD2 HD2  sing N N 378 
TYR CE1 CZ   doub Y N 379 
TYR CE1 HE1  sing N N 380 
TYR CE2 CZ   sing Y N 381 
TYR CE2 HE2  sing N N 382 
TYR CZ  OH   sing N N 383 
TYR OH  HH   sing N N 384 
TYR OXT HXT  sing N N 385 
VAL N   CA   sing N N 386 
VAL N   H    sing N N 387 
VAL N   H2   sing N N 388 
VAL CA  C    sing N N 389 
VAL CA  CB   sing N N 390 
VAL CA  HA   sing N N 391 
VAL C   O    doub N N 392 
VAL C   OXT  sing N N 393 
VAL CB  CG1  sing N N 394 
VAL CB  CG2  sing N N 395 
VAL CB  HB   sing N N 396 
VAL CG1 HG11 sing N N 397 
VAL CG1 HG12 sing N N 398 
VAL CG1 HG13 sing N N 399 
VAL CG2 HG21 sing N N 400 
VAL CG2 HG22 sing N N 401 
VAL CG2 HG23 sing N N 402 
VAL OXT HXT  sing N N 403 
# 
_atom_sites.entry_id                    5CX0 
_atom_sites.fract_transf_matrix[1][1]   -0.00253855 
_atom_sites.fract_transf_matrix[1][2]   -0.00894597 
_atom_sites.fract_transf_matrix[1][3]   -0.01731501 
_atom_sites.fract_transf_matrix[2][1]   0.00463544 
_atom_sites.fract_transf_matrix[2][2]   0.00934034 
_atom_sites.fract_transf_matrix[2][3]   -0.01665985 
_atom_sites.fract_transf_matrix[3][1]   0.00349104 
_atom_sites.fract_transf_matrix[3][2]   -0.00137673 
_atom_sites.fract_transf_matrix[3][3]   0.00019948 
_atom_sites.fract_transf_vector[1]      -0.034804 
_atom_sites.fract_transf_vector[2]      -0.337937 
_atom_sites.fract_transf_vector[3]      0.016436 
# 
loop_
_atom_type.symbol 
C  
CD 
N  
O  
S  
# 
loop_
_atom_site.group_PDB 
_atom_site.id 
_atom_site.type_symbol 
_atom_site.label_atom_id 
_atom_site.label_alt_id 
_atom_site.label_comp_id 
_atom_site.label_asym_id 
_atom_site.label_entity_id 
_atom_site.label_seq_id 
_atom_site.pdbx_PDB_ins_code 
_atom_site.Cartn_x 
_atom_site.Cartn_y 
_atom_site.Cartn_z 
_atom_site.occupancy 
_atom_site.B_iso_or_equiv 
_atom_site.pdbx_formal_charge 
_atom_site.auth_seq_id 
_atom_site.auth_comp_id 
_atom_site.auth_asym_id 
_atom_site.auth_atom_id 
_atom_site.pdbx_PDB_model_num 
ATOM   1    N  N   . MET A 1 1   ? 11.468  8.687   13.234  1.00 47.20  ? 1   MET A N   1 
ATOM   2    C  CA  . MET A 1 1   ? 12.191  9.495   12.227  1.00 47.02  ? 1   MET A CA  1 
ATOM   3    C  C   . MET A 1 1   ? 11.457  9.435   10.892  1.00 44.80  ? 1   MET A C   1 
ATOM   4    O  O   . MET A 1 1   ? 11.317  8.353   10.312  1.00 40.88  ? 1   MET A O   1 
ATOM   5    C  CB  . MET A 1 1   ? 13.619  8.985   12.071  1.00 48.30  ? 1   MET A CB  1 
ATOM   6    C  CG  . MET A 1 1   ? 14.485  9.895   11.201  1.00 55.47  ? 1   MET A CG  1 
ATOM   7    S  SD  . MET A 1 1   ? 15.852  8.987   10.429  1.00 72.76  ? 1   MET A SD  1 
ATOM   8    C  CE  . MET A 1 1   ? 16.752  8.342   11.874  1.00 62.23  ? 1   MET A CE  1 
ATOM   9    N  N   . ILE A 1 2   ? 10.972  10.592  10.429  1.00 40.59  ? 2   ILE A N   1 
ATOM   10   C  CA  . ILE A 1 2   ? 10.283  10.723  9.136   1.00 37.73  ? 2   ILE A CA  1 
ATOM   11   C  C   . ILE A 1 2   ? 11.257  10.441  7.944   1.00 39.55  ? 2   ILE A C   1 
ATOM   12   O  O   . ILE A 1 2   ? 12.371  10.919  7.952   1.00 46.74  ? 2   ILE A O   1 
ATOM   13   C  CB  . ILE A 1 2   ? 9.572   12.114  9.046   1.00 35.36  ? 2   ILE A CB  1 
ATOM   14   C  CG1 . ILE A 1 2   ? 8.362   12.177  9.998   1.00 38.07  ? 2   ILE A CG1 1 
ATOM   15   C  CG2 . ILE A 1 2   ? 9.067   12.421  7.650   1.00 32.95  ? 2   ILE A CG2 1 
ATOM   16   C  CD1 . ILE A 1 2   ? 7.767   13.559  10.203  1.00 32.27  ? 2   ILE A CD1 1 
ATOM   17   N  N   . ARG A 1 3   ? 10.842  9.661   6.935   1.00 38.55  ? 3   ARG A N   1 
ATOM   18   C  CA  . ARG A 1 3   ? 11.686  9.339   5.761   1.00 37.67  ? 3   ARG A CA  1 
ATOM   19   C  C   . ARG A 1 3   ? 11.207  10.006  4.487   1.00 36.43  ? 3   ARG A C   1 
ATOM   20   O  O   . ARG A 1 3   ? 10.012  10.255  4.349   1.00 35.08  ? 3   ARG A O   1 
ATOM   21   C  CB  . ARG A 1 3   ? 11.656  7.855   5.501   1.00 38.90  ? 3   ARG A CB  1 
ATOM   22   C  CG  . ARG A 1 3   ? 11.962  7.070   6.732   1.00 39.99  ? 3   ARG A CG  1 
ATOM   23   C  CD  . ARG A 1 3   ? 13.441  7.105   7.039   1.00 43.94  ? 3   ARG A CD  1 
ATOM   24   N  NE  . ARG A 1 3   ? 13.694  5.956   7.897   1.00 49.92  ? 3   ARG A NE  1 
ATOM   25   C  CZ  . ARG A 1 3   ? 14.238  4.801   7.521   1.00 46.46  ? 3   ARG A CZ  1 
ATOM   26   N  NH1 . ARG A 1 3   ? 14.699  4.602   6.278   1.00 43.14  ? 3   ARG A NH1 1 
ATOM   27   N  NH2 . ARG A 1 3   ? 14.352  3.849   8.432   1.00 42.46  ? 3   ARG A NH2 1 
ATOM   28   N  N   . ASP A 1 4   ? 12.125  10.297  3.558   1.00 37.19  ? 4   ASP A N   1 
ATOM   29   C  CA  . ASP A 1 4   ? 11.720  10.924  2.278   1.00 36.41  ? 4   ASP A CA  1 
ATOM   30   C  C   . ASP A 1 4   ? 10.932  9.844   1.542   1.00 35.80  ? 4   ASP A C   1 
ATOM   31   O  O   . ASP A 1 4   ? 11.365  8.690   1.490   1.00 32.55  ? 4   ASP A O   1 
ATOM   32   C  CB  . ASP A 1 4   ? 12.905  11.391  1.399   1.00 37.95  ? 4   ASP A CB  1 
ATOM   33   C  CG  . ASP A 1 4   ? 13.825  12.452  2.083   1.00 45.51  ? 4   ASP A CG  1 
ATOM   34   O  OD1 . ASP A 1 4   ? 13.363  13.381  2.794   1.00 45.62  ? 4   ASP A OD1 1 
ATOM   35   O  OD2 . ASP A 1 4   ? 15.049  12.377  1.860   1.00 47.39  ? 4   ASP A OD2 1 
ATOM   36   N  N   . ILE A 1 5   ? 9.758   10.205  1.024   1.00 32.81  ? 5   ILE A N   1 
ATOM   37   C  CA  . ILE A 1 5   ? 8.964   9.325   0.171   1.00 30.97  ? 5   ILE A CA  1 
ATOM   38   C  C   . ILE A 1 5   ? 9.452   9.497   -1.259  1.00 32.33  ? 5   ILE A C   1 
ATOM   39   O  O   . ILE A 1 5   ? 9.499   10.611  -1.765  1.00 36.29  ? 5   ILE A O   1 
ATOM   40   C  CB  . ILE A 1 5   ? 7.479   9.697   0.281   1.00 29.40  ? 5   ILE A CB  1 
ATOM   41   C  CG1 . ILE A 1 5   ? 7.075   9.669   1.763   1.00 27.52  ? 5   ILE A CG1 1 
ATOM   42   C  CG2 . ILE A 1 5   ? 6.651   8.792   -0.601  1.00 26.54  ? 5   ILE A CG2 1 
ATOM   43   C  CD1 . ILE A 1 5   ? 5.602   9.588   2.057   1.00 28.64  ? 5   ILE A CD1 1 
ATOM   44   N  N   . ILE A 1 6   ? 9.869   8.430   -1.918  1.00 30.25  ? 6   ILE A N   1 
ATOM   45   C  CA  . ILE A 1 6   ? 10.375  8.608   -3.278  1.00 31.95  ? 6   ILE A CA  1 
ATOM   46   C  C   . ILE A 1 6   ? 9.209   8.715   -4.282  1.00 33.86  ? 6   ILE A C   1 
ATOM   47   O  O   . ILE A 1 6   ? 8.146   8.146   -4.056  1.00 34.22  ? 6   ILE A O   1 
ATOM   48   C  CB  . ILE A 1 6   ? 11.437  7.541   -3.700  1.00 29.16  ? 6   ILE A CB  1 
ATOM   49   C  CG1 . ILE A 1 6   ? 10.832  6.117   -3.686  1.00 26.89  ? 6   ILE A CG1 1 
ATOM   50   C  CG2 . ILE A 1 6   ? 12.700  7.723   -2.849  1.00 27.65  ? 6   ILE A CG2 1 
ATOM   51   C  CD1 . ILE A 1 6   ? 11.765  5.035   -4.149  1.00 23.90  ? 6   ILE A CD1 1 
ATOM   52   N  N   . ARG A 1 7   ? 9.421   9.441   -5.379  1.00 33.77  ? 7   ARG A N   1 
ATOM   53   C  CA  . ARG A 1 7   ? 8.369   9.644   -6.362  1.00 32.67  ? 7   ARG A CA  1 
ATOM   54   C  C   . ARG A 1 7   ? 8.433   8.754   -7.616  1.00 33.80  ? 7   ARG A C   1 
ATOM   55   O  O   . ARG A 1 7   ? 9.523   8.281   -8.035  1.00 34.23  ? 7   ARG A O   1 
ATOM   56   C  CB  . ARG A 1 7   ? 8.268   11.138  -6.699  1.00 36.26  ? 7   ARG A CB  1 
ATOM   57   C  CG  . ARG A 1 7   ? 7.662   11.944  -5.550  1.00 39.31  ? 7   ARG A CG  1 
ATOM   58   C  CD  . ARG A 1 7   ? 7.867   13.444  -5.656  1.00 43.67  ? 7   ARG A CD  1 
ATOM   59   N  NE  . ARG A 1 7   ? 9.144   13.792  -6.269  1.00 52.94  ? 7   ARG A NE  1 
ATOM   60   C  CZ  . ARG A 1 7   ? 9.276   14.655  -7.275  1.00 57.85  ? 7   ARG A CZ  1 
ATOM   61   N  NH1 . ARG A 1 7   ? 8.199   15.279  -7.785  1.00 56.38  ? 7   ARG A NH1 1 
ATOM   62   N  NH2 . ARG A 1 7   ? 10.490  14.904  -7.761  1.00 55.75  ? 7   ARG A NH2 1 
ATOM   63   N  N   . MET A 1 8   ? 7.248   8.561   -8.223  1.00 36.10  ? 8   MET A N   1 
ATOM   64   C  CA  . MET A 1 8   ? 7.041   7.797   -9.481  1.00 32.88  ? 8   MET A CA  1 
ATOM   65   C  C   . MET A 1 8   ? 8.055   8.210   -10.506 1.00 32.57  ? 8   MET A C   1 
ATOM   66   O  O   . MET A 1 8   ? 8.375   9.393   -10.633 1.00 32.48  ? 8   MET A O   1 
ATOM   67   C  CB  . MET A 1 8   ? 5.660   8.017   -10.055 1.00 33.15  ? 8   MET A CB  1 
ATOM   68   C  CG  . MET A 1 8   ? 5.387   7.067   -11.224 1.00 38.65  ? 8   MET A CG  1 
ATOM   69   S  SD  . MET A 1 8   ? 3.676   7.170   -11.805 1.00 37.20  ? 8   MET A SD  1 
ATOM   70   C  CE  . MET A 1 8   ? 3.661   8.833   -12.444 1.00 39.17  ? 8   MET A CE  1 
ATOM   71   N  N   . GLY A 1 9   ? 8.580   7.230   -11.216 1.00 32.59  ? 9   GLY A N   1 
ATOM   72   C  CA  . GLY A 1 9   ? 9.756   7.464   -12.024 1.00 36.57  ? 9   GLY A CA  1 
ATOM   73   C  C   . GLY A 1 9   ? 11.037  7.020   -11.333 1.00 36.09  ? 9   GLY A C   1 
ATOM   74   O  O   . GLY A 1 9   ? 12.056  6.868   -11.980 1.00 36.66  ? 9   GLY A O   1 
ATOM   75   N  N   . ASP A 1 10  ? 11.014  6.837   -10.014 1.00 38.21  ? 10  ASP A N   1 
ATOM   76   C  CA  . ASP A 1 10  ? 12.214  6.346   -9.355  1.00 35.79  ? 10  ASP A CA  1 
ATOM   77   C  C   . ASP A 1 10  ? 12.327  4.866   -9.653  1.00 34.90  ? 10  ASP A C   1 
ATOM   78   O  O   . ASP A 1 10  ? 11.353  4.113   -9.531  1.00 31.90  ? 10  ASP A O   1 
ATOM   79   C  CB  . ASP A 1 10  ? 12.164  6.564   -7.863  1.00 35.25  ? 10  ASP A CB  1 
ATOM   80   C  CG  . ASP A 1 10  ? 13.515  6.385   -7.217  1.00 38.85  ? 10  ASP A CG  1 
ATOM   81   O  OD1 . ASP A 1 10  ? 14.137  5.304   -7.352  1.00 41.29  ? 10  ASP A OD1 1 
ATOM   82   O  OD2 . ASP A 1 10  ? 13.952  7.332   -6.554  1.00 36.86  ? 10  ASP A OD2 1 
ATOM   83   N  N   . LYS A 1 11  ? 13.526  4.469   -10.048 1.00 33.61  ? 11  LYS A N   1 
ATOM   84   C  CA  . LYS A 1 11  ? 13.784  3.123   -10.490 1.00 37.44  ? 11  LYS A CA  1 
ATOM   85   C  C   . LYS A 1 11  ? 13.454  2.170   -9.306  1.00 36.33  ? 11  LYS A C   1 
ATOM   86   O  O   . LYS A 1 11  ? 12.997  1.015   -9.471  1.00 32.95  ? 11  LYS A O   1 
ATOM   87   C  CB  . LYS A 1 11  ? 15.257  3.039   -10.955 1.00 42.11  ? 11  LYS A CB  1 
ATOM   88   C  CG  . LYS A 1 11  ? 15.486  2.168   -12.168 1.00 46.72  ? 11  LYS A CG  1 
ATOM   89   C  CD  . LYS A 1 11  ? 16.354  2.827   -13.241 1.00 56.21  ? 11  LYS A CD  1 
ATOM   90   C  CE  . LYS A 1 11  ? 16.198  2.039   -14.544 1.00 60.12  ? 11  LYS A CE  1 
ATOM   91   N  NZ  . LYS A 1 11  ? 16.586  2.819   -15.743 1.00 64.15  ? 11  LYS A NZ  1 
ATOM   92   N  N   . ARG A 1 12  ? 13.643  2.682   -8.102  1.00 31.03  ? 12  ARG A N   1 
ATOM   93   C  CA  . ARG A 1 12  ? 13.475  1.840   -6.937  1.00 32.74  ? 12  ARG A CA  1 
ATOM   94   C  C   . ARG A 1 12  ? 12.039  1.402   -6.623  1.00 33.73  ? 12  ARG A C   1 
ATOM   95   O  O   . ARG A 1 12  ? 11.838  0.483   -5.831  1.00 37.92  ? 12  ARG A O   1 
ATOM   96   C  CB  . ARG A 1 12  ? 14.157  2.492   -5.733  1.00 30.88  ? 12  ARG A CB  1 
ATOM   97   C  CG  . ARG A 1 12  ? 15.663  2.524   -5.927  1.00 30.57  ? 12  ARG A CG  1 
ATOM   98   C  CD  . ARG A 1 12  ? 16.332  3.325   -4.840  1.00 31.21  ? 12  ARG A CD  1 
ATOM   99   N  NE  . ARG A 1 12  ? 15.944  4.723   -4.912  1.00 31.06  ? 12  ARG A NE  1 
ATOM   100  C  CZ  . ARG A 1 12  ? 16.433  5.645   -4.089  1.00 34.39  ? 12  ARG A CZ  1 
ATOM   101  N  NH1 . ARG A 1 12  ? 17.302  5.300   -3.140  1.00 32.49  ? 12  ARG A NH1 1 
ATOM   102  N  NH2 . ARG A 1 12  ? 16.030  6.904   -4.187  1.00 33.03  ? 12  ARG A NH2 1 
ATOM   103  N  N   . LEU A 1 13  ? 11.050  2.059   -7.226  1.00 30.79  ? 13  LEU A N   1 
ATOM   104  C  CA  . LEU A 1 13  ? 9.647   1.685   -7.072  1.00 28.60  ? 13  LEU A CA  1 
ATOM   105  C  C   . LEU A 1 13  ? 9.245   0.525   -7.991  1.00 27.90  ? 13  LEU A C   1 
ATOM   106  O  O   . LEU A 1 13  ? 8.161   -0.063  -7.846  1.00 25.60  ? 13  LEU A O   1 
ATOM   107  C  CB  . LEU A 1 13  ? 8.785   2.895   -7.373  1.00 30.93  ? 13  LEU A CB  1 
ATOM   108  C  CG  . LEU A 1 13  ? 8.840   4.009   -6.323  1.00 33.23  ? 13  LEU A CG  1 
ATOM   109  C  CD1 . LEU A 1 13  ? 8.045   5.168   -6.890  1.00 33.09  ? 13  LEU A CD1 1 
ATOM   110  C  CD2 . LEU A 1 13  ? 8.271   3.555   -4.980  1.00 32.54  ? 13  LEU A CD2 1 
ATOM   111  N  N   . LEU A 1 14  ? 10.137  0.203   -8.929  1.00 27.63  ? 14  LEU A N   1 
ATOM   112  C  CA  . LEU A 1 14  ? 9.923   -0.808  -9.969  1.00 28.55  ? 14  LEU A CA  1 
ATOM   113  C  C   . LEU A 1 14  ? 10.496  -2.193  -9.623  1.00 29.97  ? 14  LEU A C   1 
ATOM   114  O  O   . LEU A 1 14  ? 10.258  -3.154  -10.374 1.00 30.31  ? 14  LEU A O   1 
ATOM   115  C  CB  . LEU A 1 14  ? 10.475  -0.296  -11.331 1.00 28.90  ? 14  LEU A CB  1 
ATOM   116  C  CG  . LEU A 1 14  ? 9.916   1.108   -11.719 1.00 30.54  ? 14  LEU A CG  1 
ATOM   117  C  CD1 . LEU A 1 14  ? 10.640  1.737   -12.906 1.00 25.89  ? 14  LEU A CD1 1 
ATOM   118  C  CD2 . LEU A 1 14  ? 8.359   1.121   -11.853 1.00 28.05  ? 14  LEU A CD2 1 
ATOM   119  N  N   . ARG A 1 15  ? 11.207  -2.295  -8.488  1.00 30.63  ? 15  ARG A N   1 
ATOM   120  C  CA  . ARG A 1 15  ? 11.836  -3.551  -8.012  1.00 31.97  ? 15  ARG A CA  1 
ATOM   121  C  C   . ARG A 1 15  ? 10.848  -4.557  -7.454  1.00 33.88  ? 15  ARG A C   1 
ATOM   122  O  O   . ARG A 1 15  ? 9.765   -4.175  -7.024  1.00 35.82  ? 15  ARG A O   1 
ATOM   123  C  CB  . ARG A 1 15  ? 12.791  -3.242  -6.872  1.00 33.88  ? 15  ARG A CB  1 
ATOM   124  C  CG  . ARG A 1 15  ? 14.050  -2.526  -7.268  1.00 36.63  ? 15  ARG A CG  1 
ATOM   125  C  CD  . ARG A 1 15  ? 14.981  -2.523  -6.101  1.00 37.38  ? 15  ARG A CD  1 
ATOM   126  N  NE  . ARG A 1 15  ? 14.485  -1.655  -5.044  1.00 41.21  ? 15  ARG A NE  1 
ATOM   127  C  CZ  . ARG A 1 15  ? 15.294  -0.907  -4.288  1.00 43.11  ? 15  ARG A CZ  1 
ATOM   128  N  NH1 . ARG A 1 15  ? 16.599  -0.916  -4.508  1.00 40.58  ? 15  ARG A NH1 1 
ATOM   129  N  NH2 . ARG A 1 15  ? 14.810  -0.143  -3.324  1.00 43.07  ? 15  ARG A NH2 1 
ATOM   130  N  N   . VAL A 1 16  ? 11.239  -5.831  -7.416  1.00 31.32  ? 16  VAL A N   1 
ATOM   131  C  CA  . VAL A 1 16  ? 10.481  -6.832  -6.688  1.00 29.60  ? 16  VAL A CA  1 
ATOM   132  C  C   . VAL A 1 16  ? 11.174  -7.105  -5.321  1.00 32.71  ? 16  VAL A C   1 
ATOM   133  O  O   . VAL A 1 16  ? 12.278  -7.629  -5.257  1.00 33.53  ? 16  VAL A O   1 
ATOM   134  C  CB  . VAL A 1 16  ? 10.410  -8.129  -7.496  1.00 30.00  ? 16  VAL A CB  1 
ATOM   135  C  CG1 . VAL A 1 16  ? 9.646   -9.201  -6.708  1.00 25.92  ? 16  VAL A CG1 1 
ATOM   136  C  CG2 . VAL A 1 16  ? 9.817   -7.871  -8.883  1.00 25.01  ? 16  VAL A CG2 1 
ATOM   137  N  N   . ALA A 1 17  ? 10.520  -6.746  -4.226  1.00 33.43  ? 17  ALA A N   1 
ATOM   138  C  CA  . ALA A 1 17  ? 11.184  -6.639  -2.950  1.00 31.05  ? 17  ALA A CA  1 
ATOM   139  C  C   . ALA A 1 17  ? 11.348  -8.032  -2.337  1.00 32.43  ? 17  ALA A C   1 
ATOM   140  O  O   . ALA A 1 17  ? 10.422  -8.863  -2.437  1.00 31.03  ? 17  ALA A O   1 
ATOM   141  C  CB  . ALA A 1 17  ? 10.398  -5.723  -2.035  1.00 27.72  ? 17  ALA A CB  1 
ATOM   142  N  N   . PRO A 1 18  ? 12.534  -8.318  -1.743  1.00 31.56  ? 18  PRO A N   1 
ATOM   143  C  CA  . PRO A 1 18  ? 12.747  -9.599  -1.049  1.00 32.59  ? 18  PRO A CA  1 
ATOM   144  C  C   . PRO A 1 18  ? 11.961  -9.634  0.258   1.00 33.51  ? 18  PRO A C   1 
ATOM   145  O  O   . PRO A 1 18  ? 11.471  -8.592  0.729   1.00 36.51  ? 18  PRO A O   1 
ATOM   146  C  CB  . PRO A 1 18  ? 14.259  -9.608  -0.741  1.00 31.28  ? 18  PRO A CB  1 
ATOM   147  C  CG  . PRO A 1 18  ? 14.622  -8.158  -0.670  1.00 33.93  ? 18  PRO A CG  1 
ATOM   148  C  CD  . PRO A 1 18  ? 13.740  -7.468  -1.703  1.00 32.13  ? 18  PRO A CD  1 
ATOM   149  N  N   . GLN A 1 19  ? 11.850  -10.821 0.832   1.00 34.12  ? 19  GLN A N   1 
ATOM   150  C  CA  . GLN A 1 19  ? 11.141  -11.012 2.066   1.00 34.33  ? 19  GLN A CA  1 
ATOM   151  C  C   . GLN A 1 19  ? 11.828  -10.384 3.270   1.00 32.46  ? 19  GLN A C   1 
ATOM   152  O  O   . GLN A 1 19  ? 13.044  -10.199 3.295   1.00 32.49  ? 19  GLN A O   1 
ATOM   153  C  CB  . GLN A 1 19  ? 11.040  -12.483 2.319   1.00 36.03  ? 19  GLN A CB  1 
ATOM   154  C  CG  . GLN A 1 19  ? 9.858   -13.137 1.669   1.00 45.41  ? 19  GLN A CG  1 
ATOM   155  C  CD  . GLN A 1 19  ? 9.794   -14.589 2.124   1.00 53.13  ? 19  GLN A CD  1 
ATOM   156  O  OE1 . GLN A 1 19  ? 10.813  -15.137 2.585   1.00 47.38  ? 19  GLN A OE1 1 
ATOM   157  N  NE2 . GLN A 1 19  ? 8.610   -15.218 2.018   1.00 50.01  ? 19  GLN A NE2 1 
ATOM   158  N  N   . VAL A 1 20  ? 11.041  -10.103 4.292   1.00 29.27  ? 20  VAL A N   1 
ATOM   159  C  CA  . VAL A 1 20  ? 11.582  -9.690  5.569   1.00 29.86  ? 20  VAL A CA  1 
ATOM   160  C  C   . VAL A 1 20  ? 12.082  -10.958 6.298   1.00 30.02  ? 20  VAL A C   1 
ATOM   161  O  O   . VAL A 1 20  ? 11.384  -11.998 6.329   1.00 26.67  ? 20  VAL A O   1 
ATOM   162  C  CB  . VAL A 1 20  ? 10.471  -9.009  6.448   1.00 31.46  ? 20  VAL A CB  1 
ATOM   163  C  CG1 . VAL A 1 20  ? 10.979  -8.740  7.849   1.00 27.70  ? 20  VAL A CG1 1 
ATOM   164  C  CG2 . VAL A 1 20  ? 9.931   -7.731  5.816   1.00 32.11  ? 20  VAL A CG2 1 
ATOM   165  N  N   . THR A 1 21  ? 13.265  -10.883 6.909   1.00 28.79  ? 21  THR A N   1 
ATOM   166  C  CA  . THR A 1 21  ? 13.777  -12.072 7.615   1.00 28.22  ? 21  THR A CA  1 
ATOM   167  C  C   . THR A 1 21  ? 14.251  -11.743 9.027   1.00 28.18  ? 21  THR A C   1 
ATOM   168  O  O   . THR A 1 21  ? 14.790  -12.618 9.723   1.00 34.28  ? 21  THR A O   1 
ATOM   169  C  CB  . THR A 1 21  ? 14.908  -12.744 6.839   1.00 27.21  ? 21  THR A CB  1 
ATOM   170  O  OG1 . THR A 1 21  ? 15.944  -11.783 6.638   1.00 28.64  ? 21  THR A OG1 1 
ATOM   171  C  CG2 . THR A 1 21  ? 14.417  -13.207 5.488   1.00 25.66  ? 21  THR A CG2 1 
ATOM   172  N  N   . ASN A 1 22  ? 13.997  -10.510 9.467   1.00 26.37  ? 22  ASN A N   1 
ATOM   173  C  CA  . ASN A 1 22  ? 14.262  -10.118 10.840  1.00 26.46  ? 22  ASN A CA  1 
ATOM   174  C  C   . ASN A 1 22  ? 13.076  -9.824  11.724  1.00 26.92  ? 22  ASN A C   1 
ATOM   175  O  O   . ASN A 1 22  ? 13.155  -8.906  12.598  1.00 27.06  ? 22  ASN A O   1 
ATOM   176  C  CB  . ASN A 1 22  ? 15.289  -8.984  10.923  1.00 27.69  ? 22  ASN A CB  1 
ATOM   177  C  CG  . ASN A 1 22  ? 14.822  -7.679  10.264  1.00 29.75  ? 22  ASN A CG  1 
ATOM   178  O  OD1 . ASN A 1 22  ? 15.472  -6.674  10.466  1.00 34.11  ? 22  ASN A OD1 1 
ATOM   179  N  ND2 . ASN A 1 22  ? 13.730  -7.682  9.488   1.00 25.56  ? 22  ASN A ND2 1 
ATOM   180  N  N   . LEU A 1 23  ? 12.012  -10.622 11.569  1.00 23.93  ? 23  LEU A N   1 
ATOM   181  C  CA  . LEU A 1 23  ? 10.860  -10.466 12.475  1.00 26.18  ? 23  LEU A CA  1 
ATOM   182  C  C   . LEU A 1 23  ? 11.330  -10.422 13.933  1.00 29.91  ? 23  LEU A C   1 
ATOM   183  O  O   . LEU A 1 23  ? 12.324  -11.096 14.303  1.00 32.74  ? 23  LEU A O   1 
ATOM   184  C  CB  . LEU A 1 23  ? 9.811   -11.588 12.274  1.00 23.85  ? 23  LEU A CB  1 
ATOM   185  C  CG  . LEU A 1 23  ? 9.289   -11.604 10.828  1.00 23.04  ? 23  LEU A CG  1 
ATOM   186  C  CD1 . LEU A 1 23  ? 8.417   -12.811 10.628  1.00 19.57  ? 23  LEU A CD1 1 
ATOM   187  C  CD2 . LEU A 1 23  ? 8.575   -10.299 10.454  1.00 22.03  ? 23  LEU A CD2 1 
ATOM   188  N  N   . GLY A 1 24  ? 10.638  -9.626  14.751  1.00 30.48  ? 24  GLY A N   1 
ATOM   189  C  CA  . GLY A 1 24  ? 10.874  -9.625  16.209  1.00 27.63  ? 24  GLY A CA  1 
ATOM   190  C  C   . GLY A 1 24  ? 12.067  -8.791  16.647  1.00 28.88  ? 24  GLY A C   1 
ATOM   191  O  O   . GLY A 1 24  ? 12.348  -8.693  17.840  1.00 31.47  ? 24  GLY A O   1 
ATOM   192  N  N   . SER A 1 25  ? 12.764  -8.183  15.694  1.00 28.45  ? 25  SER A N   1 
ATOM   193  C  CA  . SER A 1 25  ? 14.020  -7.545  15.983  1.00 29.03  ? 25  SER A CA  1 
ATOM   194  C  C   . SER A 1 25  ? 13.844  -6.055  16.205  1.00 31.86  ? 25  SER A C   1 
ATOM   195  O  O   . SER A 1 25  ? 12.840  -5.497  15.788  1.00 35.55  ? 25  SER A O   1 
ATOM   196  C  CB  . SER A 1 25  ? 14.959  -7.756  14.796  1.00 27.93  ? 25  SER A CB  1 
ATOM   197  O  OG  . SER A 1 25  ? 14.643  -6.891  13.718  1.00 25.80  ? 25  SER A OG  1 
ATOM   198  N  N   . ALA A 1 26  ? 14.855  -5.405  16.788  1.00 31.52  ? 26  ALA A N   1 
ATOM   199  C  CA  . ALA A 1 26  ? 14.830  -3.987  17.110  1.00 30.23  ? 26  ALA A CA  1 
ATOM   200  C  C   . ALA A 1 26  ? 14.883  -3.154  15.818  1.00 34.38  ? 26  ALA A C   1 
ATOM   201  O  O   . ALA A 1 26  ? 14.219  -2.112  15.724  1.00 37.34  ? 26  ALA A O   1 
ATOM   202  C  CB  . ALA A 1 26  ? 15.992  -3.628  18.026  1.00 24.66  ? 26  ALA A CB  1 
ATOM   203  N  N   . GLU A 1 27  ? 15.658  -3.607  14.822  1.00 32.98  ? 27  GLU A N   1 
ATOM   204  C  CA  . GLU A 1 27  ? 15.807  -2.875  13.565  1.00 32.20  ? 27  GLU A CA  1 
ATOM   205  C  C   . GLU A 1 27  ? 14.468  -2.839  12.827  1.00 31.82  ? 27  GLU A C   1 
ATOM   206  O  O   . GLU A 1 27  ? 14.085  -1.836  12.263  1.00 32.60  ? 27  GLU A O   1 
ATOM   207  C  CB  . GLU A 1 27  ? 16.864  -3.511  12.661  1.00 33.85  ? 27  GLU A CB  1 
ATOM   208  C  CG  . GLU A 1 27  ? 18.300  -3.438  13.178  1.00 42.19  ? 27  GLU A CG  1 
ATOM   209  C  CD  . GLU A 1 27  ? 18.594  -4.384  14.364  1.00 49.75  ? 27  GLU A CD  1 
ATOM   210  O  OE1 . GLU A 1 27  ? 17.739  -5.221  14.756  1.00 55.23  ? 27  GLU A OE1 1 
ATOM   211  O  OE2 . GLU A 1 27  ? 19.698  -4.283  14.938  1.00 57.78  ? 27  GLU A OE2 1 
ATOM   212  N  N   . LEU A 1 28  ? 13.776  -3.954  12.829  1.00 30.31  ? 28  LEU A N   1 
ATOM   213  C  CA  . LEU A 1 28  ? 12.525  -4.020  12.178  1.00 30.66  ? 28  LEU A CA  1 
ATOM   214  C  C   . LEU A 1 28  ? 11.567  -3.123  12.938  1.00 31.46  ? 28  LEU A C   1 
ATOM   215  O  O   . LEU A 1 28  ? 10.893  -2.336  12.302  1.00 33.07  ? 28  LEU A O   1 
ATOM   216  C  CB  . LEU A 1 28  ? 11.990  -5.450  12.075  1.00 27.04  ? 28  LEU A CB  1 
ATOM   217  C  CG  . LEU A 1 28  ? 10.653  -5.505  11.337  1.00 28.74  ? 28  LEU A CG  1 
ATOM   218  C  CD1 . LEU A 1 28  ? 10.778  -5.192  9.833   1.00 26.72  ? 28  LEU A CD1 1 
ATOM   219  C  CD2 . LEU A 1 28  ? 9.933   -6.822  11.587  1.00 29.12  ? 28  LEU A CD2 1 
ATOM   220  N  N   . HIS A 1 29  ? 11.505  -3.213  14.269  1.00 31.95  ? 29  HIS A N   1 
ATOM   221  C  CA  . HIS A 1 29  ? 10.601  -2.314  15.018  1.00 32.10  ? 29  HIS A CA  1 
ATOM   222  C  C   . HIS A 1 29  ? 10.910  -0.844  14.666  1.00 31.46  ? 29  HIS A C   1 
ATOM   223  O  O   . HIS A 1 29  ? 10.006  -0.030  14.518  1.00 29.73  ? 29  HIS A O   1 
ATOM   224  C  CB  . HIS A 1 29  ? 10.530  -2.597  16.528  1.00 34.85  ? 29  HIS A CB  1 
ATOM   225  C  CG  . HIS A 1 29  ? 9.600   -3.754  16.887  1.00 49.87  ? 29  HIS A CG  1 
ATOM   226  N  ND1 . HIS A 1 29  ? 9.979   -5.093  16.819  1.00 43.32  ? 29  HIS A ND1 1 
ATOM   227  C  CD2 . HIS A 1 29  ? 8.303   -3.763  17.311  1.00 52.89  ? 29  HIS A CD2 1 
ATOM   228  C  CE1 . HIS A 1 29  ? 8.975   -5.865  17.202  1.00 43.28  ? 29  HIS A CE1 1 
ATOM   229  N  NE2 . HIS A 1 29  ? 7.946   -5.086  17.503  1.00 51.02  ? 29  HIS A NE2 1 
ATOM   230  N  N   . ALA A 1 30  ? 12.176  -0.514  14.446  1.00 29.75  ? 30  ALA A N   1 
ATOM   231  C  CA  . ALA A 1 30  ? 12.525  0.894   14.306  1.00 31.12  ? 30  ALA A CA  1 
ATOM   232  C  C   . ALA A 1 30  ? 12.024  1.358   12.968  1.00 32.26  ? 30  ALA A C   1 
ATOM   233  O  O   . ALA A 1 30  ? 11.522  2.456   12.854  1.00 35.16  ? 30  ALA A O   1 
ATOM   234  C  CB  . ALA A 1 30  ? 14.030  1.114   14.434  1.00 27.84  ? 30  ALA A CB  1 
ATOM   235  N  N   . LEU A 1 31  ? 12.197  0.498   11.966  1.00 32.65  ? 31  LEU A N   1 
ATOM   236  C  CA  . LEU A 1 31  ? 11.780  0.738   10.612  1.00 30.21  ? 31  LEU A CA  1 
ATOM   237  C  C   . LEU A 1 31  ? 10.239  0.886   10.541  1.00 32.22  ? 31  LEU A C   1 
ATOM   238  O  O   . LEU A 1 31  ? 9.753   1.805   9.868   1.00 34.35  ? 31  LEU A O   1 
ATOM   239  C  CB  . LEU A 1 31  ? 12.313  -0.360  9.666   1.00 27.57  ? 31  LEU A CB  1 
ATOM   240  C  CG  . LEU A 1 31  ? 11.718  -0.219  8.246   1.00 29.11  ? 31  LEU A CG  1 
ATOM   241  C  CD1 . LEU A 1 31  ? 12.237  1.011   7.508   1.00 24.50  ? 31  LEU A CD1 1 
ATOM   242  C  CD2 . LEU A 1 31  ? 11.907  -1.445  7.375   1.00 28.81  ? 31  LEU A CD2 1 
ATOM   243  N  N   . VAL A 1 32  ? 9.471   0.048   11.245  1.00 29.55  ? 32  VAL A N   1 
ATOM   244  C  CA  . VAL A 1 32  ? 8.032   0.209   11.149  1.00 30.00  ? 32  VAL A CA  1 
ATOM   245  C  C   . VAL A 1 32  ? 7.528   1.456   11.811  1.00 31.47  ? 32  VAL A C   1 
ATOM   246  O  O   . VAL A 1 32  ? 6.545   2.071   11.379  1.00 33.70  ? 32  VAL A O   1 
ATOM   247  C  CB  . VAL A 1 32  ? 7.170   -1.065  11.335  1.00 30.00  ? 32  VAL A CB  1 
ATOM   248  C  CG1 . VAL A 1 32  ? 8.027   -2.290  11.384  1.00 28.32  ? 32  VAL A CG1 1 
ATOM   249  C  CG2 . VAL A 1 32  ? 6.101   -0.939  12.412  1.00 27.15  ? 32  VAL A CG2 1 
ATOM   250  N  N   . SER A 1 33  ? 8.237   1.831   12.856  1.00 31.81  ? 33  SER A N   1 
ATOM   251  C  CA  . SER A 1 33  ? 7.991   3.070   13.585  1.00 30.67  ? 33  SER A CA  1 
ATOM   252  C  C   . SER A 1 33  ? 8.060   4.277   12.651  1.00 30.42  ? 33  SER A C   1 
ATOM   253  O  O   . SER A 1 33  ? 7.137   5.099   12.565  1.00 28.37  ? 33  SER A O   1 
ATOM   254  C  CB  . SER A 1 33  ? 9.056   3.212   14.643  1.00 29.44  ? 33  SER A CB  1 
ATOM   255  O  OG  . SER A 1 33  ? 8.446   3.484   15.876  1.00 37.14  ? 33  SER A OG  1 
ATOM   256  N  N   . ASP A 1 34  ? 9.179   4.332   11.950  1.00 29.69  ? 34  ASP A N   1 
ATOM   257  C  CA  . ASP A 1 34  ? 9.428   5.281   10.915  1.00 33.78  ? 34  ASP A CA  1 
ATOM   258  C  C   . ASP A 1 34  ? 8.313   5.267   9.895   1.00 33.97  ? 34  ASP A C   1 
ATOM   259  O  O   . ASP A 1 34  ? 7.818   6.315   9.491   1.00 35.86  ? 34  ASP A O   1 
ATOM   260  C  CB  . ASP A 1 34  ? 10.739  4.914   10.209  1.00 33.55  ? 34  ASP A CB  1 
ATOM   261  C  CG  . ASP A 1 34  ? 11.986  5.260   11.039  1.00 32.56  ? 34  ASP A CG  1 
ATOM   262  O  OD1 . ASP A 1 34  ? 11.864  5.798   12.172  1.00 26.75  ? 34  ASP A OD1 1 
ATOM   263  O  OD2 . ASP A 1 34  ? 13.099  4.998   10.502  1.00 34.42  ? 34  ASP A OD2 1 
ATOM   264  N  N   . MET A 1 35  ? 7.909   4.073   9.479   1.00 34.46  ? 35  MET A N   1 
ATOM   265  C  CA  . MET A 1 35  ? 6.844   3.954   8.488   1.00 29.66  ? 35  MET A CA  1 
ATOM   266  C  C   . MET A 1 35  ? 5.515   4.539   8.889   1.00 27.75  ? 35  MET A C   1 
ATOM   267  O  O   . MET A 1 35  ? 4.970   5.369   8.170   1.00 29.60  ? 35  MET A O   1 
ATOM   268  C  CB  . MET A 1 35  ? 6.728   2.555   7.998   1.00 26.88  ? 35  MET A CB  1 
ATOM   269  C  CG  . MET A 1 35  ? 7.980   2.262   7.200   1.00 26.35  ? 35  MET A CG  1 
ATOM   270  S  SD  . MET A 1 35  ? 7.909   0.606   6.504   1.00 29.11  ? 35  MET A SD  1 
ATOM   271  C  CE  . MET A 1 35  ? 6.493   0.679   5.366   1.00 26.32  ? 35  MET A CE  1 
ATOM   272  N  N   . PHE A 1 36  ? 5.029   4.178   10.055  1.00 26.66  ? 36  PHE A N   1 
ATOM   273  C  CA  . PHE A 1 36  ? 3.833   4.831   10.598  1.00 27.83  ? 36  PHE A CA  1 
ATOM   274  C  C   . PHE A 1 36  ? 4.005   6.348   10.713  1.00 31.47  ? 36  PHE A C   1 
ATOM   275  O  O   . PHE A 1 36  ? 3.077   7.130   10.424  1.00 29.18  ? 36  PHE A O   1 
ATOM   276  C  CB  . PHE A 1 36  ? 3.541   4.300   11.977  1.00 25.46  ? 36  PHE A CB  1 
ATOM   277  C  CG  . PHE A 1 36  ? 2.871   2.976   11.959  1.00 27.46  ? 36  PHE A CG  1 
ATOM   278  C  CD1 . PHE A 1 36  ? 1.606   2.835   11.387  1.00 26.00  ? 36  PHE A CD1 1 
ATOM   279  C  CD2 . PHE A 1 36  ? 3.506   1.845   12.505  1.00 26.04  ? 36  PHE A CD2 1 
ATOM   280  C  CE1 . PHE A 1 36  ? 0.980   1.601   11.370  1.00 27.26  ? 36  PHE A CE1 1 
ATOM   281  C  CE2 . PHE A 1 36  ? 2.858   0.618   12.530  1.00 25.19  ? 36  PHE A CE2 1 
ATOM   282  C  CZ  . PHE A 1 36  ? 1.611   0.486   11.943  1.00 25.29  ? 36  PHE A CZ  1 
ATOM   283  N  N   . GLU A 1 37  ? 5.193   6.756   11.151  1.00 28.79  ? 37  GLU A N   1 
ATOM   284  C  CA  . GLU A 1 37  ? 5.453   8.135   11.296  1.00 28.39  ? 37  GLU A CA  1 
ATOM   285  C  C   . GLU A 1 37  ? 5.491   8.844   9.958   1.00 30.39  ? 37  GLU A C   1 
ATOM   286  O  O   . GLU A 1 37  ? 4.918   9.939   9.808   1.00 33.14  ? 37  GLU A O   1 
ATOM   287  C  CB  . GLU A 1 37  ? 6.743   8.345   12.031  1.00 29.77  ? 37  GLU A CB  1 
ATOM   288  C  CG  . GLU A 1 37  ? 6.986   9.821   12.201  1.00 34.73  ? 37  GLU A CG  1 
ATOM   289  C  CD  . GLU A 1 37  ? 8.018   10.163  13.221  1.00 38.71  ? 37  GLU A CD  1 
ATOM   290  O  OE1 . GLU A 1 37  ? 8.891   9.291   13.543  1.00 37.47  ? 37  GLU A OE1 1 
ATOM   291  O  OE2 . GLU A 1 37  ? 7.934   11.346  13.666  1.00 42.20  ? 37  GLU A OE2 1 
ATOM   292  N  N   . THR A 1 38  ? 6.179   8.242   8.989   1.00 28.99  ? 38  THR A N   1 
ATOM   293  C  CA  . THR A 1 38  ? 6.240   8.817   7.655   1.00 26.75  ? 38  THR A CA  1 
ATOM   294  C  C   . THR A 1 38  ? 4.868   8.834   7.010   1.00 27.99  ? 38  THR A C   1 
ATOM   295  O  O   . THR A 1 38  ? 4.560   9.793   6.335   1.00 32.17  ? 38  THR A O   1 
ATOM   296  C  CB  . THR A 1 38  ? 7.236   8.091   6.751   1.00 25.05  ? 38  THR A CB  1 
ATOM   297  O  OG1 . THR A 1 38  ? 8.536   8.144   7.365   1.00 26.17  ? 38  THR A OG1 1 
ATOM   298  C  CG2 . THR A 1 38  ? 7.302   8.755   5.328   1.00 22.20  ? 38  THR A CG2 1 
ATOM   299  N  N   . MET A 1 39  ? 4.063   7.786   7.224   1.00 28.45  ? 39  MET A N   1 
ATOM   300  C  CA  . MET A 1 39  ? 2.701   7.699   6.702   1.00 30.34  ? 39  MET A CA  1 
ATOM   301  C  C   . MET A 1 39  ? 1.785   8.801   7.285   1.00 30.29  ? 39  MET A C   1 
ATOM   302  O  O   . MET A 1 39  ? 0.954   9.350   6.581   1.00 32.24  ? 39  MET A O   1 
ATOM   303  C  CB  . MET A 1 39  ? 2.077   6.332   7.002   1.00 30.63  ? 39  MET A CB  1 
ATOM   304  C  CG  . MET A 1 39  ? 0.603   6.276   6.607   1.00 29.73  ? 39  MET A CG  1 
ATOM   305  S  SD  . MET A 1 39  ? -0.116  4.641   6.645   1.00 30.98  ? 39  MET A SD  1 
ATOM   306  C  CE  . MET A 1 39  ? -0.605  4.515   8.341   1.00 24.65  ? 39  MET A CE  1 
ATOM   307  N  N   . GLY A 1 40  ? 1.935   9.101   8.558   1.00 27.16  ? 40  GLY A N   1 
ATOM   308  C  CA  . GLY A 1 40  ? 1.111   10.107  9.198   1.00 30.31  ? 40  GLY A CA  1 
ATOM   309  C  C   . GLY A 1 40  ? 1.506   11.527  8.763   1.00 31.97  ? 40  GLY A C   1 
ATOM   310  O  O   . GLY A 1 40  ? 0.617   12.368  8.561   1.00 29.42  ? 40  GLY A O   1 
ATOM   311  N  N   . ALA A 1 41  ? 2.815   11.778  8.608   1.00 26.28  ? 41  ALA A N   1 
ATOM   312  C  CA  . ALA A 1 41  ? 3.296   13.090  8.254   1.00 28.53  ? 41  ALA A CA  1 
ATOM   313  C  C   . ALA A 1 41  ? 2.763   13.486  6.868   1.00 33.13  ? 41  ALA A C   1 
ATOM   314  O  O   . ALA A 1 41  ? 2.463   14.665  6.621   1.00 37.68  ? 41  ALA A O   1 
ATOM   315  C  CB  . ALA A 1 41  ? 4.823   13.167  8.275   1.00 23.24  ? 41  ALA A CB  1 
ATOM   316  N  N   . ALA A 1 42  ? 2.646   12.500  5.984   1.00 32.46  ? 42  ALA A N   1 
ATOM   317  C  CA  . ALA A 1 42  ? 2.195   12.736  4.640   1.00 32.81  ? 42  ALA A CA  1 
ATOM   318  C  C   . ALA A 1 42  ? 0.732   12.385  4.493   1.00 33.56  ? 42  ALA A C   1 
ATOM   319  O  O   . ALA A 1 42  ? 0.265   12.261  3.390   1.00 34.49  ? 42  ALA A O   1 
ATOM   320  C  CB  . ALA A 1 42  ? 3.031   11.940  3.656   1.00 35.67  ? 42  ALA A CB  1 
ATOM   321  N  N   . HIS A 1 43  ? 0.007   12.226  5.598   1.00 32.82  ? 43  HIS A N   1 
ATOM   322  C  CA  . HIS A 1 43  ? -1.430  12.006  5.547   1.00 34.77  ? 43  HIS A CA  1 
ATOM   323  C  C   . HIS A 1 43  ? -1.879  10.804  4.708   1.00 37.58  ? 43  HIS A C   1 
ATOM   324  O  O   . HIS A 1 43  ? -2.914  10.882  4.031   1.00 38.44  ? 43  HIS A O   1 
ATOM   325  C  CB  . HIS A 1 43  ? -2.163  13.266  5.086   1.00 35.07  ? 43  HIS A CB  1 
ATOM   326  C  CG  . HIS A 1 43  ? -2.039  14.406  6.039   1.00 40.43  ? 43  HIS A CG  1 
ATOM   327  N  ND1 . HIS A 1 43  ? -3.066  14.788  6.876   1.00 47.47  ? 43  HIS A ND1 1 
ATOM   328  C  CD2 . HIS A 1 43  ? -1.011  15.245  6.300   1.00 41.90  ? 43  HIS A CD2 1 
ATOM   329  C  CE1 . HIS A 1 43  ? -2.674  15.820  7.604   1.00 44.99  ? 43  HIS A CE1 1 
ATOM   330  N  NE2 . HIS A 1 43  ? -1.432  16.115  7.271   1.00 39.59  ? 43  HIS A NE2 1 
ATOM   331  N  N   . GLY A 1 44  ? -1.151  9.683   4.796   1.00 35.16  ? 44  GLY A N   1 
ATOM   332  C  CA  . GLY A 1 44  ? -1.443  8.498   3.972   1.00 31.31  ? 44  GLY A CA  1 
ATOM   333  C  C   . GLY A 1 44  ? -2.390  7.560   4.668   1.00 32.22  ? 44  GLY A C   1 
ATOM   334  O  O   . GLY A 1 44  ? -2.590  7.684   5.862   1.00 32.63  ? 44  GLY A O   1 
ATOM   335  N  N   . VAL A 1 45  ? -2.985  6.623   3.938   1.00 31.45  ? 45  VAL A N   1 
ATOM   336  C  CA  . VAL A 1 45  ? -3.692  5.517   4.605   1.00 29.83  ? 45  VAL A CA  1 
ATOM   337  C  C   . VAL A 1 45  ? -2.875  4.216   4.515   1.00 27.96  ? 45  VAL A C   1 
ATOM   338  O  O   . VAL A 1 45  ? -3.205  3.190   5.137   1.00 27.40  ? 45  VAL A O   1 
ATOM   339  C  CB  . VAL A 1 45  ? -5.118  5.287   4.023   1.00 29.28  ? 45  VAL A CB  1 
ATOM   340  C  CG1 . VAL A 1 45  ? -6.004  6.501   4.322   1.00 27.68  ? 45  VAL A CG1 1 
ATOM   341  C  CG2 . VAL A 1 45  ? -5.022  4.981   2.532   1.00 26.24  ? 45  VAL A CG2 1 
ATOM   342  N  N   . GLY A 1 46  ? -1.818  4.257   3.725   1.00 24.54  ? 46  GLY A N   1 
ATOM   343  C  CA  . GLY A 1 46  ? -1.011  3.082   3.519   1.00 27.42  ? 46  GLY A CA  1 
ATOM   344  C  C   . GLY A 1 46  ? 0.349   3.567   3.099   1.00 30.74  ? 46  GLY A C   1 
ATOM   345  O  O   . GLY A 1 46  ? 0.476   4.611   2.436   1.00 32.70  ? 46  GLY A O   1 
ATOM   346  N  N   . LEU A 1 47  ? 1.369   2.812   3.468   1.00 30.56  ? 47  LEU A N   1 
ATOM   347  C  CA  . LEU A 1 47  ? 2.744   3.132   3.057   1.00 28.83  ? 47  LEU A CA  1 
ATOM   348  C  C   . LEU A 1 47  ? 3.514   1.829   2.905   1.00 27.94  ? 47  LEU A C   1 
ATOM   349  O  O   . LEU A 1 47  ? 3.523   1.015   3.825   1.00 29.19  ? 47  LEU A O   1 
ATOM   350  C  CB  . LEU A 1 47  ? 3.402   4.013   4.092   1.00 26.18  ? 47  LEU A CB  1 
ATOM   351  C  CG  . LEU A 1 47  ? 4.789   4.462   3.655   1.00 26.58  ? 47  LEU A CG  1 
ATOM   352  C  CD1 . LEU A 1 47  ? 4.728   5.563   2.602   1.00 22.98  ? 47  LEU A CD1 1 
ATOM   353  C  CD2 . LEU A 1 47  ? 5.578   4.905   4.888   1.00 25.75  ? 47  LEU A CD2 1 
ATOM   354  N  N   . ALA A 1 48  ? 4.060   1.611   1.718   1.00 25.98  ? 48  ALA A N   1 
ATOM   355  C  CA  . ALA A 1 48  ? 4.878   0.459   1.399   1.00 26.11  ? 48  ALA A CA  1 
ATOM   356  C  C   . ALA A 1 48  ? 6.366   0.802   1.582   1.00 26.57  ? 48  ALA A C   1 
ATOM   357  O  O   . ALA A 1 48  ? 6.825   1.847   1.111   1.00 28.31  ? 48  ALA A O   1 
ATOM   358  C  CB  . ALA A 1 48  ? 4.624   0.041   -0.052  1.00 23.81  ? 48  ALA A CB  1 
ATOM   359  N  N   . ALA A 1 49  ? 7.125   -0.085  2.221   1.00 27.23  ? 49  ALA A N   1 
ATOM   360  C  CA  . ALA A 1 49  ? 8.591   0.073   2.364   1.00 29.10  ? 49  ALA A CA  1 
ATOM   361  C  C   . ALA A 1 49  ? 9.342   0.539   1.098   1.00 29.76  ? 49  ALA A C   1 
ATOM   362  O  O   . ALA A 1 49  ? 10.234  1.358   1.208   1.00 33.49  ? 49  ALA A O   1 
ATOM   363  C  CB  . ALA A 1 49  ? 9.242   -1.199  2.938   1.00 27.22  ? 49  ALA A CB  1 
ATOM   364  N  N   . PRO A 1 50  ? 9.022   0.006   -0.108  1.00 29.26  ? 50  PRO A N   1 
ATOM   365  C  CA  . PRO A 1 50  ? 9.743   0.595   -1.272  1.00 28.26  ? 50  PRO A CA  1 
ATOM   366  C  C   . PRO A 1 50  ? 9.482   2.092   -1.504  1.00 30.33  ? 50  PRO A C   1 
ATOM   367  O  O   . PRO A 1 50  ? 10.332  2.761   -2.101  1.00 31.96  ? 50  PRO A O   1 
ATOM   368  C  CB  . PRO A 1 50  ? 9.201   -0.200  -2.449  1.00 27.05  ? 50  PRO A CB  1 
ATOM   369  C  CG  . PRO A 1 50  ? 8.860   -1.539  -1.835  1.00 25.91  ? 50  PRO A CG  1 
ATOM   370  C  CD  . PRO A 1 50  ? 8.228   -1.170  -0.518  1.00 26.32  ? 50  PRO A CD  1 
ATOM   371  N  N   . GLN A 1 51  ? 8.344   2.618   -1.023  1.00 29.05  ? 51  GLN A N   1 
ATOM   372  C  CA  . GLN A 1 51  ? 8.057   4.061   -1.154  1.00 29.60  ? 51  GLN A CA  1 
ATOM   373  C  C   . GLN A 1 51  ? 9.017   4.935   -0.381  1.00 30.95  ? 51  GLN A C   1 
ATOM   374  O  O   . GLN A 1 51  ? 9.061   6.134   -0.598  1.00 31.90  ? 51  GLN A O   1 
ATOM   375  C  CB  . GLN A 1 51  ? 6.663   4.390   -0.713  1.00 26.28  ? 51  GLN A CB  1 
ATOM   376  C  CG  . GLN A 1 51  ? 5.632   3.827   -1.653  1.00 26.55  ? 51  GLN A CG  1 
ATOM   377  C  CD  . GLN A 1 51  ? 4.243   4.175   -1.194  1.00 26.67  ? 51  GLN A CD  1 
ATOM   378  O  OE1 . GLN A 1 51  ? 3.547   3.381   -0.544  1.00 26.27  ? 51  GLN A OE1 1 
ATOM   379  N  NE2 . GLN A 1 51  ? 3.840   5.400   -1.497  1.00 29.24  ? 51  GLN A NE2 1 
ATOM   380  N  N   . ILE A 1 52  ? 9.762   4.341   0.546   1.00 31.96  ? 52  ILE A N   1 
ATOM   381  C  CA  . ILE A 1 52  ? 10.814  5.062   1.228   1.00 29.86  ? 52  ILE A CA  1 
ATOM   382  C  C   . ILE A 1 52  ? 12.127  4.416   0.878   1.00 31.26  ? 52  ILE A C   1 
ATOM   383  O  O   . ILE A 1 52  ? 13.088  4.526   1.624   1.00 34.32  ? 52  ILE A O   1 
ATOM   384  C  CB  . ILE A 1 52  ? 10.645  5.098   2.763   1.00 29.16  ? 52  ILE A CB  1 
ATOM   385  C  CG1 . ILE A 1 52  ? 10.580  3.691   3.340   1.00 27.18  ? 52  ILE A CG1 1 
ATOM   386  C  CG2 . ILE A 1 52  ? 9.433   5.940   3.195   1.00 27.17  ? 52  ILE A CG2 1 
ATOM   387  C  CD1 . ILE A 1 52  ? 10.512  3.735   4.859   1.00 28.16  ? 52  ILE A CD1 1 
ATOM   388  N  N   . ALA A 1 53  ? 12.177  3.739   -0.263  1.00 30.01  ? 53  ALA A N   1 
ATOM   389  C  CA  . ALA A 1 53  ? 13.458  3.223   -0.779  1.00 31.76  ? 53  ALA A CA  1 
ATOM   390  C  C   . ALA A 1 53  ? 14.055  2.145   0.136   1.00 31.72  ? 53  ALA A C   1 
ATOM   391  O  O   . ALA A 1 53  ? 15.263  1.996   0.229   1.00 35.29  ? 53  ALA A O   1 
ATOM   392  C  CB  . ALA A 1 53  ? 14.489  4.371   -1.061  1.00 26.68  ? 53  ALA A CB  1 
ATOM   393  N  N   . VAL A 1 54  ? 13.206  1.377   0.788   1.00 30.08  ? 54  VAL A N   1 
ATOM   394  C  CA  . VAL A 1 54  ? 13.662  0.239   1.518   1.00 28.94  ? 54  VAL A CA  1 
ATOM   395  C  C   . VAL A 1 54  ? 13.112  -0.966  0.763   1.00 30.82  ? 54  VAL A C   1 
ATOM   396  O  O   . VAL A 1 54  ? 11.865  -1.172  0.691   1.00 28.98  ? 54  VAL A O   1 
ATOM   397  C  CB  . VAL A 1 54  ? 13.149  0.309   2.961   1.00 29.24  ? 54  VAL A CB  1 
ATOM   398  C  CG1 . VAL A 1 54  ? 13.345  -1.010  3.682   1.00 26.91  ? 54  VAL A CG1 1 
ATOM   399  C  CG2 . VAL A 1 54  ? 13.802  1.476   3.690   1.00 26.59  ? 54  VAL A CG2 1 
ATOM   400  N  N   . ASP A 1 55  ? 14.042  -1.732  0.180   1.00 29.11  ? 55  ASP A N   1 
ATOM   401  C  CA  . ASP A 1 55  ? 13.701  -2.911  -0.612  1.00 28.00  ? 55  ASP A CA  1 
ATOM   402  C  C   . ASP A 1 55  ? 13.228  -4.100  0.244   1.00 28.00  ? 55  ASP A C   1 
ATOM   403  O  O   . ASP A 1 55  ? 13.961  -5.077  0.410   1.00 27.72  ? 55  ASP A O   1 
ATOM   404  C  CB  . ASP A 1 55  ? 14.870  -3.301  -1.540  1.00 28.43  ? 55  ASP A CB  1 
ATOM   405  C  CG  . ASP A 1 55  ? 14.436  -4.193  -2.671  1.00 34.67  ? 55  ASP A CG  1 
ATOM   406  O  OD1 . ASP A 1 55  ? 13.196  -4.356  -2.843  1.00 43.10  ? 55  ASP A OD1 1 
ATOM   407  O  OD2 . ASP A 1 55  ? 15.292  -4.716  -3.429  1.00 36.61  ? 55  ASP A OD2 1 
ATOM   408  N  N   . LEU A 1 56  ? 11.996  -4.033  0.762   1.00 28.70  ? 56  LEU A N   1 
ATOM   409  C  CA  . LEU A 1 56  ? 11.459  -5.083  1.637   1.00 26.99  ? 56  LEU A CA  1 
ATOM   410  C  C   . LEU A 1 56  ? 9.944   -5.303  1.493   1.00 30.49  ? 56  LEU A C   1 
ATOM   411  O  O   . LEU A 1 56  ? 9.145   -4.341  1.350   1.00 31.62  ? 56  LEU A O   1 
ATOM   412  C  CB  . LEU A 1 56  ? 11.749  -4.735  3.108   1.00 28.30  ? 56  LEU A CB  1 
ATOM   413  C  CG  . LEU A 1 56  ? 13.128  -4.995  3.791   1.00 29.10  ? 56  LEU A CG  1 
ATOM   414  C  CD1 . LEU A 1 56  ? 13.080  -4.649  5.286   1.00 23.60  ? 56  LEU A CD1 1 
ATOM   415  C  CD2 . LEU A 1 56  ? 13.640  -6.432  3.542   1.00 25.34  ? 56  LEU A CD2 1 
ATOM   416  N  N   . GLN A 1 57  ? 9.533   -6.569  1.577   1.00 29.04  ? 57  GLN A N   1 
ATOM   417  C  CA  . GLN A 1 57  ? 8.092   -6.917  1.608   1.00 26.25  ? 57  GLN A CA  1 
ATOM   418  C  C   . GLN A 1 57  ? 7.501   -6.477  2.913   1.00 25.33  ? 57  GLN A C   1 
ATOM   419  O  O   . GLN A 1 57  ? 7.229   -7.280  3.792   1.00 26.60  ? 57  GLN A O   1 
ATOM   420  C  CB  . GLN A 1 57  ? 7.859   -8.425  1.404   1.00 23.06  ? 57  GLN A CB  1 
ATOM   421  C  CG  . GLN A 1 57  ? 8.218   -8.848  0.018   1.00 21.20  ? 57  GLN A CG  1 
ATOM   422  C  CD  . GLN A 1 57  ? 8.133   -10.320 -0.174  1.00 21.33  ? 57  GLN A CD  1 
ATOM   423  O  OE1 . GLN A 1 57  ? 7.324   -10.999 0.423   1.00 22.24  ? 57  GLN A OE1 1 
ATOM   424  N  NE2 . GLN A 1 57  ? 8.995   -10.829 -1.004  1.00 21.03  ? 57  GLN A NE2 1 
ATOM   425  N  N   . LEU A 1 58  ? 7.305   -5.179  3.038   1.00 25.51  ? 58  LEU A N   1 
ATOM   426  C  CA  . LEU A 1 58  ? 6.730   -4.638  4.248   1.00 23.45  ? 58  LEU A CA  1 
ATOM   427  C  C   . LEU A 1 58  ? 5.732   -3.491  3.954   1.00 25.01  ? 58  LEU A C   1 
ATOM   428  O  O   . LEU A 1 58  ? 5.944   -2.623  3.055   1.00 23.06  ? 58  LEU A O   1 
ATOM   429  C  CB  . LEU A 1 58  ? 7.875   -4.157  5.126   1.00 22.45  ? 58  LEU A CB  1 
ATOM   430  C  CG  . LEU A 1 58  ? 7.547   -3.537  6.476   1.00 22.63  ? 58  LEU A CG  1 
ATOM   431  C  CD1 . LEU A 1 58  ? 6.792   -4.486  7.434   1.00 21.25  ? 58  LEU A CD1 1 
ATOM   432  C  CD2 . LEU A 1 58  ? 8.875   -3.061  7.026   1.00 22.08  ? 58  LEU A CD2 1 
ATOM   433  N  N   . MET A 1 59  ? 4.659   -3.421  4.728   1.00 23.47  ? 59  MET A N   1 
ATOM   434  C  CA  . MET A 1 59  ? 3.750   -2.293  4.491   1.00 24.01  ? 59  MET A CA  1 
ATOM   435  C  C   . MET A 1 59  ? 3.107   -1.834  5.804   1.00 25.27  ? 59  MET A C   1 
ATOM   436  O  O   . MET A 1 59  ? 2.934   -2.679  6.735   1.00 26.12  ? 59  MET A O   1 
ATOM   437  C  CB  . MET A 1 59  ? 2.703   -2.716  3.471   1.00 23.29  ? 59  MET A CB  1 
ATOM   438  C  CG  . MET A 1 59  ? 1.709   -3.700  4.034   1.00 23.05  ? 59  MET A CG  1 
ATOM   439  S  SD  . MET A 1 59  ? 0.408   -4.237  2.914   1.00 29.47  ? 59  MET A SD  1 
ATOM   440  C  CE  . MET A 1 59  ? 1.287   -5.038  1.576   1.00 24.21  ? 59  MET A CE  1 
ATOM   441  N  N   . VAL A 1 60  ? 2.779   -0.538  5.936   1.00 23.49  ? 60  VAL A N   1 
ATOM   442  C  CA  . VAL A 1 60  ? 1.922   -0.112  7.084   1.00 23.48  ? 60  VAL A CA  1 
ATOM   443  C  C   . VAL A 1 60  ? 0.638   0.449   6.561   1.00 26.02  ? 60  VAL A C   1 
ATOM   444  O  O   . VAL A 1 60  ? 0.631   1.031   5.460   1.00 29.44  ? 60  VAL A O   1 
ATOM   445  C  CB  . VAL A 1 60  ? 2.583   0.928   8.001   1.00 21.98  ? 60  VAL A CB  1 
ATOM   446  C  CG1 . VAL A 1 60  ? 3.746   0.284   8.754   1.00 22.31  ? 60  VAL A CG1 1 
ATOM   447  C  CG2 . VAL A 1 60  ? 3.091   2.107   7.215   1.00 20.97  ? 60  VAL A CG2 1 
ATOM   448  N  N   . PHE A 1 61  ? -0.450  0.323   7.318   1.00 25.82  ? 61  PHE A N   1 
ATOM   449  C  CA  . PHE A 1 61  ? -1.697  0.934   6.851   1.00 26.18  ? 61  PHE A CA  1 
ATOM   450  C  C   . PHE A 1 61  ? -2.720  1.097   7.954   1.00 27.93  ? 61  PHE A C   1 
ATOM   451  O  O   . PHE A 1 61  ? -2.541  0.532   9.033   1.00 28.16  ? 61  PHE A O   1 
ATOM   452  C  CB  . PHE A 1 61  ? -2.270  0.165   5.624   1.00 24.50  ? 61  PHE A CB  1 
ATOM   453  C  CG  . PHE A 1 61  ? -2.548  -1.279  5.893   1.00 23.22  ? 61  PHE A CG  1 
ATOM   454  C  CD1 . PHE A 1 61  ? -1.556  -2.274  5.597   1.00 23.28  ? 61  PHE A CD1 1 
ATOM   455  C  CD2 . PHE A 1 61  ? -3.758  -1.668  6.484   1.00 20.27  ? 61  PHE A CD2 1 
ATOM   456  C  CE1 . PHE A 1 61  ? -1.804  -3.627  5.872   1.00 20.63  ? 61  PHE A CE1 1 
ATOM   457  C  CE2 . PHE A 1 61  ? -4.011  -3.015  6.763   1.00 21.93  ? 61  PHE A CE2 1 
ATOM   458  C  CZ  . PHE A 1 61  ? -3.044  -3.997  6.437   1.00 21.84  ? 61  PHE A CZ  1 
ATOM   459  N  N   . GLY A 1 62  ? -3.789  1.857   7.677   1.00 29.25  ? 62  GLY A N   1 
ATOM   460  C  CA  . GLY A 1 62  ? -4.890  2.033   8.627   1.00 35.94  ? 62  GLY A CA  1 
ATOM   461  C  C   . GLY A 1 62  ? -5.172  3.471   9.025   1.00 43.32  ? 62  GLY A C   1 
ATOM   462  O  O   . GLY A 1 62  ? -4.351  4.356   8.782   1.00 45.73  ? 62  GLY A O   1 
ATOM   463  N  N   . PHE A 1 63  ? -6.342  3.695   9.632   1.00 51.26  ? 63  PHE A N   1 
ATOM   464  C  CA  . PHE A 1 63  ? -6.762  5.006   10.194  1.00 62.14  ? 63  PHE A CA  1 
ATOM   465  C  C   . PHE A 1 63  ? -7.988  4.842   11.127  1.00 64.27  ? 63  PHE A C   1 
ATOM   466  O  O   . PHE A 1 63  ? -8.785  3.911   10.908  1.00 64.12  ? 63  PHE A O   1 
ATOM   467  C  CB  . PHE A 1 63  ? -7.111  5.967   9.051   1.00 66.11  ? 63  PHE A CB  1 
ATOM   468  C  CG  . PHE A 1 63  ? -8.228  5.468   8.168   1.00 77.83  ? 63  PHE A CG  1 
ATOM   469  C  CD1 . PHE A 1 63  ? -9.564  5.768   8.466   1.00 84.59  ? 63  PHE A CD1 1 
ATOM   470  C  CD2 . PHE A 1 63  ? -7.950  4.694   7.042   1.00 77.66  ? 63  PHE A CD2 1 
ATOM   471  C  CE1 . PHE A 1 63  ? -10.592 5.310   7.664   1.00 86.98  ? 63  PHE A CE1 1 
ATOM   472  C  CE2 . PHE A 1 63  ? -8.975  4.236   6.236   1.00 78.02  ? 63  PHE A CE2 1 
ATOM   473  C  CZ  . PHE A 1 63  ? -10.296 4.541   6.545   1.00 86.02  ? 63  PHE A CZ  1 
ATOM   474  N  N   . GLU A 1 64  ? -8.170  5.740   12.121  1.00 69.33  ? 64  GLU A N   1 
ATOM   475  C  CA  . GLU A 1 64  ? -9.377  5.701   13.041  1.00 73.24  ? 64  GLU A CA  1 
ATOM   476  C  C   . GLU A 1 64  ? -10.680 6.200   12.389  1.00 67.89  ? 64  GLU A C   1 
ATOM   477  O  O   . GLU A 1 64  ? -10.647 6.809   11.314  1.00 61.11  ? 64  GLU A O   1 
ATOM   478  C  CB  . GLU A 1 64  ? -9.128  6.411   14.389  1.00 64.29  ? 64  GLU A CB  1 
ATOM   479  N  N   . PRO A 1 73  ? -15.316 3.163   6.115   1.00 56.99  ? 73  PRO A N   1 
ATOM   480  C  CA  . PRO A 1 73  ? -15.322 2.565   7.451   1.00 64.09  ? 73  PRO A CA  1 
ATOM   481  C  C   . PRO A 1 73  ? -13.914 2.795   8.065   1.00 72.90  ? 73  PRO A C   1 
ATOM   482  O  O   . PRO A 1 73  ? -13.180 3.694   7.605   1.00 72.28  ? 73  PRO A O   1 
ATOM   483  C  CB  . PRO A 1 73  ? -15.701 1.070   7.388   1.00 58.35  ? 73  PRO A CB  1 
ATOM   484  N  N   . ALA A 1 74  ? -13.551 2.033   9.108   1.00 65.83  ? 74  ALA A N   1 
ATOM   485  C  CA  . ALA A 1 74  ? -12.217 2.151   9.729   1.00 64.35  ? 74  ALA A CA  1 
ATOM   486  C  C   . ALA A 1 74  ? -11.403 0.957   9.264   1.00 63.37  ? 74  ALA A C   1 
ATOM   487  O  O   . ALA A 1 74  ? -11.967 -0.089  8.914   1.00 59.56  ? 74  ALA A O   1 
ATOM   488  C  CB  . ALA A 1 74  ? -12.282 2.205   11.261  1.00 55.30  ? 74  ALA A CB  1 
ATOM   489  N  N   . VAL A 1 75  ? -10.084 1.133   9.220   1.00 55.44  ? 75  VAL A N   1 
ATOM   490  C  CA  . VAL A 1 75  ? -9.132  0.058   8.865   1.00 48.33  ? 75  VAL A CA  1 
ATOM   491  C  C   . VAL A 1 75  ? -8.121  -0.040  10.027  1.00 46.42  ? 75  VAL A C   1 
ATOM   492  O  O   . VAL A 1 75  ? -7.409  0.923   10.309  1.00 40.95  ? 75  VAL A O   1 
ATOM   493  C  CB  . VAL A 1 75  ? -8.376  0.380   7.550   1.00 46.34  ? 75  VAL A CB  1 
ATOM   494  C  CG1 . VAL A 1 75  ? -7.352  -0.695  7.249   1.00 48.89  ? 75  VAL A CG1 1 
ATOM   495  C  CG2 . VAL A 1 75  ? -9.330  0.636   6.365   1.00 42.51  ? 75  VAL A CG2 1 
ATOM   496  N  N   . PRO A 1 76  ? -8.034  -1.198  10.705  1.00 47.82  ? 76  PRO A N   1 
ATOM   497  C  CA  . PRO A 1 76  ? -7.156  -1.207  11.894  1.00 41.57  ? 76  PRO A CA  1 
ATOM   498  C  C   . PRO A 1 76  ? -5.688  -0.895  11.537  1.00 37.22  ? 76  PRO A C   1 
ATOM   499  O  O   . PRO A 1 76  ? -5.230  -1.250  10.433  1.00 35.65  ? 76  PRO A O   1 
ATOM   500  C  CB  . PRO A 1 76  ? -7.319  -2.631  12.429  1.00 43.58  ? 76  PRO A CB  1 
ATOM   501  C  CG  . PRO A 1 76  ? -7.613  -3.446  11.200  1.00 45.94  ? 76  PRO A CG  1 
ATOM   502  C  CD  . PRO A 1 76  ? -8.383  -2.562  10.257  1.00 46.25  ? 76  PRO A CD  1 
ATOM   503  N  N   . LEU A 1 77  ? -4.979  -0.194  12.427  1.00 32.23  ? 77  LEU A N   1 
ATOM   504  C  CA  . LEU A 1 77  ? -3.589  0.149   12.165  1.00 30.85  ? 77  LEU A CA  1 
ATOM   505  C  C   . LEU A 1 77  ? -2.770  -1.160  12.084  1.00 30.99  ? 77  LEU A C   1 
ATOM   506  O  O   . LEU A 1 77  ? -2.895  -2.018  12.940  1.00 30.27  ? 77  LEU A O   1 
ATOM   507  C  CB  . LEU A 1 77  ? -3.072  1.167   13.191  1.00 30.37  ? 77  LEU A CB  1 
ATOM   508  C  CG  . LEU A 1 77  ? -3.564  2.627   13.004  1.00 33.50  ? 77  LEU A CG  1 
ATOM   509  C  CD1 . LEU A 1 77  ? -3.359  3.531   14.211  1.00 31.84  ? 77  LEU A CD1 1 
ATOM   510  C  CD2 . LEU A 1 77  ? -2.897  3.280   11.817  1.00 31.05  ? 77  LEU A CD2 1 
ATOM   511  N  N   . THR A 1 78  ? -2.049  -1.383  10.995  1.00 26.88  ? 78  THR A N   1 
ATOM   512  C  CA  . THR A 1 78  ? -1.505  -2.708  10.779  1.00 28.26  ? 78  THR A CA  1 
ATOM   513  C  C   . THR A 1 78  ? -0.106  -2.570  10.202  1.00 33.92  ? 78  THR A C   1 
ATOM   514  O  O   . THR A 1 78  ? 0.119   -1.725  9.276   1.00 33.55  ? 78  THR A O   1 
ATOM   515  C  CB  . THR A 1 78  ? -2.297  -3.524  9.734   1.00 28.16  ? 78  THR A CB  1 
ATOM   516  O  OG1 . THR A 1 78  ? -3.697  -3.524  10.055  1.00 29.24  ? 78  THR A OG1 1 
ATOM   517  C  CG2 . THR A 1 78  ? -1.784  -5.005  9.693   1.00 27.44  ? 78  THR A CG2 1 
ATOM   518  N  N   . ALA A 1 79  ? 0.840   -3.375  10.717  1.00 29.43  ? 79  ALA A N   1 
ATOM   519  C  CA  . ALA A 1 79  ? 2.097   -3.472  10.020  1.00 27.10  ? 79  ALA A CA  1 
ATOM   520  C  C   . ALA A 1 79  ? 2.229   -4.907  9.592   1.00 27.94  ? 79  ALA A C   1 
ATOM   521  O  O   . ALA A 1 79  ? 2.026   -5.823  10.388  1.00 32.22  ? 79  ALA A O   1 
ATOM   522  C  CB  . ALA A 1 79  ? 3.249   -2.971  10.874  1.00 26.81  ? 79  ALA A CB  1 
ATOM   523  N  N   . LEU A 1 80  ? 2.514   -5.102  8.316   1.00 28.16  ? 80  LEU A N   1 
ATOM   524  C  CA  . LEU A 1 80  ? 2.426   -6.408  7.708   1.00 26.95  ? 80  LEU A CA  1 
ATOM   525  C  C   . LEU A 1 80  ? 3.656   -6.719  6.881   1.00 28.37  ? 80  LEU A C   1 
ATOM   526  O  O   . LEU A 1 80  ? 4.030   -5.973  5.948   1.00 29.67  ? 80  LEU A O   1 
ATOM   527  C  CB  . LEU A 1 80  ? 1.158   -6.492  6.866   1.00 27.24  ? 80  LEU A CB  1 
ATOM   528  C  CG  . LEU A 1 80  ? 0.767   -7.813  6.193   1.00 29.01  ? 80  LEU A CG  1 
ATOM   529  C  CD1 . LEU A 1 80  ? 0.424   -8.935  7.185   1.00 25.53  ? 80  LEU A CD1 1 
ATOM   530  C  CD2 . LEU A 1 80  ? -0.421  -7.519  5.291   1.00 28.41  ? 80  LEU A CD2 1 
ATOM   531  N  N   . ALA A 1 81  ? 4.305   -7.832  7.250   1.00 30.31  ? 81  ALA A N   1 
ATOM   532  C  CA  . ALA A 1 81  ? 5.539   -8.327  6.555   1.00 28.13  ? 81  ALA A CA  1 
ATOM   533  C  C   . ALA A 1 81  ? 5.184   -9.573  5.726   1.00 28.34  ? 81  ALA A C   1 
ATOM   534  O  O   . ALA A 1 81  ? 4.305   -10.374 6.103   1.00 25.98  ? 81  ALA A O   1 
ATOM   535  C  CB  . ALA A 1 81  ? 6.655   -8.643  7.559   1.00 24.27  ? 81  ALA A CB  1 
ATOM   536  N  N   . ASN A 1 82  ? 5.873   -9.709  4.601   1.00 28.14  ? 82  ASN A N   1 
ATOM   537  C  CA  . ASN A 1 82  ? 5.733   -10.855 3.711   1.00 29.14  ? 82  ASN A CA  1 
ATOM   538  C  C   . ASN A 1 82  ? 4.294   -11.138 3.282   1.00 29.53  ? 82  ASN A C   1 
ATOM   539  O  O   . ASN A 1 82  ? 3.881   -12.307 3.194   1.00 28.49  ? 82  ASN A O   1 
ATOM   540  C  CB  . ASN A 1 82  ? 6.445   -12.070 4.287   1.00 25.73  ? 82  ASN A CB  1 
ATOM   541  C  CG  . ASN A 1 82  ? 7.867   -11.749 4.655   1.00 28.65  ? 82  ASN A CG  1 
ATOM   542  O  OD1 . ASN A 1 82  ? 8.492   -10.843 4.089   1.00 28.19  ? 82  ASN A OD1 1 
ATOM   543  N  ND2 . ASN A 1 82  ? 8.377   -12.438 5.658   1.00 29.99  ? 82  ASN A ND2 1 
ATOM   544  N  N   . ALA A 1 83  ? 3.567   -10.062 2.954   1.00 30.50  ? 83  ALA A N   1 
ATOM   545  C  CA  . ALA A 1 83  ? 2.125   -10.165 2.586   1.00 33.08  ? 83  ALA A CA  1 
ATOM   546  C  C   . ALA A 1 83  ? 1.915   -11.115 1.446   1.00 31.63  ? 83  ALA A C   1 
ATOM   547  O  O   . ALA A 1 83  ? 2.688   -11.140 0.483   1.00 32.46  ? 83  ALA A O   1 
ATOM   548  C  CB  . ALA A 1 83  ? 1.504   -8.794  2.252   1.00 28.43  ? 83  ALA A CB  1 
ATOM   549  N  N   . GLN A 1 84  ? 0.874   -11.910 1.545   1.00 35.18  ? 84  GLN A N   1 
ATOM   550  C  CA  . GLN A 1 84  ? 0.423   -12.640 0.367   1.00 38.24  ? 84  GLN A CA  1 
ATOM   551  C  C   . GLN A 1 84  ? -1.069  -12.491 0.305   1.00 35.97  ? 84  GLN A C   1 
ATOM   552  O  O   . GLN A 1 84  ? -1.735  -12.507 1.336   1.00 32.73  ? 84  GLN A O   1 
ATOM   553  C  CB  . GLN A 1 84  ? 0.904   -14.102 0.336   1.00 40.71  ? 84  GLN A CB  1 
ATOM   554  C  CG  . GLN A 1 84  ? 0.350   -15.033 1.401   1.00 52.32  ? 84  GLN A CG  1 
ATOM   555  C  CD  . GLN A 1 84  ? 0.743   -16.523 1.185   1.00 65.00  ? 84  GLN A CD  1 
ATOM   556  O  OE1 . GLN A 1 84  ? 1.859   -16.815 0.742   1.00 63.38  ? 84  GLN A OE1 1 
ATOM   557  N  NE2 . GLN A 1 84  ? -0.185  -17.467 1.502   1.00 59.82  ? 84  GLN A NE2 1 
ATOM   558  N  N   . ILE A 1 85  ? -1.567  -12.276 -0.910  1.00 36.90  ? 85  ILE A N   1 
ATOM   559  C  CA  . ILE A 1 85  ? -2.986  -11.986 -1.184  1.00 37.87  ? 85  ILE A CA  1 
ATOM   560  C  C   . ILE A 1 85  ? -3.636  -13.012 -2.126  1.00 34.33  ? 85  ILE A C   1 
ATOM   561  O  O   . ILE A 1 85  ? -2.956  -13.547 -3.009  1.00 35.80  ? 85  ILE A O   1 
ATOM   562  C  CB  . ILE A 1 85  ? -3.086  -10.579 -1.793  1.00 40.43  ? 85  ILE A CB  1 
ATOM   563  C  CG1 . ILE A 1 85  ? -2.692  -9.594  -0.716  1.00 43.70  ? 85  ILE A CG1 1 
ATOM   564  C  CG2 . ILE A 1 85  ? -4.519  -10.250 -2.193  1.00 42.23  ? 85  ILE A CG2 1 
ATOM   565  C  CD1 . ILE A 1 85  ? -2.054  -8.360  -1.271  1.00 54.78  ? 85  ILE A CD1 1 
ATOM   566  N  N   . GLU A 1 86  ? -4.940  -13.231 -1.938  1.00 33.44  ? 86  GLU A N   1 
ATOM   567  C  CA  . GLU A 1 86  ? -5.776  -14.282 -2.561  1.00 38.52  ? 86  GLU A CA  1 
ATOM   568  C  C   . GLU A 1 86  ? -7.091  -13.520 -2.808  1.00 38.47  ? 86  GLU A C   1 
ATOM   569  O  O   . GLU A 1 86  ? -7.699  -12.953 -1.873  1.00 39.77  ? 86  GLU A O   1 
ATOM   570  C  CB  . GLU A 1 86  ? -6.000  -15.480 -1.535  1.00 44.61  ? 86  GLU A CB  1 
ATOM   571  C  CG  . GLU A 1 86  ? -6.284  -16.923 -2.027  1.00 50.86  ? 86  GLU A CG  1 
ATOM   572  C  CD  . GLU A 1 86  ? -6.233  -18.069 -0.932  1.00 60.16  ? 86  GLU A CD  1 
ATOM   573  O  OE1 . GLU A 1 86  ? -5.699  -17.934 0.234   1.00 54.94  ? 86  GLU A OE1 1 
ATOM   574  O  OE2 . GLU A 1 86  ? -6.733  -19.182 -1.276  1.00 55.96  ? 86  GLU A OE2 1 
ATOM   575  N  N   . PRO A 1 87  ? -7.546  -13.467 -4.056  1.00 38.78  ? 87  PRO A N   1 
ATOM   576  C  CA  . PRO A 1 87  ? -8.913  -12.934 -4.204  1.00 38.92  ? 87  PRO A CA  1 
ATOM   577  C  C   . PRO A 1 87  ? -9.937  -13.969 -3.725  1.00 37.65  ? 87  PRO A C   1 
ATOM   578  O  O   . PRO A 1 87  ? -9.710  -15.154 -3.910  1.00 35.01  ? 87  PRO A O   1 
ATOM   579  C  CB  . PRO A 1 87  ? -9.043  -12.696 -5.726  1.00 38.90  ? 87  PRO A CB  1 
ATOM   580  C  CG  . PRO A 1 87  ? -7.991  -13.563 -6.361  1.00 38.29  ? 87  PRO A CG  1 
ATOM   581  C  CD  . PRO A 1 87  ? -6.924  -13.856 -5.341  1.00 40.26  ? 87  PRO A CD  1 
ATOM   582  N  N   . LEU A 1 88  ? -11.027 -13.512 -3.106  1.00 40.53  ? 88  LEU A N   1 
ATOM   583  C  CA  . LEU A 1 88  ? -12.066 -14.385 -2.545  1.00 39.64  ? 88  LEU A CA  1 
ATOM   584  C  C   . LEU A 1 88  ? -13.279 -14.534 -3.429  1.00 40.95  ? 88  LEU A C   1 
ATOM   585  O  O   . LEU A 1 88  ? -14.127 -15.401 -3.188  1.00 37.24  ? 88  LEU A O   1 
ATOM   586  C  CB  . LEU A 1 88  ? -12.541 -13.866 -1.195  1.00 43.38  ? 88  LEU A CB  1 
ATOM   587  C  CG  . LEU A 1 88  ? -11.538 -14.040 -0.044  1.00 45.00  ? 88  LEU A CG  1 
ATOM   588  C  CD1 . LEU A 1 88  ? -12.244 -13.811 1.288   1.00 44.59  ? 88  LEU A CD1 1 
ATOM   589  C  CD2 . LEU A 1 88  ? -10.832 -15.396 -0.106  1.00 41.23  ? 88  LEU A CD2 1 
ATOM   590  N  N   . SER A 1 89  ? -13.376 -13.671 -4.439  1.00 41.90  ? 89  SER A N   1 
ATOM   591  C  CA  . SER A 1 89  ? -14.323 -13.864 -5.533  1.00 41.68  ? 89  SER A CA  1 
ATOM   592  C  C   . SER A 1 89  ? -13.804 -13.141 -6.738  1.00 42.50  ? 89  SER A C   1 
ATOM   593  O  O   . SER A 1 89  ? -12.673 -12.662 -6.738  1.00 43.56  ? 89  SER A O   1 
ATOM   594  C  CB  . SER A 1 89  ? -15.721 -13.362 -5.179  1.00 39.23  ? 89  SER A CB  1 
ATOM   595  O  OG  . SER A 1 89  ? -15.941 -12.027 -5.593  1.00 43.18  ? 89  SER A OG  1 
ATOM   596  N  N   . ASP A 1 90  ? -14.644 -13.035 -7.763  1.00 43.59  ? 90  ASP A N   1 
ATOM   597  C  CA  . ASP A 1 90  ? -14.250 -12.310 -8.956  1.00 37.47  ? 90  ASP A CA  1 
ATOM   598  C  C   . ASP A 1 90  ? -14.777 -10.880 -8.979  1.00 32.96  ? 90  ASP A C   1 
ATOM   599  O  O   . ASP A 1 90  ? -14.323 -10.145 -9.804  1.00 32.71  ? 90  ASP A O   1 
ATOM   600  C  CB  . ASP A 1 90  ? -14.626 -13.090 -10.235 1.00 46.87  ? 90  ASP A CB  1 
ATOM   601  C  CG  . ASP A 1 90  ? -13.483 -14.004 -10.742 1.00 55.87  ? 90  ASP A CG  1 
ATOM   602  O  OD1 . ASP A 1 90  ? -12.285 -13.606 -10.732 1.00 62.96  ? 90  ASP A OD1 1 
ATOM   603  O  OD2 . ASP A 1 90  ? -13.779 -15.141 -11.169 1.00 60.62  ? 90  ASP A OD2 1 
ATOM   604  N  N   . GLU A 1 91  ? -15.689 -10.475 -8.072  1.00 32.91  ? 91  GLU A N   1 
ATOM   605  C  CA  . GLU A 1 91  ? -16.277 -9.122  -8.089  1.00 35.39  ? 91  GLU A CA  1 
ATOM   606  C  C   . GLU A 1 91  ? -15.147 -8.067  -8.026  1.00 40.55  ? 91  GLU A C   1 
ATOM   607  O  O   . GLU A 1 91  ? -14.295 -8.093  -7.115  1.00 44.45  ? 91  GLU A O   1 
ATOM   608  C  CB  . GLU A 1 91  ? -17.394 -8.903  -7.010  1.00 34.94  ? 91  GLU A CB  1 
ATOM   609  C  CG  . GLU A 1 91  ? -18.450 -7.781  -7.282  1.00 32.93  ? 91  GLU A CG  1 
ATOM   610  C  CD  . GLU A 1 91  ? -19.549 -7.829  -6.253  1.00 40.36  ? 91  GLU A CD  1 
ATOM   611  O  OE1 . GLU A 1 91  ? -20.635 -7.077  -6.266  1.00 36.22  ? 91  GLU A OE1 1 
ATOM   612  O  OE2 . GLU A 1 91  ? -19.244 -8.690  -5.373  1.00 40.46  ? 91  GLU A OE2 1 
ATOM   613  N  N   . MET A 1 92  ? -15.120 -7.192  -9.048  1.00 42.64  ? 92  MET A N   1 
ATOM   614  C  CA  . MET A 1 92  ? -14.260 -5.994  -9.077  1.00 39.57  ? 92  MET A CA  1 
ATOM   615  C  C   . MET A 1 92  ? -15.084 -4.804  -8.606  1.00 39.14  ? 92  MET A C   1 
ATOM   616  O  O   . MET A 1 92  ? -16.309 -4.860  -8.663  1.00 39.19  ? 92  MET A O   1 
ATOM   617  C  CB  . MET A 1 92  ? -13.719 -5.728  -10.480 1.00 39.29  ? 92  MET A CB  1 
ATOM   618  C  CG  . MET A 1 92  ? -12.986 -6.921  -11.096 1.00 38.26  ? 92  MET A CG  1 
ATOM   619  S  SD  . MET A 1 92  ? -11.475 -7.319  -10.202 1.00 41.00  ? 92  MET A SD  1 
ATOM   620  C  CE  . MET A 1 92  ? -10.218 -6.251  -10.923 1.00 35.28  ? 92  MET A CE  1 
ATOM   621  N  N   . GLU A 1 93  ? -14.413 -3.771  -8.089  1.00 35.07  ? 93  GLU A N   1 
ATOM   622  C  CA  . GLU A 1 93  ? -15.049 -2.546  -7.695  1.00 34.72  ? 93  GLU A CA  1 
ATOM   623  C  C   . GLU A 1 93  ? -14.146 -1.384  -8.122  1.00 39.58  ? 93  GLU A C   1 
ATOM   624  O  O   . GLU A 1 93  ? -12.893 -1.443  -8.016  1.00 38.31  ? 93  GLU A O   1 
ATOM   625  C  CB  . GLU A 1 93  ? -15.272 -2.538  -6.196  1.00 39.21  ? 93  GLU A CB  1 
ATOM   626  C  CG  . GLU A 1 93  ? -16.531 -1.816  -5.726  1.00 45.83  ? 93  GLU A CG  1 
ATOM   627  C  CD  . GLU A 1 93  ? -16.894 -2.211  -4.311  1.00 51.62  ? 93  GLU A CD  1 
ATOM   628  O  OE1 . GLU A 1 93  ? -16.154 -1.800  -3.395  1.00 51.27  ? 93  GLU A OE1 1 
ATOM   629  O  OE2 . GLU A 1 93  ? -17.893 -2.958  -4.111  1.00 56.78  ? 93  GLU A OE2 1 
ATOM   630  N  N   . ASN A 1 94  ? -14.759 -0.336  -8.657  1.00 34.80  ? 94  ASN A N   1 
ATOM   631  C  CA  . ASN A 1 94  ? -13.974 0.815   -9.007  1.00 30.46  ? 94  ASN A CA  1 
ATOM   632  C  C   . ASN A 1 94  ? -13.927 1.713   -7.792  1.00 30.61  ? 94  ASN A C   1 
ATOM   633  O  O   . ASN A 1 94  ? -14.868 1.748   -7.003  1.00 29.39  ? 94  ASN A O   1 
ATOM   634  C  CB  . ASN A 1 94  ? -14.548 1.557   -10.210 1.00 31.16  ? 94  ASN A CB  1 
ATOM   635  C  CG  . ASN A 1 94  ? -14.403 0.788   -11.525 1.00 33.65  ? 94  ASN A CG  1 
ATOM   636  O  OD1 . ASN A 1 94  ? -13.340 0.226   -11.867 1.00 35.23  ? 94  ASN A OD1 1 
ATOM   637  N  ND2 . ASN A 1 94  ? -15.485 0.783   -12.290 1.00 31.76  ? 94  ASN A ND2 1 
ATOM   638  N  N   . GLY A 1 95  ? -12.806 2.418   -7.642  1.00 30.36  ? 95  GLY A N   1 
ATOM   639  C  CA  . GLY A 1 95  ? -12.608 3.401   -6.612  1.00 28.56  ? 95  GLY A CA  1 
ATOM   640  C  C   . GLY A 1 95  ? -11.419 4.282   -6.936  1.00 31.54  ? 95  GLY A C   1 
ATOM   641  O  O   . GLY A 1 95  ? -10.528 3.916   -7.734  1.00 33.55  ? 95  GLY A O   1 
ATOM   642  N  N   . TRP A 1 96  ? -11.408 5.447   -6.307  1.00 31.46  ? 96  TRP A N   1 
ATOM   643  C  CA  . TRP A 1 96  ? -10.323 6.390   -6.430  1.00 34.50  ? 96  TRP A CA  1 
ATOM   644  C  C   . TRP A 1 96  ? -9.079  5.890   -5.702  1.00 36.46  ? 96  TRP A C   1 
ATOM   645  O  O   . TRP A 1 96  ? -9.150  5.448   -4.551  1.00 35.47  ? 96  TRP A O   1 
ATOM   646  C  CB  . TRP A 1 96  ? -10.751 7.755   -5.878  1.00 34.00  ? 96  TRP A CB  1 
ATOM   647  C  CG  . TRP A 1 96  ? -11.752 8.439   -6.778  1.00 38.21  ? 96  TRP A CG  1 
ATOM   648  C  CD1 . TRP A 1 96  ? -13.097 8.611   -6.548  1.00 36.71  ? 96  TRP A CD1 1 
ATOM   649  C  CD2 . TRP A 1 96  ? -11.486 9.045   -8.070  1.00 38.80  ? 96  TRP A CD2 1 
ATOM   650  N  NE1 . TRP A 1 96  ? -13.677 9.284   -7.615  1.00 39.62  ? 96  TRP A NE1 1 
ATOM   651  C  CE2 . TRP A 1 96  ? -12.713 9.567   -8.552  1.00 37.15  ? 96  TRP A CE2 1 
ATOM   652  C  CE3 . TRP A 1 96  ? -10.336 9.191   -8.855  1.00 36.93  ? 96  TRP A CE3 1 
ATOM   653  C  CZ2 . TRP A 1 96  ? -12.817 10.213  -9.771  1.00 33.33  ? 96  TRP A CZ2 1 
ATOM   654  C  CZ3 . TRP A 1 96  ? -10.448 9.847   -10.048 1.00 38.83  ? 96  TRP A CZ3 1 
ATOM   655  C  CH2 . TRP A 1 96  ? -11.683 10.348  -10.503 1.00 34.38  ? 96  TRP A CH2 1 
ATOM   656  N  N   . GLU A 1 97  ? -7.935  5.967   -6.366  1.00 33.77  ? 97  GLU A N   1 
ATOM   657  C  CA  . GLU A 1 97  ? -6.668  5.710   -5.696  1.00 32.94  ? 97  GLU A CA  1 
ATOM   658  C  C   . GLU A 1 97  ? -5.714  6.829   -6.093  1.00 36.50  ? 97  GLU A C   1 
ATOM   659  O  O   . GLU A 1 97  ? -5.772  7.268   -7.236  1.00 42.27  ? 97  GLU A O   1 
ATOM   660  C  CB  . GLU A 1 97  ? -6.129  4.365   -6.129  1.00 29.25  ? 97  GLU A CB  1 
ATOM   661  C  CG  . GLU A 1 97  ? -7.008  3.173   -5.729  1.00 29.53  ? 97  GLU A CG  1 
ATOM   662  C  CD  . GLU A 1 97  ? -6.279  1.850   -5.925  1.00 30.81  ? 97  GLU A CD  1 
ATOM   663  O  OE1 . GLU A 1 97  ? -5.020  1.860   -6.075  1.00 31.77  ? 97  GLU A OE1 1 
ATOM   664  O  OE2 . GLU A 1 97  ? -6.945  0.796   -5.948  1.00 29.49  ? 97  GLU A OE2 1 
ATOM   665  N  N   . GLY A 1 98  ? -4.893  7.336   -5.162  1.00 38.27  ? 98  GLY A N   1 
ATOM   666  C  CA  . GLY A 1 98  ? -3.722  8.203   -5.499  1.00 42.79  ? 98  GLY A CA  1 
ATOM   667  C  C   . GLY A 1 98  ? -2.398  7.622   -4.993  1.00 47.25  ? 98  GLY A C   1 
ATOM   668  O  O   . GLY A 1 98  ? -2.371  6.528   -4.477  1.00 45.79  ? 98  GLY A O   1 
ATOM   669  N  N   . CYS A 1 99  ? -1.277  8.309   -5.135  1.00 52.09  ? 99  CYS A N   1 
ATOM   670  C  CA  . CYS A 1 99  ? -0.054  7.756   -4.534  1.00 52.25  ? 99  CYS A CA  1 
ATOM   671  C  C   . CYS A 1 99  ? 0.649   8.927   -3.888  1.00 53.50  ? 99  CYS A C   1 
ATOM   672  O  O   . CYS A 1 99  ? 0.403   10.074  -4.235  1.00 47.96  ? 99  CYS A O   1 
ATOM   673  C  CB  . CYS A 1 99  ? 0.825   6.958   -5.575  1.00 63.36  ? 99  CYS A CB  1 
ATOM   674  S  SG  . CYS A 1 99  ? 2.155   5.701   -5.200  1.00 43.65  ? 99  CYS A SG  1 
ATOM   675  N  N   . LEU A 1 100 ? 1.450   8.613   -2.869  1.00 60.53  ? 100 LEU A N   1 
ATOM   676  C  CA  . LEU A 1 100 ? 2.298   9.578   -2.160  1.00 56.71  ? 100 LEU A CA  1 
ATOM   677  C  C   . LEU A 1 100 ? 3.680   9.521   -2.820  1.00 52.84  ? 100 LEU A C   1 
ATOM   678  O  O   . LEU A 1 100 ? 4.545   10.345  -2.569  1.00 55.59  ? 100 LEU A O   1 
ATOM   679  C  CB  . LEU A 1 100 ? 2.385   9.226   -0.677  1.00 49.69  ? 100 LEU A CB  1 
ATOM   680  C  CG  . LEU A 1 100 ? 1.091   9.162   0.123   1.00 46.80  ? 100 LEU A CG  1 
ATOM   681  C  CD1 . LEU A 1 100 ? 1.381   8.429   1.425   1.00 43.60  ? 100 LEU A CD1 1 
ATOM   682  C  CD2 . LEU A 1 100 ? 0.560   10.574  0.334   1.00 39.57  ? 100 LEU A CD2 1 
ATOM   683  N  N   . SER A 1 101 ? 3.873   8.515   -3.661  1.00 48.79  ? 101 SER A N   1 
ATOM   684  C  CA  . SER A 1 101 ? 4.922   8.548   -4.673  1.00 51.73  ? 101 SER A CA  1 
ATOM   685  C  C   . SER A 1 101 ? 4.398   9.321   -5.961  1.00 52.96  ? 101 SER A C   1 
ATOM   686  O  O   . SER A 1 101 ? 5.181   9.709   -6.844  1.00 49.47  ? 101 SER A O   1 
ATOM   687  C  CB  . SER A 1 101 ? 5.428   7.098   -4.962  1.00 47.97  ? 101 SER A CB  1 
ATOM   688  O  OG  . SER A 1 101 ? 5.929   6.487   -3.779  1.00 36.48  ? 101 SER A OG  1 
ATOM   689  N  N   . ILE A 1 102 ? 3.077   9.568   -6.020  1.00 51.69  ? 102 ILE A N   1 
ATOM   690  C  CA  . ILE A 1 102 ? 2.453   10.291  -7.101  1.00 42.41  ? 102 ILE A CA  1 
ATOM   691  C  C   . ILE A 1 102 ? 1.596   11.435  -6.603  1.00 42.83  ? 102 ILE A C   1 
ATOM   692  O  O   . ILE A 1 102 ? 0.384   11.310  -6.838  1.00 40.09  ? 102 ILE A O   1 
ATOM   693  C  CB  . ILE A 1 102 ? 1.479   9.357   -7.806  1.00 44.38  ? 102 ILE A CB  1 
ATOM   694  C  CG1 . ILE A 1 102 ? 2.241   8.178   -8.458  1.00 57.52  ? 102 ILE A CG1 1 
ATOM   695  C  CG2 . ILE A 1 102 ? 0.795   10.084  -8.925  1.00 47.54  ? 102 ILE A CG2 1 
ATOM   696  C  CD1 . ILE A 1 102 ? 1.380   7.076   -9.076  1.00 53.30  ? 102 ILE A CD1 1 
ATOM   697  N  N   . PRO A 1 103 ? 2.183   12.534  -5.955  1.00 43.02  ? 103 PRO A N   1 
ATOM   698  C  CA  . PRO A 1 103 ? 1.307   13.528  -5.266  1.00 47.31  ? 103 PRO A CA  1 
ATOM   699  C  C   . PRO A 1 103 ? 0.656   14.545  -6.252  1.00 47.42  ? 103 PRO A C   1 
ATOM   700  O  O   . PRO A 1 103 ? 1.270   14.913  -7.288  1.00 44.30  ? 103 PRO A O   1 
ATOM   701  C  CB  . PRO A 1 103 ? 2.250   14.221  -4.253  1.00 39.31  ? 103 PRO A CB  1 
ATOM   702  C  CG  . PRO A 1 103 ? 3.515   14.278  -5.024  1.00 40.67  ? 103 PRO A CG  1 
ATOM   703  C  CD  . PRO A 1 103 ? 3.582   13.028  -5.917  1.00 42.16  ? 103 PRO A CD  1 
ATOM   704  N  N   . GLY A 1 104 ? -0.573  14.950  -5.904  1.00 37.90  ? 104 GLY A N   1 
ATOM   705  C  CA  . GLY A 1 104 ? -1.419  15.726  -6.721  1.00 36.70  ? 104 GLY A CA  1 
ATOM   706  C  C   . GLY A 1 104 ? -2.259  14.887  -7.690  1.00 40.64  ? 104 GLY A C   1 
ATOM   707  O  O   . GLY A 1 104 ? -3.142  15.444  -8.343  1.00 37.93  ? 104 GLY A O   1 
ATOM   708  N  N   . LEU A 1 105 ? -2.021  13.573  -7.823  1.00 38.27  ? 105 LEU A N   1 
ATOM   709  C  CA  . LEU A 1 105 ? -2.796  12.792  -8.830  1.00 38.15  ? 105 LEU A CA  1 
ATOM   710  C  C   . LEU A 1 105 ? -3.652  11.627  -8.318  1.00 41.30  ? 105 LEU A C   1 
ATOM   711  O  O   . LEU A 1 105 ? -3.361  11.027  -7.272  1.00 46.35  ? 105 LEU A O   1 
ATOM   712  C  CB  . LEU A 1 105 ? -1.900  12.283  -9.977  1.00 37.64  ? 105 LEU A CB  1 
ATOM   713  C  CG  . LEU A 1 105 ? -1.268  13.296  -10.948 1.00 42.28  ? 105 LEU A CG  1 
ATOM   714  C  CD1 . LEU A 1 105 ? 0.155   12.932  -11.287 1.00 38.88  ? 105 LEU A CD1 1 
ATOM   715  C  CD2 . LEU A 1 105 ? -2.078  13.375  -12.226 1.00 45.02  ? 105 LEU A CD2 1 
ATOM   716  N  N   . ARG A 1 106 ? -4.672  11.284  -9.111  1.00 38.75  ? 106 ARG A N   1 
ATOM   717  C  CA  . ARG A 1 106 ? -5.535  10.149  -8.850  1.00 37.94  ? 106 ARG A CA  1 
ATOM   718  C  C   . ARG A 1 106 ? -6.288  9.647   -10.101 1.00 38.46  ? 106 ARG A C   1 
ATOM   719  O  O   . ARG A 1 106 ? -6.448  10.379  -11.063 1.00 38.93  ? 106 ARG A O   1 
ATOM   720  C  CB  . ARG A 1 106 ? -6.488  10.443  -7.695  1.00 34.86  ? 106 ARG A CB  1 
ATOM   721  C  CG  . ARG A 1 106 ? -7.418  11.596  -7.920  1.00 35.85  ? 106 ARG A CG  1 
ATOM   722  C  CD  . ARG A 1 106 ? -8.112  11.980  -6.615  1.00 37.31  ? 106 ARG A CD  1 
ATOM   723  N  NE  . ARG A 1 106 ? -9.512  12.198  -6.915  1.00 46.51  ? 106 ARG A NE  1 
ATOM   724  C  CZ  . ARG A 1 106 ? -10.071 13.381  -7.153  1.00 53.69  ? 106 ARG A CZ  1 
ATOM   725  N  NH1 . ARG A 1 106 ? -9.355  14.496  -7.033  1.00 60.75  ? 106 ARG A NH1 1 
ATOM   726  N  NH2 . ARG A 1 106 ? -11.359 13.451  -7.483  1.00 48.62  ? 106 ARG A NH2 1 
ATOM   727  N  N   . ALA A 1 107 ? -6.669  8.368   -10.087 1.00 31.80  ? 107 ALA A N   1 
ATOM   728  C  CA  . ALA A 1 107 ? -7.518  7.795   -11.085 1.00 29.84  ? 107 ALA A CA  1 
ATOM   729  C  C   . ALA A 1 107 ? -8.527  6.869   -10.404 1.00 29.57  ? 107 ALA A C   1 
ATOM   730  O  O   . ALA A 1 107 ? -8.475  6.667   -9.206  1.00 31.89  ? 107 ALA A O   1 
ATOM   731  C  CB  . ALA A 1 107 ? -6.696  7.024   -12.111 1.00 26.40  ? 107 ALA A CB  1 
ATOM   732  N  N   . VAL A 1 108 ? -9.425  6.290   -11.181 1.00 26.91  ? 108 VAL A N   1 
ATOM   733  C  CA  . VAL A 1 108 ? -10.273 5.238   -10.713 1.00 26.26  ? 108 VAL A CA  1 
ATOM   734  C  C   . VAL A 1 108 ? -9.610  3.929   -11.107 1.00 29.17  ? 108 VAL A C   1 
ATOM   735  O  O   . VAL A 1 108 ? -9.246  3.730   -12.278 1.00 28.52  ? 108 VAL A O   1 
ATOM   736  C  CB  . VAL A 1 108 ? -11.681 5.342   -11.361 1.00 25.78  ? 108 VAL A CB  1 
ATOM   737  C  CG1 . VAL A 1 108 ? -12.462 4.054   -11.194 1.00 23.53  ? 108 VAL A CG1 1 
ATOM   738  C  CG2 . VAL A 1 108 ? -12.463 6.508   -10.775 1.00 23.11  ? 108 VAL A CG2 1 
ATOM   739  N  N   . ILE A 1 109 ? -9.462  3.016   -10.144 1.00 31.40  ? 109 ILE A N   1 
ATOM   740  C  CA  . ILE A 1 109 ? -8.786  1.732   -10.418 1.00 29.76  ? 109 ILE A CA  1 
ATOM   741  C  C   . ILE A 1 109 ? -9.751  0.609   -10.031 1.00 30.42  ? 109 ILE A C   1 
ATOM   742  O  O   . ILE A 1 109 ? -10.342 0.638   -8.934  1.00 28.16  ? 109 ILE A O   1 
ATOM   743  C  CB  . ILE A 1 109 ? -7.470  1.599   -9.592  1.00 29.22  ? 109 ILE A CB  1 
ATOM   744  C  CG1 . ILE A 1 109 ? -6.580  2.850   -9.716  1.00 32.05  ? 109 ILE A CG1 1 
ATOM   745  C  CG2 . ILE A 1 109 ? -6.751  0.293   -9.878  1.00 29.42  ? 109 ILE A CG2 1 
ATOM   746  C  CD1 . ILE A 1 109 ? -6.098  3.137   -11.124 1.00 34.40  ? 109 ILE A CD1 1 
ATOM   747  N  N   . PRO A 1 110 ? -9.932  -0.391  -10.921 1.00 31.91  ? 110 PRO A N   1 
ATOM   748  C  CA  . PRO A 1 110 ? -10.728 -1.555  -10.486 1.00 31.94  ? 110 PRO A CA  1 
ATOM   749  C  C   . PRO A 1 110 ? -9.865  -2.488  -9.582  1.00 32.18  ? 110 PRO A C   1 
ATOM   750  O  O   . PRO A 1 110 ? -8.698  -2.698  -9.877  1.00 32.03  ? 110 PRO A O   1 
ATOM   751  C  CB  . PRO A 1 110 ? -11.047 -2.227  -11.809 1.00 28.35  ? 110 PRO A CB  1 
ATOM   752  C  CG  . PRO A 1 110 ? -9.796  -2.012  -12.593 1.00 28.29  ? 110 PRO A CG  1 
ATOM   753  C  CD  . PRO A 1 110 ? -9.367  -0.596  -12.275 1.00 29.62  ? 110 PRO A CD  1 
ATOM   754  N  N   . ARG A 1 111 ? -10.420 -2.997  -8.486  1.00 32.90  ? 111 ARG A N   1 
ATOM   755  C  CA  . ARG A 1 111 ? -9.712  -3.896  -7.568  1.00 30.63  ? 111 ARG A CA  1 
ATOM   756  C  C   . ARG A 1 111 ? -10.699 -4.976  -7.158  1.00 33.71  ? 111 ARG A C   1 
ATOM   757  O  O   . ARG A 1 111 ? -11.911 -4.771  -7.238  1.00 36.80  ? 111 ARG A O   1 
ATOM   758  C  CB  . ARG A 1 111 ? -9.339  -3.145  -6.286  1.00 29.23  ? 111 ARG A CB  1 
ATOM   759  C  CG  . ARG A 1 111 ? -8.299  -2.062  -6.437  1.00 24.46  ? 111 ARG A CG  1 
ATOM   760  C  CD  . ARG A 1 111 ? -6.943  -2.615  -6.796  1.00 22.21  ? 111 ARG A CD  1 
ATOM   761  N  NE  . ARG A 1 111 ? -6.003  -1.506  -6.682  1.00 23.63  ? 111 ARG A NE  1 
ATOM   762  C  CZ  . ARG A 1 111 ? -4.700  -1.568  -6.974  1.00 24.65  ? 111 ARG A CZ  1 
ATOM   763  N  NH1 . ARG A 1 111 ? -4.162  -2.722  -7.387  1.00 26.50  ? 111 ARG A NH1 1 
ATOM   764  N  NH2 . ARG A 1 111 ? -3.933  -0.479  -6.879  1.00 21.84  ? 111 ARG A NH2 1 
ATOM   765  N  N   . TYR A 1 112 ? -10.208 -6.128  -6.726  1.00 33.00  ? 112 TYR A N   1 
ATOM   766  C  CA  . TYR A 1 112 ? -11.093 -7.125  -6.114  1.00 34.01  ? 112 TYR A CA  1 
ATOM   767  C  C   . TYR A 1 112 ? -11.835 -6.586  -4.905  1.00 35.85  ? 112 TYR A C   1 
ATOM   768  O  O   . TYR A 1 112 ? -11.238 -5.993  -4.000  1.00 36.80  ? 112 TYR A O   1 
ATOM   769  C  CB  . TYR A 1 112 ? -10.291 -8.316  -5.659  1.00 31.62  ? 112 TYR A CB  1 
ATOM   770  C  CG  . TYR A 1 112 ? -9.679  -9.042  -6.779  1.00 32.17  ? 112 TYR A CG  1 
ATOM   771  C  CD1 . TYR A 1 112 ? -10.439 -9.949  -7.529  1.00 33.19  ? 112 TYR A CD1 1 
ATOM   772  C  CD2 . TYR A 1 112 ? -8.327  -8.837  -7.124  1.00 34.71  ? 112 TYR A CD2 1 
ATOM   773  C  CE1 . TYR A 1 112 ? -9.874  -10.648 -8.591  1.00 35.51  ? 112 TYR A CE1 1 
ATOM   774  C  CE2 . TYR A 1 112 ? -7.748  -9.550  -8.184  1.00 35.54  ? 112 TYR A CE2 1 
ATOM   775  C  CZ  . TYR A 1 112 ? -8.529  -10.441 -8.913  1.00 34.94  ? 112 TYR A CZ  1 
ATOM   776  O  OH  . TYR A 1 112 ? -7.995  -11.161 -9.938  1.00 38.14  ? 112 TYR A OH  1 
ATOM   777  N  N   . ARG A 1 113 ? -13.140 -6.794  -4.874  1.00 35.37  ? 113 ARG A N   1 
ATOM   778  C  CA  . ARG A 1 113 ? -13.880 -6.307  -3.742  1.00 34.84  ? 113 ARG A CA  1 
ATOM   779  C  C   . ARG A 1 113 ? -13.511 -7.115  -2.479  1.00 34.41  ? 113 ARG A C   1 
ATOM   780  O  O   . ARG A 1 113 ? -13.605 -6.580  -1.365  1.00 33.45  ? 113 ARG A O   1 
ATOM   781  C  CB  . ARG A 1 113 ? -15.389 -6.380  -4.015  1.00 39.16  ? 113 ARG A CB  1 
ATOM   782  C  CG  . ARG A 1 113 ? -16.193 -6.424  -2.733  1.00 46.72  ? 113 ARG A CG  1 
ATOM   783  C  CD  . ARG A 1 113 ? -17.365 -5.497  -2.714  1.00 51.38  ? 113 ARG A CD  1 
ATOM   784  N  NE  . ARG A 1 113 ? -18.547 -6.282  -3.025  1.00 58.52  ? 113 ARG A NE  1 
ATOM   785  C  CZ  . ARG A 1 113 ? -19.800 -5.828  -2.994  1.00 66.18  ? 113 ARG A CZ  1 
ATOM   786  N  NH1 . ARG A 1 113 ? -20.046 -4.546  -2.684  1.00 66.89  ? 113 ARG A NH1 1 
ATOM   787  N  NH2 . ARG A 1 113 ? -20.809 -6.654  -3.319  1.00 61.76  ? 113 ARG A NH2 1 
ATOM   788  N  N   . TYR A 1 114 ? -13.110 -8.384  -2.656  1.00 33.42  ? 114 TYR A N   1 
ATOM   789  C  CA  . TYR A 1 114 ? -12.953 -9.337  -1.545  1.00 35.53  ? 114 TYR A CA  1 
ATOM   790  C  C   . TYR A 1 114 ? -11.642 -10.081 -1.537  1.00 35.38  ? 114 TYR A C   1 
ATOM   791  O  O   . TYR A 1 114 ? -11.377 -10.841 -2.465  1.00 35.73  ? 114 TYR A O   1 
ATOM   792  C  CB  . TYR A 1 114 ? -14.037 -10.416 -1.553  1.00 38.47  ? 114 TYR A CB  1 
ATOM   793  C  CG  . TYR A 1 114 ? -15.410 -9.911  -1.268  1.00 46.05  ? 114 TYR A CG  1 
ATOM   794  C  CD1 . TYR A 1 114 ? -16.403 -9.915  -2.256  1.00 52.42  ? 114 TYR A CD1 1 
ATOM   795  C  CD2 . TYR A 1 114 ? -15.734 -9.411  -0.018  1.00 48.02  ? 114 TYR A CD2 1 
ATOM   796  C  CE1 . TYR A 1 114 ? -17.693 -9.430  -1.987  1.00 55.56  ? 114 TYR A CE1 1 
ATOM   797  C  CE2 . TYR A 1 114 ? -17.010 -8.920  0.257   1.00 52.43  ? 114 TYR A CE2 1 
ATOM   798  C  CZ  . TYR A 1 114 ? -17.982 -8.929  -0.723  1.00 53.92  ? 114 TYR A CZ  1 
ATOM   799  O  OH  . TYR A 1 114 ? -19.229 -8.454  -0.409  1.00 59.84  ? 114 TYR A OH  1 
ATOM   800  N  N   . ILE A 1 115 ? -10.865 -9.951  -0.458  1.00 30.99  ? 115 ILE A N   1 
ATOM   801  C  CA  . ILE A 1 115 ? -9.617  -10.688 -0.382  1.00 28.98  ? 115 ILE A CA  1 
ATOM   802  C  C   . ILE A 1 115 ? -9.366  -11.281 0.974   1.00 31.18  ? 115 ILE A C   1 
ATOM   803  O  O   . ILE A 1 115 ? -10.038 -10.933 1.976   1.00 26.33  ? 115 ILE A O   1 
ATOM   804  C  CB  . ILE A 1 115 ? -8.378  -9.842  -0.770  1.00 27.85  ? 115 ILE A CB  1 
ATOM   805  C  CG1 . ILE A 1 115 ? -8.060  -8.832  0.319   1.00 26.18  ? 115 ILE A CG1 1 
ATOM   806  C  CG2 . ILE A 1 115 ? -8.552  -9.189  -2.149  1.00 28.11  ? 115 ILE A CG2 1 
ATOM   807  C  CD1 . ILE A 1 115 ? -6.871  -7.962  0.015   1.00 27.77  ? 115 ILE A CD1 1 
ATOM   808  N  N   . ARG A 1 116 ? -8.403  -12.218 0.970   1.00 32.56  ? 116 ARG A N   1 
ATOM   809  C  CA  . ARG A 1 116 ? -7.685  -12.603 2.163   1.00 29.93  ? 116 ARG A CA  1 
ATOM   810  C  C   . ARG A 1 116 ? -6.235  -12.197 1.937   1.00 33.32  ? 116 ARG A C   1 
ATOM   811  O  O   . ARG A 1 116 ? -5.669  -12.332 0.824   1.00 30.68  ? 116 ARG A O   1 
ATOM   812  C  CB  . ARG A 1 116 ? -7.781  -14.089 2.449   1.00 31.99  ? 116 ARG A CB  1 
ATOM   813  C  CG  . ARG A 1 116 ? -7.068  -14.542 3.741   1.00 30.28  ? 116 ARG A CG  1 
ATOM   814  C  CD  . ARG A 1 116 ? -7.804  -15.698 4.411   1.00 31.68  ? 116 ARG A CD  1 
ATOM   815  N  NE  . ARG A 1 116 ? -8.037  -16.743 3.459   1.00 34.22  ? 116 ARG A NE  1 
ATOM   816  C  CZ  . ARG A 1 116 ? -9.201  -17.338 3.189   1.00 34.75  ? 116 ARG A CZ  1 
ATOM   817  N  NH1 . ARG A 1 116 ? -10.333 -17.090 3.837   1.00 31.30  ? 116 ARG A NH1 1 
ATOM   818  N  NH2 . ARG A 1 116 ? -9.200  -18.246 2.232   1.00 35.30  ? 116 ARG A NH2 1 
ATOM   819  N  N   . TYR A 1 117 ? -5.654  -11.652 3.002   1.00 32.34  ? 117 TYR A N   1 
ATOM   820  C  CA  . TYR A 1 117 ? -4.228  -11.466 3.067   1.00 30.11  ? 117 TYR A CA  1 
ATOM   821  C  C   . TYR A 1 117 ? -3.639  -12.144 4.319   1.00 30.30  ? 117 TYR A C   1 
ATOM   822  O  O   . TYR A 1 117 ? -4.321  -12.299 5.355   1.00 31.59  ? 117 TYR A O   1 
ATOM   823  C  CB  . TYR A 1 117 ? -3.919  -9.987  2.980   1.00 31.16  ? 117 TYR A CB  1 
ATOM   824  C  CG  . TYR A 1 117 ? -4.450  -9.101  4.095   1.00 31.35  ? 117 TYR A CG  1 
ATOM   825  C  CD1 . TYR A 1 117 ? -5.664  -8.417  3.954   1.00 30.40  ? 117 TYR A CD1 1 
ATOM   826  C  CD2 . TYR A 1 117 ? -3.700  -8.915  5.290   1.00 31.21  ? 117 TYR A CD2 1 
ATOM   827  C  CE1 . TYR A 1 117 ? -6.135  -7.573  4.971   1.00 31.53  ? 117 TYR A CE1 1 
ATOM   828  C  CE2 . TYR A 1 117 ? -4.156  -8.077  6.307   1.00 32.43  ? 117 TYR A CE2 1 
ATOM   829  C  CZ  . TYR A 1 117 ? -5.365  -7.395  6.139   1.00 34.40  ? 117 TYR A CZ  1 
ATOM   830  O  OH  . TYR A 1 117 ? -5.814  -6.573  7.151   1.00 34.16  ? 117 TYR A OH  1 
ATOM   831  N  N   . ARG A 1 118 ? -2.399  -12.586 4.175   1.00 29.37  ? 118 ARG A N   1 
ATOM   832  C  CA  . ARG A 1 118 ? -1.647  -13.352 5.160   1.00 31.48  ? 118 ARG A CA  1 
ATOM   833  C  C   . ARG A 1 118 ? -0.211  -12.755 5.198   1.00 31.78  ? 118 ARG A C   1 
ATOM   834  O  O   . ARG A 1 118 ? 0.342   -12.280 4.158   1.00 28.15  ? 118 ARG A O   1 
ATOM   835  C  CB  . ARG A 1 118 ? -1.542  -14.849 4.783   1.00 36.85  ? 118 ARG A CB  1 
ATOM   836  C  CG  . ARG A 1 118 ? -2.818  -15.697 4.778   1.00 45.08  ? 118 ARG A CG  1 
ATOM   837  C  CD  . ARG A 1 118 ? -2.524  -17.195 4.537   1.00 51.25  ? 118 ARG A CD  1 
ATOM   838  N  NE  . ARG A 1 118 ? -3.222  -17.801 3.377   1.00 64.76  ? 118 ARG A NE  1 
ATOM   839  C  CZ  . ARG A 1 118 ? -4.272  -18.642 3.430   1.00 64.04  ? 118 ARG A CZ  1 
ATOM   840  N  NH1 . ARG A 1 118 ? -4.777  -18.978 4.629   1.00 54.68  ? 118 ARG A NH1 1 
ATOM   841  N  NH2 . ARG A 1 118 ? -4.816  -19.129 2.278   1.00 53.03  ? 118 ARG A NH2 1 
ATOM   842  N  N   . GLY A 1 119 ? 0.369   -12.738 6.411   1.00 28.41  ? 119 GLY A N   1 
ATOM   843  C  CA  . GLY A 1 119 ? 1.782   -12.445 6.600   1.00 24.91  ? 119 GLY A CA  1 
ATOM   844  C  C   . GLY A 1 119 ? 2.042   -12.373 8.085   1.00 27.27  ? 119 GLY A C   1 
ATOM   845  O  O   . GLY A 1 119 ? 1.398   -13.099 8.881   1.00 25.42  ? 119 GLY A O   1 
ATOM   846  N  N   . PHE A 1 120 ? 2.940   -11.454 8.476   1.00 26.06  ? 120 PHE A N   1 
ATOM   847  C  CA  . PHE A 1 120 ? 3.409   -11.409 9.846   1.00 27.17  ? 120 PHE A CA  1 
ATOM   848  C  C   . PHE A 1 120 ? 3.408   -10.008 10.404  1.00 26.40  ? 120 PHE A C   1 
ATOM   849  O  O   . PHE A 1 120 ? 3.747   -9.049  9.710   1.00 25.09  ? 120 PHE A O   1 
ATOM   850  C  CB  . PHE A 1 120 ? 4.795   -12.088 9.939   1.00 30.56  ? 120 PHE A CB  1 
ATOM   851  C  CG  . PHE A 1 120 ? 4.761   -13.545 9.502   1.00 34.42  ? 120 PHE A CG  1 
ATOM   852  C  CD1 . PHE A 1 120 ? 4.450   -14.571 10.422  1.00 34.91  ? 120 PHE A CD1 1 
ATOM   853  C  CD2 . PHE A 1 120 ? 4.928   -13.893 8.143   1.00 35.39  ? 120 PHE A CD2 1 
ATOM   854  C  CE1 . PHE A 1 120 ? 4.372   -15.898 10.002  1.00 32.87  ? 120 PHE A CE1 1 
ATOM   855  C  CE2 . PHE A 1 120 ? 4.820   -15.221 7.719   1.00 35.71  ? 120 PHE A CE2 1 
ATOM   856  C  CZ  . PHE A 1 120 ? 4.539   -16.219 8.650   1.00 33.36  ? 120 PHE A CZ  1 
ATOM   857  N  N   . ALA A 1 121 ? 2.976   -9.890  11.655  1.00 26.16  ? 121 ALA A N   1 
ATOM   858  C  CA  . ALA A 1 121 ? 3.126   -8.646  12.376  1.00 27.39  ? 121 ALA A CA  1 
ATOM   859  C  C   . ALA A 1 121 ? 4.634   -8.534  12.695  1.00 28.73  ? 121 ALA A C   1 
ATOM   860  O  O   . ALA A 1 121 ? 5.344   -9.529  12.663  1.00 29.73  ? 121 ALA A O   1 
ATOM   861  C  CB  . ALA A 1 121 ? 2.274   -8.679  13.630  1.00 24.89  ? 121 ALA A CB  1 
ATOM   862  N  N   . PRO A 1 122 ? 5.137   -7.319  12.968  1.00 31.97  ? 122 PRO A N   1 
ATOM   863  C  CA  . PRO A 1 122 ? 6.605   -7.141  13.103  1.00 31.26  ? 122 PRO A CA  1 
ATOM   864  C  C   . PRO A 1 122 ? 7.271   -7.945  14.247  1.00 29.50  ? 122 PRO A C   1 
ATOM   865  O  O   . PRO A 1 122 ? 8.520   -8.071  14.310  1.00 26.97  ? 122 PRO A O   1 
ATOM   866  C  CB  . PRO A 1 122 ? 6.740   -5.623  13.357  1.00 30.38  ? 122 PRO A CB  1 
ATOM   867  C  CG  . PRO A 1 122 ? 5.471   -5.025  12.860  1.00 27.12  ? 122 PRO A CG  1 
ATOM   868  C  CD  . PRO A 1 122 ? 4.404   -6.034  13.068  1.00 29.78  ? 122 PRO A CD  1 
ATOM   869  N  N   . ASP A 1 123 ? 6.440   -8.440  15.153  1.00 28.13  ? 123 ASP A N   1 
ATOM   870  C  CA  . ASP A 1 123 ? 6.939   -9.181  16.279  1.00 31.50  ? 123 ASP A CA  1 
ATOM   871  C  C   . ASP A 1 123 ? 6.937   -10.658 15.948  1.00 32.66  ? 123 ASP A C   1 
ATOM   872  O  O   . ASP A 1 123 ? 7.152   -11.466 16.820  1.00 35.18  ? 123 ASP A O   1 
ATOM   873  C  CB  . ASP A 1 123 ? 6.110   -8.903  17.562  1.00 29.37  ? 123 ASP A CB  1 
ATOM   874  C  CG  . ASP A 1 123 ? 4.728   -9.496  17.505  1.00 31.05  ? 123 ASP A CG  1 
ATOM   875  O  OD1 . ASP A 1 123 ? 3.956   -9.280  18.462  1.00 35.08  ? 123 ASP A OD1 1 
ATOM   876  O  OD2 . ASP A 1 123 ? 4.380   -10.166 16.512  1.00 30.91  ? 123 ASP A OD2 1 
ATOM   877  N  N   . GLY A 1 124 ? 6.635   -11.014 14.712  1.00 31.78  ? 124 GLY A N   1 
ATOM   878  C  CA  . GLY A 1 124 ? 6.551   -12.421 14.350  1.00 31.88  ? 124 GLY A CA  1 
ATOM   879  C  C   . GLY A 1 124 ? 5.191   -13.084 14.430  1.00 31.97  ? 124 GLY A C   1 
ATOM   880  O  O   . GLY A 1 124 ? 4.998   -14.164 13.867  1.00 31.83  ? 124 GLY A O   1 
ATOM   881  N  N   . SER A 1 125 ? 4.217   -12.506 15.118  1.00 32.18  ? 125 SER A N   1 
ATOM   882  C  CA  . SER A 1 125 ? 2.923   -13.211 15.099  1.00 35.61  ? 125 SER A CA  1 
ATOM   883  C  C   . SER A 1 125 ? 2.266   -13.197 13.713  1.00 37.82  ? 125 SER A C   1 
ATOM   884  O  O   . SER A 1 125 ? 2.258   -12.176 13.017  1.00 38.80  ? 125 SER A O   1 
ATOM   885  C  CB  . SER A 1 125 ? 1.966   -12.765 16.200  1.00 34.80  ? 125 SER A CB  1 
ATOM   886  O  OG  . SER A 1 125 ? 2.379   -11.556 16.758  1.00 37.98  ? 125 SER A OG  1 
ATOM   887  N  N   . PRO A 1 126 ? 1.756   -14.357 13.287  1.00 42.00  ? 126 PRO A N   1 
ATOM   888  C  CA  . PRO A 1 126 ? 1.041   -14.458 12.001  1.00 39.78  ? 126 PRO A CA  1 
ATOM   889  C  C   . PRO A 1 126 ? -0.228  -13.577 12.001  1.00 38.16  ? 126 PRO A C   1 
ATOM   890  O  O   . PRO A 1 126 ? -0.843  -13.371 13.041  1.00 38.37  ? 126 PRO A O   1 
ATOM   891  C  CB  . PRO A 1 126 ? 0.681   -15.942 11.938  1.00 39.79  ? 126 PRO A CB  1 
ATOM   892  C  CG  . PRO A 1 126 ? 0.600   -16.362 13.395  1.00 38.87  ? 126 PRO A CG  1 
ATOM   893  C  CD  . PRO A 1 126 ? 1.741   -15.637 14.031  1.00 39.60  ? 126 PRO A CD  1 
ATOM   894  N  N   . ILE A 1 127 ? -0.557  -13.007 10.850  1.00 37.46  ? 127 ILE A N   1 
ATOM   895  C  CA  . ILE A 1 127 ? -1.744  -12.168 10.683  1.00 35.03  ? 127 ILE A CA  1 
ATOM   896  C  C   . ILE A 1 127 ? -2.461  -12.741 9.451   1.00 35.91  ? 127 ILE A C   1 
ATOM   897  O  O   . ILE A 1 127 ? -1.882  -12.803 8.367   1.00 36.27  ? 127 ILE A O   1 
ATOM   898  C  CB  . ILE A 1 127 ? -1.347  -10.697 10.363  1.00 34.00  ? 127 ILE A CB  1 
ATOM   899  C  CG1 . ILE A 1 127 ? -0.664  -9.997  11.567  1.00 34.60  ? 127 ILE A CG1 1 
ATOM   900  C  CG2 . ILE A 1 127 ? -2.551  -9.889  9.864   1.00 30.64  ? 127 ILE A CG2 1 
ATOM   901  C  CD1 . ILE A 1 127 ? -0.423  -8.504  11.381  1.00 29.50  ? 127 ILE A CD1 1 
ATOM   902  N  N   . GLU A 1 128 ? -3.688  -13.216 9.610   1.00 36.54  ? 128 GLU A N   1 
ATOM   903  C  CA  . GLU A 1 128 ? -4.508  -13.490 8.424   1.00 37.55  ? 128 GLU A CA  1 
ATOM   904  C  C   . GLU A 1 128 ? -5.892  -12.890 8.482   1.00 35.92  ? 128 GLU A C   1 
ATOM   905  O  O   . GLU A 1 128 ? -6.625  -13.090 9.436   1.00 35.10  ? 128 GLU A O   1 
ATOM   906  C  CB  . GLU A 1 128 ? -4.473  -14.950 7.928   1.00 37.01  ? 128 GLU A CB  1 
ATOM   907  C  CG  . GLU A 1 128 ? -5.172  -16.019 8.731   1.00 38.50  ? 128 GLU A CG  1 
ATOM   908  C  CD  . GLU A 1 128 ? -6.692  -15.954 8.633   1.00 42.69  ? 128 GLU A CD  1 
ATOM   909  O  OE1 . GLU A 1 128 ? -7.223  -15.742 7.516   1.00 34.42  ? 128 GLU A OE1 1 
ATOM   910  O  OE2 . GLU A 1 128 ? -7.366  -16.088 9.701   1.00 42.76  ? 128 GLU A OE2 1 
ATOM   911  N  N   . ARG A 1 129 ? -6.245  -12.131 7.453   1.00 35.75  ? 129 ARG A N   1 
ATOM   912  C  CA  . ARG A 1 129 ? -7.548  -11.488 7.462   1.00 33.44  ? 129 ARG A CA  1 
ATOM   913  C  C   . ARG A 1 129 ? -8.295  -11.603 6.162   1.00 33.29  ? 129 ARG A C   1 
ATOM   914  O  O   . ARG A 1 129 ? -7.698  -11.661 5.067   1.00 33.66  ? 129 ARG A O   1 
ATOM   915  C  CB  . ARG A 1 129 ? -7.407  -10.027 7.815   1.00 35.01  ? 129 ARG A CB  1 
ATOM   916  C  CG  . ARG A 1 129 ? -6.952  -9.772  9.239   1.00 36.44  ? 129 ARG A CG  1 
ATOM   917  C  CD  . ARG A 1 129 ? -6.480  -8.336  9.288   1.00 35.64  ? 129 ARG A CD  1 
ATOM   918  N  NE  . ARG A 1 129 ? -6.142  -7.892  10.624  1.00 34.78  ? 129 ARG A NE  1 
ATOM   919  C  CZ  . ARG A 1 129 ? -5.489  -6.765  10.893  1.00 37.18  ? 129 ARG A CZ  1 
ATOM   920  N  NH1 . ARG A 1 129 ? -5.060  -5.947  9.935   1.00 35.96  ? 129 ARG A NH1 1 
ATOM   921  N  NH2 . ARG A 1 129 ? -5.246  -6.462  12.139  1.00 36.06  ? 129 ARG A NH2 1 
ATOM   922  N  N   . GLU A 1 130 ? -9.612  -11.661 6.295   1.00 32.60  ? 130 GLU A N   1 
ATOM   923  C  CA  . GLU A 1 130 ? -10.485 -11.388 5.173   1.00 32.24  ? 130 GLU A CA  1 
ATOM   924  C  C   . GLU A 1 130 ? -10.677 -9.889  5.197   1.00 36.22  ? 130 GLU A C   1 
ATOM   925  O  O   . GLU A 1 130 ? -10.885 -9.308  6.270   1.00 37.02  ? 130 GLU A O   1 
ATOM   926  C  CB  . GLU A 1 130 ? -11.821 -12.078 5.335   1.00 29.16  ? 130 GLU A CB  1 
ATOM   927  C  CG  . GLU A 1 130 ? -11.800 -13.562 4.995   1.00 29.51  ? 130 GLU A CG  1 
ATOM   928  C  CD  . GLU A 1 130 ? -11.114 -14.383 6.075   1.00 32.68  ? 130 GLU A CD  1 
ATOM   929  O  OE1 . GLU A 1 130 ? -10.182 -15.175 5.715   1.00 33.91  ? 130 GLU A OE1 1 
ATOM   930  O  OE2 . GLU A 1 130 ? -11.465 -14.213 7.285   1.00 30.74  ? 130 GLU A OE2 1 
ATOM   931  N  N   . ALA A 1 131 ? -10.573 -9.255  4.033   1.00 33.94  ? 131 ALA A N   1 
ATOM   932  C  CA  . ALA A 1 131 ? -10.946 -7.874  3.937   1.00 32.30  ? 131 ALA A CA  1 
ATOM   933  C  C   . ALA A 1 131 ? -11.830 -7.586  2.714   1.00 33.37  ? 131 ALA A C   1 
ATOM   934  O  O   . ALA A 1 131 ? -11.799 -8.312  1.708   1.00 32.45  ? 131 ALA A O   1 
ATOM   935  C  CB  . ALA A 1 131 ? -9.705  -7.001  3.957   1.00 31.31  ? 131 ALA A CB  1 
ATOM   936  N  N   . GLU A 1 132 ? -12.589 -6.503  2.783   1.00 30.62  ? 132 GLU A N   1 
ATOM   937  C  CA  . GLU A 1 132 ? -13.382 -6.131  1.653   1.00 33.30  ? 132 GLU A CA  1 
ATOM   938  C  C   . GLU A 1 132 ? -13.380 -4.595  1.391   1.00 32.06  ? 132 GLU A C   1 
ATOM   939  O  O   . GLU A 1 132 ? -12.941 -3.825  2.246   1.00 31.64  ? 132 GLU A O   1 
ATOM   940  C  CB  . GLU A 1 132 ? -14.778 -6.641  1.897   1.00 34.66  ? 132 GLU A CB  1 
ATOM   941  C  CG  . GLU A 1 132 ? -15.657 -5.539  2.412   1.00 40.37  ? 132 GLU A CG  1 
ATOM   942  C  CD  . GLU A 1 132 ? -16.950 -6.077  2.899   1.00 48.91  ? 132 GLU A CD  1 
ATOM   943  O  OE1 . GLU A 1 132 ? -16.998 -6.242  4.123   1.00 48.60  ? 132 GLU A OE1 1 
ATOM   944  O  OE2 . GLU A 1 132 ? -17.877 -6.346  2.072   1.00 52.47  ? 132 GLU A OE2 1 
ATOM   945  N  N   . GLY A 1 133 ? -13.884 -4.155  0.222   1.00 29.44  ? 133 GLY A N   1 
ATOM   946  C  CA  . GLY A 1 133 ? -13.959 -2.720  -0.107  1.00 25.37  ? 133 GLY A CA  1 
ATOM   947  C  C   . GLY A 1 133 ? -12.637 -1.977  0.094   1.00 29.24  ? 133 GLY A C   1 
ATOM   948  O  O   . GLY A 1 133 ? -11.539 -2.417  -0.353  1.00 26.87  ? 133 GLY A O   1 
ATOM   949  N  N   . PHE A 1 134 ? -12.739 -0.867  0.813   1.00 29.57  ? 134 PHE A N   1 
ATOM   950  C  CA  . PHE A 1 134 ? -11.634 0.065   0.964   1.00 30.84  ? 134 PHE A CA  1 
ATOM   951  C  C   . PHE A 1 134 ? -10.400 -0.568  1.617   1.00 32.04  ? 134 PHE A C   1 
ATOM   952  O  O   . PHE A 1 134 ? -9.314  -0.505  1.056   1.00 32.93  ? 134 PHE A O   1 
ATOM   953  C  CB  . PHE A 1 134 ? -12.078 1.323   1.696   1.00 29.52  ? 134 PHE A CB  1 
ATOM   954  C  CG  . PHE A 1 134 ? -11.045 2.402   1.669   1.00 32.79  ? 134 PHE A CG  1 
ATOM   955  C  CD1 . PHE A 1 134 ? -10.590 2.923   0.450   1.00 34.24  ? 134 PHE A CD1 1 
ATOM   956  C  CD2 . PHE A 1 134 ? -10.476 2.892   2.856   1.00 33.33  ? 134 PHE A CD2 1 
ATOM   957  C  CE1 . PHE A 1 134 ? -9.593  3.926   0.425   1.00 34.67  ? 134 PHE A CE1 1 
ATOM   958  C  CE2 . PHE A 1 134 ? -9.485  3.886   2.821   1.00 31.67  ? 134 PHE A CE2 1 
ATOM   959  C  CZ  . PHE A 1 134 ? -9.033  4.396   1.614   1.00 29.20  ? 134 PHE A CZ  1 
ATOM   960  N  N   . HIS A 1 135 ? -10.588 -1.204  2.777   1.00 34.59  ? 135 HIS A N   1 
ATOM   961  C  CA  . HIS A 1 135 ? -9.616  -2.113  3.408   1.00 30.27  ? 135 HIS A CA  1 
ATOM   962  C  C   . HIS A 1 135 ? -8.903  -3.015  2.370   1.00 30.37  ? 135 HIS A C   1 
ATOM   963  O  O   . HIS A 1 135 ? -7.693  -3.006  2.280   1.00 33.93  ? 135 HIS A O   1 
ATOM   964  C  CB  . HIS A 1 135 ? -10.358 -2.976  4.431   1.00 31.74  ? 135 HIS A CB  1 
ATOM   965  C  CG  . HIS A 1 135 ? -9.462  -3.742  5.375   1.00 36.21  ? 135 HIS A CG  1 
ATOM   966  N  ND1 . HIS A 1 135 ? -9.924  -4.277  6.559   1.00 33.35  ? 135 HIS A ND1 1 
ATOM   967  C  CD2 . HIS A 1 135 ? -8.144  -4.066  5.307   1.00 32.82  ? 135 HIS A CD2 1 
ATOM   968  C  CE1 . HIS A 1 135 ? -8.931  -4.885  7.178   1.00 33.82  ? 135 HIS A CE1 1 
ATOM   969  N  NE2 . HIS A 1 135 ? -7.847  -4.785  6.437   1.00 31.49  ? 135 HIS A NE2 1 
ATOM   970  N  N   . ALA A 1 136 ? -9.649  -3.766  1.568   1.00 30.08  ? 136 ALA A N   1 
ATOM   971  C  CA  . ALA A 1 136 ? -9.061  -4.597  0.534   1.00 28.89  ? 136 ALA A CA  1 
ATOM   972  C  C   . ALA A 1 136 ? -8.273  -3.787  -0.499  1.00 29.58  ? 136 ALA A C   1 
ATOM   973  O  O   . ALA A 1 136 ? -7.264  -4.242  -1.046  1.00 31.49  ? 136 ALA A O   1 
ATOM   974  C  CB  . ALA A 1 136 ? -10.139 -5.400  -0.154  1.00 26.49  ? 136 ALA A CB  1 
ATOM   975  N  N   . ARG A 1 137 ? -8.744  -2.590  -0.790  1.00 28.39  ? 137 ARG A N   1 
ATOM   976  C  CA  . ARG A 1 137 ? -8.152  -1.846  -1.890  1.00 27.09  ? 137 ARG A CA  1 
ATOM   977  C  C   . ARG A 1 137 ? -6.796  -1.349  -1.416  1.00 25.19  ? 137 ARG A C   1 
ATOM   978  O  O   . ARG A 1 137 ? -5.809  -1.429  -2.120  1.00 23.58  ? 137 ARG A O   1 
ATOM   979  C  CB  . ARG A 1 137 ? -9.094  -0.699  -2.337  1.00 24.26  ? 137 ARG A CB  1 
ATOM   980  C  CG  . ARG A 1 137 ? -8.433  0.542   -2.923  1.00 24.09  ? 137 ARG A CG  1 
ATOM   981  C  CD  . ARG A 1 137 ? -9.445  1.605   -3.359  1.00 25.80  ? 137 ARG A CD  1 
ATOM   982  N  NE  . ARG A 1 137 ? -10.665 0.999   -3.929  1.00 24.23  ? 137 ARG A NE  1 
ATOM   983  C  CZ  . ARG A 1 137 ? -10.821 0.675   -5.225  1.00 25.08  ? 137 ARG A CZ  1 
ATOM   984  N  NH1 . ARG A 1 137 ? -9.843  0.964   -6.122  1.00 21.15  ? 137 ARG A NH1 1 
ATOM   985  N  NH2 . ARG A 1 137 ? -11.979 0.111   -5.628  1.00 23.16  ? 137 ARG A NH2 1 
ATOM   986  N  N   . VAL A 1 138 ? -6.782  -0.818  -0.206  1.00 24.88  ? 138 VAL A N   1 
ATOM   987  C  CA  . VAL A 1 138 ? -5.548  -0.363  0.399   1.00 26.22  ? 138 VAL A CA  1 
ATOM   988  C  C   . VAL A 1 138 ? -4.497  -1.463  0.324   1.00 27.91  ? 138 VAL A C   1 
ATOM   989  O  O   . VAL A 1 138 ? -3.393  -1.222  -0.197  1.00 31.56  ? 138 VAL A O   1 
ATOM   990  C  CB  . VAL A 1 138 ? -5.743  0.166   1.836   1.00 26.07  ? 138 VAL A CB  1 
ATOM   991  C  CG1 . VAL A 1 138 ? -4.381  0.485   2.462   1.00 23.50  ? 138 VAL A CG1 1 
ATOM   992  C  CG2 . VAL A 1 138 ? -6.658  1.418   1.811   1.00 25.27  ? 138 VAL A CG2 1 
ATOM   993  N  N   . VAL A 1 139 ? -4.848  -2.675  0.757   1.00 26.58  ? 139 VAL A N   1 
ATOM   994  C  CA  . VAL A 1 139 ? -3.865  -3.755  0.842   1.00 25.39  ? 139 VAL A CA  1 
ATOM   995  C  C   . VAL A 1 139 ? -3.369  -4.173  -0.551  1.00 25.95  ? 139 VAL A C   1 
ATOM   996  O  O   . VAL A 1 139 ? -2.158  -4.411  -0.726  1.00 26.18  ? 139 VAL A O   1 
ATOM   997  C  CB  . VAL A 1 139 ? -4.410  -4.948  1.645   1.00 25.76  ? 139 VAL A CB  1 
ATOM   998  C  CG1 . VAL A 1 139 ? -3.573  -6.185  1.385   1.00 24.80  ? 139 VAL A CG1 1 
ATOM   999  C  CG2 . VAL A 1 139 ? -4.470  -4.586  3.128   1.00 24.89  ? 139 VAL A CG2 1 
ATOM   1000 N  N   . GLN A 1 140 ? -4.277  -4.211  -1.543  1.00 24.46  ? 140 GLN A N   1 
ATOM   1001 C  CA  . GLN A 1 140 ? -3.914  -4.539  -2.930  1.00 23.58  ? 140 GLN A CA  1 
ATOM   1002 C  C   . GLN A 1 140 ? -2.977  -3.467  -3.490  1.00 26.19  ? 140 GLN A C   1 
ATOM   1003 O  O   . GLN A 1 140 ? -1.980  -3.758  -4.174  1.00 23.66  ? 140 GLN A O   1 
ATOM   1004 C  CB  . GLN A 1 140 ? -5.145  -4.679  -3.825  1.00 22.57  ? 140 GLN A CB  1 
ATOM   1005 C  CG  . GLN A 1 140 ? -6.005  -5.929  -3.604  1.00 23.08  ? 140 GLN A CG  1 
ATOM   1006 C  CD  . GLN A 1 140 ? -7.389  -5.837  -4.318  1.00 25.08  ? 140 GLN A CD  1 
ATOM   1007 O  OE1 . GLN A 1 140 ? -7.494  -6.062  -5.535  1.00 25.49  ? 140 GLN A OE1 1 
ATOM   1008 N  NE2 . GLN A 1 140 ? -8.446  -5.501  -3.558  1.00 22.02  ? 140 GLN A NE2 1 
ATOM   1009 N  N   . HIS A 1 141 ? -3.293  -2.217  -3.167  1.00 27.10  ? 141 HIS A N   1 
ATOM   1010 C  CA  . HIS A 1 141 ? -2.498  -1.112  -3.650  1.00 30.98  ? 141 HIS A CA  1 
ATOM   1011 C  C   . HIS A 1 141 ? -1.061  -1.210  -3.096  1.00 32.04  ? 141 HIS A C   1 
ATOM   1012 O  O   . HIS A 1 141 ? -0.110  -1.125  -3.880  1.00 31.32  ? 141 HIS A O   1 
ATOM   1013 C  CB  . HIS A 1 141 ? -3.167  0.250   -3.340  1.00 32.98  ? 141 HIS A CB  1 
ATOM   1014 C  CG  . HIS A 1 141 ? -2.324  1.439   -3.714  1.00 34.27  ? 141 HIS A CG  1 
ATOM   1015 N  ND1 . HIS A 1 141 ? -2.667  2.309   -4.727  1.00 36.40  ? 141 HIS A ND1 1 
ATOM   1016 C  CD2 . HIS A 1 141 ? -1.150  1.896   -3.213  1.00 34.68  ? 141 HIS A CD2 1 
ATOM   1017 C  CE1 . HIS A 1 141 ? -1.726  3.236   -4.847  1.00 34.18  ? 141 HIS A CE1 1 
ATOM   1018 N  NE2 . HIS A 1 141 ? -0.797  3.005   -3.939  1.00 32.12  ? 141 HIS A NE2 1 
ATOM   1019 N  N   . GLU A 1 142 ? -0.910  -1.402  -1.768  1.00 31.32  ? 142 GLU A N   1 
ATOM   1020 C  CA  . GLU A 1 142 ? 0.415   -1.483  -1.151  1.00 27.42  ? 142 GLU A CA  1 
ATOM   1021 C  C   . GLU A 1 142 ? 1.132   -2.707  -1.630  1.00 29.37  ? 142 GLU A C   1 
ATOM   1022 O  O   . GLU A 1 142 ? 2.351   -2.655  -1.888  1.00 31.05  ? 142 GLU A O   1 
ATOM   1023 C  CB  . GLU A 1 142 ? 0.346   -1.492  0.359   1.00 28.06  ? 142 GLU A CB  1 
ATOM   1024 C  CG  . GLU A 1 142 ? -0.339  -0.280  0.955   1.00 28.75  ? 142 GLU A CG  1 
ATOM   1025 C  CD  . GLU A 1 142 ? 0.123   1.023   0.367   1.00 32.14  ? 142 GLU A CD  1 
ATOM   1026 O  OE1 . GLU A 1 142 ? 1.259   1.195   -0.149  1.00 34.99  ? 142 GLU A OE1 1 
ATOM   1027 O  OE2 . GLU A 1 142 ? -0.682  1.934   0.432   1.00 38.62  ? 142 GLU A OE2 1 
ATOM   1028 N  N   . TYR A 1 143 ? 0.390   -3.803  -1.784  1.00 27.30  ? 143 TYR A N   1 
ATOM   1029 C  CA  . TYR A 1 143 ? 0.975   -5.002  -2.334  1.00 28.03  ? 143 TYR A CA  1 
ATOM   1030 C  C   . TYR A 1 143 ? 1.623   -4.788  -3.726  1.00 30.75  ? 143 TYR A C   1 
ATOM   1031 O  O   . TYR A 1 143 ? 2.756   -5.301  -3.996  1.00 29.46  ? 143 TYR A O   1 
ATOM   1032 C  CB  . TYR A 1 143 ? -0.067  -6.123  -2.450  1.00 28.86  ? 143 TYR A CB  1 
ATOM   1033 C  CG  . TYR A 1 143 ? 0.569   -7.409  -2.958  1.00 29.23  ? 143 TYR A CG  1 
ATOM   1034 C  CD1 . TYR A 1 143 ? 1.355   -8.223  -2.072  1.00 29.71  ? 143 TYR A CD1 1 
ATOM   1035 C  CD2 . TYR A 1 143 ? 0.449   -7.799  -4.300  1.00 25.63  ? 143 TYR A CD2 1 
ATOM   1036 C  CE1 . TYR A 1 143 ? 1.978   -9.392  -2.517  1.00 30.51  ? 143 TYR A CE1 1 
ATOM   1037 C  CE2 . TYR A 1 143 ? 1.054   -8.986  -4.755  1.00 30.13  ? 143 TYR A CE2 1 
ATOM   1038 C  CZ  . TYR A 1 143 ? 1.817   -9.778  -3.855  1.00 35.06  ? 143 TYR A CZ  1 
ATOM   1039 O  OH  . TYR A 1 143 ? 2.445   -10.933 -4.265  1.00 36.85  ? 143 TYR A OH  1 
ATOM   1040 N  N   . ASP A 1 144 ? 0.895   -4.083  -4.615  1.00 27.87  ? 144 ASP A N   1 
ATOM   1041 C  CA  . ASP A 1 144 ? 1.448   -3.712  -5.889  1.00 26.79  ? 144 ASP A CA  1 
ATOM   1042 C  C   . ASP A 1 144 ? 2.832   -3.147  -5.712  1.00 27.87  ? 144 ASP A C   1 
ATOM   1043 O  O   . ASP A 1 144 ? 3.746   -3.595  -6.381  1.00 28.72  ? 144 ASP A O   1 
ATOM   1044 C  CB  . ASP A 1 144 ? 0.569   -2.701  -6.623  1.00 30.67  ? 144 ASP A CB  1 
ATOM   1045 C  CG  . ASP A 1 144 ? -0.579  -3.383  -7.389  1.00 30.77  ? 144 ASP A CG  1 
ATOM   1046 O  OD1 . ASP A 1 144 ? -0.471  -4.611  -7.562  1.00 28.43  ? 144 ASP A OD1 1 
ATOM   1047 O  OD2 . ASP A 1 144 ? -1.580  -2.715  -7.784  1.00 28.65  ? 144 ASP A OD2 1 
ATOM   1048 N  N   . HIS A 1 145 ? 3.011   -2.181  -4.814  1.00 27.82  ? 145 HIS A N   1 
ATOM   1049 C  CA  . HIS A 1 145 ? 4.369   -1.638  -4.532  1.00 28.74  ? 145 HIS A CA  1 
ATOM   1050 C  C   . HIS A 1 145 ? 5.463   -2.688  -4.299  1.00 28.50  ? 145 HIS A C   1 
ATOM   1051 O  O   . HIS A 1 145 ? 6.616   -2.514  -4.737  1.00 26.50  ? 145 HIS A O   1 
ATOM   1052 C  CB  . HIS A 1 145 ? 4.350   -0.693  -3.357  1.00 27.75  ? 145 HIS A CB  1 
ATOM   1053 C  CG  . HIS A 1 145 ? 3.818   0.658   -3.689  1.00 30.66  ? 145 HIS A CG  1 
ATOM   1054 N  ND1 . HIS A 1 145 ? 4.381   1.458   -4.669  1.00 30.64  ? 145 HIS A ND1 1 
ATOM   1055 C  CD2 . HIS A 1 145 ? 2.798   1.371   -3.154  1.00 29.98  ? 145 HIS A CD2 1 
ATOM   1056 C  CE1 . HIS A 1 145 ? 3.732   2.607   -4.726  1.00 28.98  ? 145 HIS A CE1 1 
ATOM   1057 N  NE2 . HIS A 1 145 ? 2.766   2.577   -3.822  1.00 34.59  ? 145 HIS A NE2 1 
ATOM   1058 N  N   . LEU A 1 146 ? 5.094   -3.781  -3.634  1.00 26.99  ? 146 LEU A N   1 
ATOM   1059 C  CA  . LEU A 1 146 ? 6.062   -4.853  -3.316  1.00 30.17  ? 146 LEU A CA  1 
ATOM   1060 C  C   . LEU A 1 146 ? 6.507   -5.699  -4.540  1.00 33.04  ? 146 LEU A C   1 
ATOM   1061 O  O   . LEU A 1 146 ? 7.560   -6.414  -4.520  1.00 34.12  ? 146 LEU A O   1 
ATOM   1062 C  CB  . LEU A 1 146 ? 5.533   -5.753  -2.183  1.00 27.20  ? 146 LEU A CB  1 
ATOM   1063 C  CG  . LEU A 1 146 ? 4.870   -5.017  -0.993  1.00 25.19  ? 146 LEU A CG  1 
ATOM   1064 C  CD1 . LEU A 1 146 ? 4.265   -6.012  -0.042  1.00 19.79  ? 146 LEU A CD1 1 
ATOM   1065 C  CD2 . LEU A 1 146 ? 5.833   -4.040  -0.287  1.00 24.56  ? 146 LEU A CD2 1 
ATOM   1066 N  N   . VAL A 1 147 ? 5.702   -5.628  -5.592  1.00 29.86  ? 147 VAL A N   1 
ATOM   1067 C  CA  . VAL A 1 147 ? 6.050   -6.305  -6.826  1.00 28.39  ? 147 VAL A CA  1 
ATOM   1068 C  C   . VAL A 1 147 ? 6.378   -5.303  -7.943  1.00 28.87  ? 147 VAL A C   1 
ATOM   1069 O  O   . VAL A 1 147 ? 6.488   -5.697  -9.092  1.00 31.09  ? 147 VAL A O   1 
ATOM   1070 C  CB  . VAL A 1 147 ? 4.980   -7.380  -7.217  1.00 28.78  ? 147 VAL A CB  1 
ATOM   1071 C  CG1 . VAL A 1 147 ? 4.929   -8.469  -6.144  1.00 25.09  ? 147 VAL A CG1 1 
ATOM   1072 C  CG2 . VAL A 1 147 ? 3.574   -6.779  -7.468  1.00 26.38  ? 147 VAL A CG2 1 
ATOM   1073 N  N   . GLY A 1 148 ? 6.535   -4.019  -7.607  1.00 28.59  ? 148 GLY A N   1 
ATOM   1074 C  CA  . GLY A 1 148 ? 6.966   -2.982  -8.557  1.00 28.24  ? 148 GLY A CA  1 
ATOM   1075 C  C   . GLY A 1 148 ? 5.921   -2.534  -9.575  1.00 32.10  ? 148 GLY A C   1 
ATOM   1076 O  O   . GLY A 1 148 ? 6.266   -2.083  -10.686 1.00 35.47  ? 148 GLY A O   1 
ATOM   1077 N  N   . ARG A 1 149 ? 4.653   -2.688  -9.219  1.00 30.94  ? 149 ARG A N   1 
ATOM   1078 C  CA  . ARG A 1 149 ? 3.546   -2.203  -10.012 1.00 35.17  ? 149 ARG A CA  1 
ATOM   1079 C  C   . ARG A 1 149 ? 3.009   -0.890  -9.382  1.00 38.20  ? 149 ARG A C   1 
ATOM   1080 O  O   . ARG A 1 149 ? 2.937   -0.767  -8.135  1.00 36.94  ? 149 ARG A O   1 
ATOM   1081 C  CB  . ARG A 1 149 ? 2.460   -3.263  -10.045 1.00 35.08  ? 149 ARG A CB  1 
ATOM   1082 C  CG  . ARG A 1 149 ? 1.542   -3.159  -11.238 1.00 47.53  ? 149 ARG A CG  1 
ATOM   1083 C  CD  . ARG A 1 149 ? 1.994   -4.016  -12.433 1.00 55.84  ? 149 ARG A CD  1 
ATOM   1084 N  NE  . ARG A 1 149 ? 0.989   -4.111  -13.517 1.00 57.87  ? 149 ARG A NE  1 
ATOM   1085 C  CZ  . ARG A 1 149 ? -0.339  -4.086  -13.359 1.00 59.34  ? 149 ARG A CZ  1 
ATOM   1086 N  NH1 . ARG A 1 149 ? -0.868  -3.998  -12.162 1.00 62.78  ? 149 ARG A NH1 1 
ATOM   1087 N  NH2 . ARG A 1 149 ? -1.157  -4.160  -14.402 1.00 52.62  ? 149 ARG A NH2 1 
ATOM   1088 N  N   . LEU A 1 150 ? 2.645   0.092   -10.228 1.00 35.84  ? 150 LEU A N   1 
ATOM   1089 C  CA  . LEU A 1 150 ? 1.991   1.359   -9.747  1.00 31.82  ? 150 LEU A CA  1 
ATOM   1090 C  C   . LEU A 1 150 ? 0.620   1.474   -10.384 1.00 31.19  ? 150 LEU A C   1 
ATOM   1091 O  O   . LEU A 1 150 ? 0.396   0.911   -11.471 1.00 30.87  ? 150 LEU A O   1 
ATOM   1092 C  CB  . LEU A 1 150 ? 2.809   2.612   -10.091 1.00 30.01  ? 150 LEU A CB  1 
ATOM   1093 C  CG  . LEU A 1 150 ? 4.246   2.510   -9.634  1.00 32.77  ? 150 LEU A CG  1 
ATOM   1094 C  CD1 . LEU A 1 150 ? 5.134   3.541   -10.249 1.00 34.21  ? 150 LEU A CD1 1 
ATOM   1095 C  CD2 . LEU A 1 150 ? 4.304   2.626   -8.124  1.00 38.26  ? 150 LEU A CD2 1 
ATOM   1096 N  N   . TYR A 1 151 ? -0.285  2.214   -9.731  1.00 30.40  ? 151 TYR A N   1 
ATOM   1097 C  CA  . TYR A 1 151 ? -1.673  2.295   -10.202 1.00 31.07  ? 151 TYR A CA  1 
ATOM   1098 C  C   . TYR A 1 151 ? -1.926  2.756   -11.658 1.00 29.62  ? 151 TYR A C   1 
ATOM   1099 O  O   . TYR A 1 151 ? -2.909  2.290   -12.255 1.00 28.49  ? 151 TYR A O   1 
ATOM   1100 C  CB  . TYR A 1 151 ? -2.579  3.064   -9.238  1.00 30.80  ? 151 TYR A CB  1 
ATOM   1101 C  CG  . TYR A 1 151 ? -2.434  4.554   -9.310  1.00 33.01  ? 151 TYR A CG  1 
ATOM   1102 C  CD1 . TYR A 1 151 ? -2.986  5.286   -10.363 1.00 32.64  ? 151 TYR A CD1 1 
ATOM   1103 C  CD2 . TYR A 1 151 ? -1.777  5.253   -8.296  1.00 34.23  ? 151 TYR A CD2 1 
ATOM   1104 C  CE1 . TYR A 1 151 ? -2.848  6.668   -10.424 1.00 31.27  ? 151 TYR A CE1 1 
ATOM   1105 C  CE2 . TYR A 1 151 ? -1.662  6.627   -8.333  1.00 35.62  ? 151 TYR A CE2 1 
ATOM   1106 C  CZ  . TYR A 1 151 ? -2.195  7.332   -9.405  1.00 35.54  ? 151 TYR A CZ  1 
ATOM   1107 O  OH  . TYR A 1 151 ? -2.080  8.707   -9.428  1.00 37.67  ? 151 TYR A OH  1 
ATOM   1108 N  N   . PRO A 1 152 ? -1.061  3.633   -12.231 1.00 29.11  ? 152 PRO A N   1 
ATOM   1109 C  CA  . PRO A 1 152 ? -1.396  4.067   -13.593 1.00 31.69  ? 152 PRO A CA  1 
ATOM   1110 C  C   . PRO A 1 152 ? -1.513  2.899   -14.555 1.00 34.43  ? 152 PRO A C   1 
ATOM   1111 O  O   . PRO A 1 152 ? -2.454  2.873   -15.394 1.00 35.57  ? 152 PRO A O   1 
ATOM   1112 C  CB  . PRO A 1 152 ? -0.251  5.016   -13.955 1.00 31.58  ? 152 PRO A CB  1 
ATOM   1113 C  CG  . PRO A 1 152 ? 0.142   5.599   -12.629 1.00 28.86  ? 152 PRO A CG  1 
ATOM   1114 C  CD  . PRO A 1 152 ? 0.080   4.412   -11.701 1.00 30.37  ? 152 PRO A CD  1 
ATOM   1115 N  N   . SER A 1 153 ? -0.649  1.894   -14.373 1.00 34.30  ? 153 SER A N   1 
ATOM   1116 C  CA  . SER A 1 153 ? -0.709  0.705   -15.222 1.00 31.21  ? 153 SER A CA  1 
ATOM   1117 C  C   . SER A 1 153 ? -2.004  -0.101  -14.999 1.00 30.63  ? 153 SER A C   1 
ATOM   1118 O  O   . SER A 1 153 ? -2.270  -1.089  -15.694 1.00 30.96  ? 153 SER A O   1 
ATOM   1119 C  CB  . SER A 1 153 ? 0.509   -0.165  -15.014 1.00 31.69  ? 153 SER A CB  1 
ATOM   1120 O  OG  . SER A 1 153 ? 0.392   -0.871  -13.797 1.00 39.37  ? 153 SER A OG  1 
ATOM   1121 N  N   . ARG A 1 154 ? -2.837  0.337   -14.070 1.00 27.75  ? 154 ARG A N   1 
ATOM   1122 C  CA  . ARG A 1 154 ? -4.061  -0.399  -13.819 1.00 30.56  ? 154 ARG A CA  1 
ATOM   1123 C  C   . ARG A 1 154 ? -5.361  0.316   -14.207 1.00 32.36  ? 154 ARG A C   1 
ATOM   1124 O  O   . ARG A 1 154 ? -6.478  -0.288  -14.081 1.00 30.63  ? 154 ARG A O   1 
ATOM   1125 C  CB  . ARG A 1 154 ? -4.123  -0.815  -12.353 1.00 31.12  ? 154 ARG A CB  1 
ATOM   1126 C  CG  . ARG A 1 154 ? -3.338  -2.056  -12.097 1.00 29.65  ? 154 ARG A CG  1 
ATOM   1127 C  CD  . ARG A 1 154 ? -3.781  -2.563  -10.769 1.00 33.32  ? 154 ARG A CD  1 
ATOM   1128 N  NE  . ARG A 1 154 ? -2.741  -3.393  -10.202 1.00 36.06  ? 154 ARG A NE  1 
ATOM   1129 C  CZ  . ARG A 1 154 ? -2.679  -4.707  -10.368 1.00 37.65  ? 154 ARG A CZ  1 
ATOM   1130 N  NH1 . ARG A 1 154 ? -3.604  -5.320  -11.066 1.00 35.43  ? 154 ARG A NH1 1 
ATOM   1131 N  NH2 . ARG A 1 154 ? -1.689  -5.403  -9.836  1.00 37.80  ? 154 ARG A NH2 1 
ATOM   1132 N  N   . ILE A 1 155 ? -5.202  1.580   -14.650 1.00 34.91  ? 155 ILE A N   1 
ATOM   1133 C  CA  . ILE A 1 155 ? -6.290  2.455   -15.174 1.00 33.54  ? 155 ILE A CA  1 
ATOM   1134 C  C   . ILE A 1 155 ? -6.937  1.852   -16.437 1.00 34.32  ? 155 ILE A C   1 
ATOM   1135 O  O   . ILE A 1 155 ? -6.275  1.556   -17.446 1.00 33.54  ? 155 ILE A O   1 
ATOM   1136 C  CB  . ILE A 1 155 ? -5.765  3.881   -15.495 1.00 32.07  ? 155 ILE A CB  1 
ATOM   1137 C  CG1 . ILE A 1 155 ? -5.188  4.560   -14.240 1.00 29.82  ? 155 ILE A CG1 1 
ATOM   1138 C  CG2 . ILE A 1 155 ? -6.842  4.705   -16.179 1.00 30.00  ? 155 ILE A CG2 1 
ATOM   1139 C  CD1 . ILE A 1 155 ? -4.446  5.848   -14.501 1.00 26.93  ? 155 ILE A CD1 1 
ATOM   1140 N  N   . GLU A 1 156 ? -8.236  1.614   -16.362 1.00 37.61  ? 156 GLU A N   1 
ATOM   1141 C  CA  . GLU A 1 156 ? -8.974  1.199   -17.551 1.00 34.74  ? 156 GLU A CA  1 
ATOM   1142 C  C   . GLU A 1 156 ? -9.611  2.401   -18.214 1.00 30.70  ? 156 GLU A C   1 
ATOM   1143 O  O   . GLU A 1 156 ? -9.660  2.432   -19.421 1.00 29.77  ? 156 GLU A O   1 
ATOM   1144 C  CB  . GLU A 1 156 ? -10.026 0.177   -17.214 1.00 37.32  ? 156 GLU A CB  1 
ATOM   1145 C  CG  . GLU A 1 156 ? -9.497  -1.212  -16.963 1.00 42.76  ? 156 GLU A CG  1 
ATOM   1146 C  CD  . GLU A 1 156 ? -10.646 -2.106  -16.549 1.00 50.85  ? 156 GLU A CD  1 
ATOM   1147 O  OE1 . GLU A 1 156 ? -11.523 -1.696  -15.742 1.00 51.17  ? 156 GLU A OE1 1 
ATOM   1148 O  OE2 . GLU A 1 156 ? -10.711 -3.215  -17.062 1.00 56.12  ? 156 GLU A OE2 1 
ATOM   1149 N  N   . ASN A 1 157 ? -10.060 3.399   -17.437 1.00 31.41  ? 157 ASN A N   1 
ATOM   1150 C  CA  . ASN A 1 157 ? -10.692 4.600   -18.010 1.00 31.07  ? 157 ASN A CA  1 
ATOM   1151 C  C   . ASN A 1 157 ? -9.907  5.885   -17.747 1.00 31.80  ? 157 ASN A C   1 
ATOM   1152 O  O   . ASN A 1 157 ? -9.945  6.441   -16.625 1.00 28.56  ? 157 ASN A O   1 
ATOM   1153 C  CB  . ASN A 1 157 ? -12.133 4.747   -17.539 1.00 32.54  ? 157 ASN A CB  1 
ATOM   1154 C  CG  . ASN A 1 157 ? -12.829 6.010   -18.098 1.00 37.36  ? 157 ASN A CG  1 
ATOM   1155 O  OD1 . ASN A 1 157 ? -13.845 6.446   -17.532 1.00 37.15  ? 157 ASN A OD1 1 
ATOM   1156 N  ND2 . ASN A 1 157 ? -12.276 6.619   -19.181 1.00 33.04  ? 157 ASN A ND2 1 
ATOM   1157 N  N   . PHE A 1 158 ? -9.243  6.377   -18.801 1.00 31.63  ? 158 PHE A N   1 
ATOM   1158 C  CA  . PHE A 1 158 ? -8.308  7.485   -18.652 1.00 30.44  ? 158 PHE A CA  1 
ATOM   1159 C  C   . PHE A 1 158 ? -8.985  8.806   -18.500 1.00 31.91  ? 158 PHE A C   1 
ATOM   1160 O  O   . PHE A 1 158 ? -8.317  9.774   -18.196 1.00 37.91  ? 158 PHE A O   1 
ATOM   1161 C  CB  . PHE A 1 158 ? -7.245  7.518   -19.754 1.00 28.61  ? 158 PHE A CB  1 
ATOM   1162 C  CG  . PHE A 1 158 ? -6.122  6.558   -19.500 1.00 30.08  ? 158 PHE A CG  1 
ATOM   1163 C  CD1 . PHE A 1 158 ? -4.979  6.975   -18.812 1.00 28.95  ? 158 PHE A CD1 1 
ATOM   1164 C  CD2 . PHE A 1 158 ? -6.232  5.200   -19.878 1.00 31.40  ? 158 PHE A CD2 1 
ATOM   1165 C  CE1 . PHE A 1 158 ? -3.942  6.093   -18.538 1.00 29.44  ? 158 PHE A CE1 1 
ATOM   1166 C  CE2 . PHE A 1 158 ? -5.198  4.298   -19.595 1.00 32.16  ? 158 PHE A CE2 1 
ATOM   1167 C  CZ  . PHE A 1 158 ? -4.047  4.753   -18.930 1.00 32.90  ? 158 PHE A CZ  1 
ATOM   1168 N  N   . ASP A 1 159 ? -10.300 8.863   -18.693 1.00 32.94  ? 159 ASP A N   1 
ATOM   1169 C  CA  . ASP A 1 159 ? -11.019 10.093  -18.423 1.00 33.79  ? 159 ASP A CA  1 
ATOM   1170 C  C   . ASP A 1 159 ? -10.975 10.448  -16.938 1.00 35.01  ? 159 ASP A C   1 
ATOM   1171 O  O   . ASP A 1 159 ? -11.171 11.600  -16.560 1.00 32.16  ? 159 ASP A O   1 
ATOM   1172 C  CB  . ASP A 1 159 ? -12.459 10.007  -18.912 1.00 37.69  ? 159 ASP A CB  1 
ATOM   1173 C  CG  . ASP A 1 159 ? -12.569 10.036  -20.450 1.00 41.08  ? 159 ASP A CG  1 
ATOM   1174 O  OD1 . ASP A 1 159 ? -11.566 10.251  -21.183 1.00 39.60  ? 159 ASP A OD1 1 
ATOM   1175 O  OD2 . ASP A 1 159 ? -13.685 9.784   -20.924 1.00 41.38  ? 159 ASP A OD2 1 
ATOM   1176 N  N   . THR A 1 160 ? -10.686 9.452   -16.100 1.00 35.33  ? 160 THR A N   1 
ATOM   1177 C  CA  . THR A 1 160 ? -10.729 9.624   -14.651 1.00 33.82  ? 160 THR A CA  1 
ATOM   1178 C  C   . THR A 1 160 ? -9.343  9.963   -14.070 1.00 31.84  ? 160 THR A C   1 
ATOM   1179 O  O   . THR A 1 160 ? -9.200  10.176  -12.883 1.00 32.81  ? 160 THR A O   1 
ATOM   1180 C  CB  . THR A 1 160 ? -11.248 8.344   -13.983 1.00 34.60  ? 160 THR A CB  1 
ATOM   1181 O  OG1 . THR A 1 160 ? -10.198 7.358   -14.008 1.00 37.23  ? 160 THR A OG1 1 
ATOM   1182 C  CG2 . THR A 1 160 ? -12.520 7.793   -14.707 1.00 31.35  ? 160 THR A CG2 1 
ATOM   1183 N  N   . PHE A 1 161 ? -8.324  10.004  -14.902 1.00 29.87  ? 161 PHE A N   1 
ATOM   1184 C  CA  . PHE A 1 161 ? -6.970  10.211  -14.415 1.00 31.74  ? 161 PHE A CA  1 
ATOM   1185 C  C   . PHE A 1 161 ? -6.689  11.692  -14.500 1.00 31.98  ? 161 PHE A C   1 
ATOM   1186 O  O   . PHE A 1 161 ? -6.939  12.297  -15.544 1.00 33.78  ? 161 PHE A O   1 
ATOM   1187 C  CB  . PHE A 1 161 ? -5.976  9.408   -15.276 1.00 29.33  ? 161 PHE A CB  1 
ATOM   1188 C  CG  . PHE A 1 161 ? -4.543  9.500   -14.813 1.00 30.99  ? 161 PHE A CG  1 
ATOM   1189 C  CD1 . PHE A 1 161 ? -4.231  9.682   -13.470 1.00 31.82  ? 161 PHE A CD1 1 
ATOM   1190 C  CD2 . PHE A 1 161 ? -3.487  9.353   -15.716 1.00 28.49  ? 161 PHE A CD2 1 
ATOM   1191 C  CE1 . PHE A 1 161 ? -2.898  9.749   -13.061 1.00 29.85  ? 161 PHE A CE1 1 
ATOM   1192 C  CE2 . PHE A 1 161 ? -2.163  9.401   -15.299 1.00 28.38  ? 161 PHE A CE2 1 
ATOM   1193 C  CZ  . PHE A 1 161 ? -1.864  9.598   -13.968 1.00 28.67  ? 161 PHE A CZ  1 
ATOM   1194 N  N   . GLY A 1 162 ? -6.196  12.276  -13.413 1.00 30.46  ? 162 GLY A N   1 
ATOM   1195 C  CA  . GLY A 1 162 ? -5.867  13.700  -13.386 1.00 33.06  ? 162 GLY A CA  1 
ATOM   1196 C  C   . GLY A 1 162 ? -5.473  14.206  -12.011 1.00 33.41  ? 162 GLY A C   1 
ATOM   1197 O  O   . GLY A 1 162 ? -5.318  13.435  -11.108 1.00 36.46  ? 162 GLY A O   1 
ATOM   1198 N  N   . PHE A 1 163 ? -5.302  15.508  -11.858 1.00 31.93  ? 163 PHE A N   1 
ATOM   1199 C  CA  . PHE A 1 163 ? -4.877  16.088  -10.613 1.00 31.70  ? 163 PHE A CA  1 
ATOM   1200 C  C   . PHE A 1 163 ? -6.029  16.258  -9.636  1.00 37.80  ? 163 PHE A C   1 
ATOM   1201 O  O   . PHE A 1 163 ? -7.160  16.588  -10.036 1.00 37.66  ? 163 PHE A O   1 
ATOM   1202 C  CB  . PHE A 1 163 ? -4.175  17.428  -10.848 1.00 31.07  ? 163 PHE A CB  1 
ATOM   1203 C  CG  . PHE A 1 163 ? -2.828  17.311  -11.546 1.00 30.50  ? 163 PHE A CG  1 
ATOM   1204 C  CD1 . PHE A 1 163 ? -2.722  17.446  -12.942 1.00 31.46  ? 163 PHE A CD1 1 
ATOM   1205 C  CD2 . PHE A 1 163 ? -1.661  17.077  -10.816 1.00 30.97  ? 163 PHE A CD2 1 
ATOM   1206 C  CE1 . PHE A 1 163 ? -1.482  17.347  -13.597 1.00 31.32  ? 163 PHE A CE1 1 
ATOM   1207 C  CE2 . PHE A 1 163 ? -0.420  17.007  -11.451 1.00 30.48  ? 163 PHE A CE2 1 
ATOM   1208 C  CZ  . PHE A 1 163 ? -0.331  17.132  -12.843 1.00 30.48  ? 163 PHE A CZ  1 
ATOM   1209 N  N   . ASP A 1 164 ? -5.706  15.990  -8.362  1.00 42.86  ? 164 ASP A N   1 
ATOM   1210 C  CA  . ASP A 1 164 ? -6.580  16.063  -7.196  1.00 45.55  ? 164 ASP A CA  1 
ATOM   1211 C  C   . ASP A 1 164 ? -7.456  17.319  -7.183  1.00 45.76  ? 164 ASP A C   1 
ATOM   1212 O  O   . ASP A 1 164 ? -8.679  17.222  -7.101  1.00 43.78  ? 164 ASP A O   1 
ATOM   1213 C  CB  . ASP A 1 164 ? -5.725  16.016  -5.916  1.00 48.27  ? 164 ASP A CB  1 
ATOM   1214 C  CG  . ASP A 1 164 ? -6.206  14.969  -4.924  1.00 60.73  ? 164 ASP A CG  1 
ATOM   1215 O  OD1 . ASP A 1 164 ? -7.453  14.876  -4.692  1.00 60.93  ? 164 ASP A OD1 1 
ATOM   1216 O  OD2 . ASP A 1 164 ? -5.329  14.237  -4.373  1.00 59.06  ? 164 ASP A OD2 1 
ATOM   1217 N  N   . ASP A 1 165 ? -6.818  18.490  -7.271  1.00 47.68  ? 165 ASP A N   1 
ATOM   1218 C  CA  . ASP A 1 165 ? -7.489  19.778  -7.105  1.00 45.96  ? 165 ASP A CA  1 
ATOM   1219 C  C   . ASP A 1 165 ? -8.384  20.142  -8.280  1.00 49.12  ? 165 ASP A C   1 
ATOM   1220 O  O   . ASP A 1 165 ? -9.174  21.045  -8.192  1.00 53.60  ? 165 ASP A O   1 
ATOM   1221 C  CB  . ASP A 1 165 ? -6.495  20.898  -6.792  1.00 49.35  ? 165 ASP A CB  1 
ATOM   1222 C  CG  . ASP A 1 165 ? -5.286  20.933  -7.745  1.00 56.73  ? 165 ASP A CG  1 
ATOM   1223 O  OD1 . ASP A 1 165 ? -4.915  19.908  -8.358  1.00 63.89  ? 165 ASP A OD1 1 
ATOM   1224 O  OD2 . ASP A 1 165 ? -4.661  22.005  -7.858  1.00 53.48  ? 165 ASP A OD2 1 
ATOM   1225 N  N   . VAL A 1 166 ? -8.301  19.385  -9.355  1.00 50.76  ? 166 VAL A N   1 
ATOM   1226 C  CA  . VAL A 1 166 ? -8.957  19.722  -10.598 1.00 49.45  ? 166 VAL A CA  1 
ATOM   1227 C  C   . VAL A 1 166 ? -10.089 18.762  -10.893 1.00 52.04  ? 166 VAL A C   1 
ATOM   1228 O  O   . VAL A 1 166 ? -11.126 19.183  -11.374 1.00 56.39  ? 166 VAL A O   1 
ATOM   1229 C  CB  . VAL A 1 166 ? -7.933  19.680  -11.766 1.00 48.64  ? 166 VAL A CB  1 
ATOM   1230 C  CG1 . VAL A 1 166 ? -8.633  19.680  -13.105 1.00 45.12  ? 166 VAL A CG1 1 
ATOM   1231 C  CG2 . VAL A 1 166 ? -6.931  20.833  -11.679 1.00 48.06  ? 166 VAL A CG2 1 
ATOM   1232 N  N   . LEU A 1 167 ? -9.870  17.476  -10.601 1.00 57.89  ? 167 LEU A N   1 
ATOM   1233 C  CA  . LEU A 1 167 ? -10.708 16.362  -11.069 1.00 56.86  ? 167 LEU A CA  1 
ATOM   1234 C  C   . LEU A 1 167 ? -12.201 16.446  -10.790 1.00 66.41  ? 167 LEU A C   1 
ATOM   1235 O  O   . LEU A 1 167 ? -12.610 16.745  -9.665  1.00 62.41  ? 167 LEU A O   1 
ATOM   1236 C  CB  . LEU A 1 167 ? -10.171 15.039  -10.549 1.00 53.81  ? 167 LEU A CB  1 
ATOM   1237 C  CG  . LEU A 1 167 ? -9.378  14.265  -11.591 1.00 53.15  ? 167 LEU A CG  1 
ATOM   1238 C  CD1 . LEU A 1 167 ? -8.737  13.065  -10.939 1.00 54.14  ? 167 LEU A CD1 1 
ATOM   1239 C  CD2 . LEU A 1 167 ? -10.251 13.839  -12.760 1.00 49.70  ? 167 LEU A CD2 1 
ATOM   1240 N  N   . SER A 1 168 ? -12.996 16.153  -11.827 1.00 76.49  ? 168 SER A N   1 
ATOM   1241 C  CA  . SER A 1 168 ? -14.456 16.347  -11.799 1.00 76.72  ? 168 SER A CA  1 
ATOM   1242 C  C   . SER A 1 168 ? -15.311 15.097  -11.890 1.00 80.29  ? 168 SER A C   1 
ATOM   1243 O  O   . SER A 1 168 ? -16.533 15.205  -11.816 1.00 79.41  ? 168 SER A O   1 
ATOM   1244 C  CB  . SER A 1 168 ? -14.901 17.300  -12.904 1.00 69.95  ? 168 SER A CB  1 
ATOM   1245 O  OG  . SER A 1 168 ? -15.263 18.521  -12.319 1.00 67.16  ? 168 SER A OG  1 
ATOM   1246 N  N   . TYR A 1 169 ? -14.687 13.928  -12.049 1.00 87.85  ? 169 TYR A N   1 
ATOM   1247 C  CA  . TYR A 1 169 ? -15.426 12.696  -12.370 1.00 94.47  ? 169 TYR A CA  1 
ATOM   1248 C  C   . TYR A 1 169 ? -16.114 11.993  -11.160 1.00 101.45 ? 169 TYR A C   1 
ATOM   1249 O  O   . TYR A 1 169 ? -15.540 11.901  -10.071 1.00 113.04 ? 169 TYR A O   1 
ATOM   1250 C  CB  . TYR A 1 169 ? -14.539 11.726  -13.179 1.00 91.13  ? 169 TYR A CB  1 
ATOM   1251 C  CG  . TYR A 1 169 ? -15.332 10.663  -13.917 1.00 91.69  ? 169 TYR A CG  1 
ATOM   1252 C  CD1 . TYR A 1 169 ? -15.672 10.825  -15.276 1.00 90.48  ? 169 TYR A CD1 1 
ATOM   1253 C  CD2 . TYR A 1 169 ? -15.764 9.498   -13.244 1.00 86.97  ? 169 TYR A CD2 1 
ATOM   1254 C  CE1 . TYR A 1 169 ? -16.412 9.853   -15.939 1.00 89.72  ? 169 TYR A CE1 1 
ATOM   1255 C  CE2 . TYR A 1 169 ? -16.505 8.527   -13.889 1.00 86.78  ? 169 TYR A CE2 1 
ATOM   1256 C  CZ  . TYR A 1 169 ? -16.822 8.705   -15.228 1.00 91.81  ? 169 TYR A CZ  1 
ATOM   1257 O  OH  . TYR A 1 169 ? -17.553 7.724   -15.840 1.00 87.36  ? 169 TYR A OH  1 
ATOM   1258 N  N   . ASP A 1 170 ? -17.348 11.521  -11.375 1.00 95.84  ? 170 ASP A N   1 
ATOM   1259 C  CA  . ASP A 1 170 ? -18.127 10.729  -10.401 1.00 86.84  ? 170 ASP A CA  1 
ATOM   1260 C  C   . ASP A 1 170 ? -17.366 9.714   -9.541  1.00 78.54  ? 170 ASP A C   1 
ATOM   1261 O  O   . ASP A 1 170 ? -17.771 8.551   -9.435  1.00 67.86  ? 170 ASP A O   1 
ATOM   1262 C  CB  . ASP A 1 170 ? -19.264 10.008  -11.131 1.00 91.81  ? 170 ASP A CB  1 
ATOM   1263 C  CG  . ASP A 1 170 ? -20.625 10.547  -10.743 1.00 93.85  ? 170 ASP A CG  1 
ATOM   1264 O  OD1 . ASP A 1 170 ? -21.637 9.845   -10.995 1.00 85.54  ? 170 ASP A OD1 1 
ATOM   1265 O  OD2 . ASP A 1 170 ? -20.670 11.664  -10.168 1.00 79.29  ? 170 ASP A OD2 1 
HETATM 1266 CD CD  . CD  B 2 .   ? 1.124   4.236   -3.660  1.00 42.92  ? 201 CD  A CD  1 
HETATM 1267 CD CD  . CD  C 2 .   ? 10.223  11.687  14.880  1.00 61.98  ? 202 CD  A CD  1 
HETATM 1268 CD CD  . CD  D 2 .   ? -9.629  -15.785 8.186   1.00 37.13  ? 203 CD  A CD  1 
HETATM 1269 C  C   . ACT E 3 .   ? 4.029   -0.664  -13.676 1.00 38.95  ? 204 ACT A C   1 
HETATM 1270 O  O   . ACT E 3 .   ? 3.036   -0.424  -12.932 1.00 32.66  ? 204 ACT A O   1 
HETATM 1271 O  OXT . ACT E 3 .   ? 5.089   -0.044  -13.390 1.00 37.56  ? 204 ACT A OXT 1 
HETATM 1272 C  CH3 . ACT E 3 .   ? 3.996   -1.640  -14.868 1.00 36.73  ? 204 ACT A CH3 1 
HETATM 1273 C  C10 . 56L F 4 .   ? -6.167  5.443   -1.061  1.00 55.34  ? 205 56L A C10 1 
HETATM 1274 C  C9  . 56L F 4 .   ? -5.364  4.140   -1.054  1.00 56.11  ? 205 56L A C9  1 
HETATM 1275 C  C5  . 56L F 4 .   ? -1.157  5.203   -1.518  1.00 77.52  ? 205 56L A C5  1 
HETATM 1276 C  C3  . 56L F 4 .   ? -3.419  5.179   -2.381  1.00 64.45  ? 205 56L A C3  1 
HETATM 1277 C  C2  . 56L F 4 .   ? -3.872  4.105   -1.467  1.00 62.90  ? 205 56L A C2  1 
HETATM 1278 C  C1  . 56L F 4 .   ? -2.764  3.764   -0.510  1.00 68.64  ? 205 56L A C1  1 
HETATM 1279 C  C11 . 56L F 4 .   ? -6.056  3.152   -1.969  1.00 52.87  ? 205 56L A C11 1 
HETATM 1280 O  O12 . 56L F 4 .   ? -4.237  5.595   -3.225  1.00 57.00  ? 205 56L A O12 1 
HETATM 1281 N  N4  . 56L F 4 .   ? -2.130  5.617   -2.378  1.00 72.53  ? 205 56L A N4  1 
HETATM 1282 S  S7  . 56L F 4 .   ? 0.363   5.812   -1.607  1.00 65.01  ? 205 56L A S7  1 
HETATM 1283 N  N6  . 56L F 4 .   ? -1.500  4.271   -0.590  1.00 71.77  ? 205 56L A N6  1 
HETATM 1284 O  O8  . 56L F 4 .   ? -2.992  2.892   0.340   1.00 76.62  ? 205 56L A O8  1 
HETATM 1285 O  O   . HOH G 5 .   ? -4.213  12.488  -4.910  1.00 26.36  ? 301 HOH A O   1 
HETATM 1286 O  O   . HOH G 5 .   ? 12.479  0.136   -2.964  1.00 49.81  ? 302 HOH A O   1 
HETATM 1287 O  O   . HOH G 5 .   ? -12.437 0.911   -2.321  1.00 48.10  ? 303 HOH A O   1 
HETATM 1288 O  O   . HOH G 5 .   ? 16.197  -5.539  1.159   1.00 45.96  ? 304 HOH A O   1 
HETATM 1289 O  O   . HOH G 5 .   ? 0.969   3.743   -0.297  1.00 33.25  ? 305 HOH A O   1 
HETATM 1290 O  O   . HOH G 5 .   ? 9.743   -2.600  -5.019  1.00 45.47  ? 306 HOH A O   1 
HETATM 1291 O  O   . HOH G 5 .   ? -14.657 -16.930 -1.215  1.00 25.57  ? 307 HOH A O   1 
HETATM 1292 O  O   . HOH G 5 .   ? 13.613  7.617   2.057   1.00 31.42  ? 308 HOH A O   1 
HETATM 1293 O  O   . HOH G 5 .   ? 6.495   0.389   -5.784  1.00 36.54  ? 309 HOH A O   1 
HETATM 1294 O  O   . HOH G 5 .   ? -1.511  -0.059  -7.814  1.00 25.12  ? 310 HOH A O   1 
HETATM 1295 O  O   . HOH G 5 .   ? -8.962  13.390  -16.845 1.00 34.32  ? 311 HOH A O   1 
HETATM 1296 O  O   . HOH G 5 .   ? -5.600  -5.435  -7.304  1.00 37.54  ? 312 HOH A O   1 
HETATM 1297 O  O   . HOH G 5 .   ? 11.033  13.327  -4.426  1.00 51.48  ? 313 HOH A O   1 
HETATM 1298 O  O   . HOH G 5 .   ? -9.996  2.931   -14.726 1.00 26.53  ? 314 HOH A O   1 
HETATM 1299 O  O   . HOH G 5 .   ? -8.782  -15.405 11.882  1.00 47.46  ? 315 HOH A O   1 
HETATM 1300 O  O   . HOH G 5 .   ? -3.512  1.440   -17.427 1.00 35.76  ? 316 HOH A O   1 
HETATM 1301 O  O   . HOH G 5 .   ? -20.472 -7.086  2.240   1.00 30.19  ? 317 HOH A O   1 
HETATM 1302 O  O   . HOH G 5 .   ? 14.347  -8.287  6.924   1.00 50.18  ? 318 HOH A O   1 
HETATM 1303 O  O   . HOH G 5 .   ? -9.876  5.545   -21.312 1.00 31.04  ? 319 HOH A O   1 
HETATM 1304 O  O   . HOH G 5 .   ? -11.573 -15.803 9.497   1.00 26.22  ? 320 HOH A O   1 
HETATM 1305 O  O   . HOH G 5 .   ? 15.336  6.319   -10.958 1.00 53.10  ? 321 HOH A O   1 
HETATM 1306 O  O   . HOH G 5 .   ? 0.603   3.051   -7.267  1.00 25.06  ? 322 HOH A O   1 
HETATM 1307 O  O   . HOH G 5 .   ? 8.817   4.535   -10.724 1.00 20.05  ? 323 HOH A O   1 
HETATM 1308 O  O   . HOH G 5 .   ? 3.695   11.405  11.805  1.00 37.28  ? 324 HOH A O   1 
HETATM 1309 O  O   . HOH G 5 .   ? 5.981   16.489  -6.647  1.00 44.76  ? 325 HOH A O   1 
HETATM 1310 O  O   . HOH G 5 .   ? -11.648 -19.552 1.782   1.00 38.99  ? 326 HOH A O   1 
HETATM 1311 O  O   . HOH G 5 .   ? -7.867  13.083  -2.548  1.00 41.31  ? 327 HOH A O   1 
HETATM 1312 O  O   . HOH G 5 .   ? 7.659   -9.005  -3.388  1.00 29.88  ? 328 HOH A O   1 
HETATM 1313 O  O   . HOH G 5 .   ? -12.765 -5.606  5.480   1.00 44.80  ? 329 HOH A O   1 
HETATM 1314 O  O   . HOH G 5 .   ? 6.150   -13.559 0.852   1.00 39.18  ? 330 HOH A O   1 
HETATM 1315 O  O   . HOH G 5 .   ? -1.458  -15.983 -3.222  1.00 46.82  ? 331 HOH A O   1 
HETATM 1316 O  O   . HOH G 5 .   ? -14.052 14.089  -8.933  1.00 42.32  ? 332 HOH A O   1 
HETATM 1317 O  O   . HOH G 5 .   ? -12.845 5.668   -21.867 1.00 42.47  ? 333 HOH A O   1 
HETATM 1318 O  O   . HOH G 5 .   ? -16.042 6.456   -8.370  1.00 42.65  ? 334 HOH A O   1 
HETATM 1319 O  O   . HOH G 5 .   ? 8.117   -3.030  -12.736 1.00 42.35  ? 335 HOH A O   1 
HETATM 1320 O  O   . HOH G 5 .   ? -10.583 -5.046  -14.772 1.00 38.53  ? 336 HOH A O   1 
HETATM 1321 O  O   . HOH G 5 .   ? 16.084  14.844  3.069   1.00 55.33  ? 337 HOH A O   1 
HETATM 1322 O  O   . HOH G 5 .   ? 0.835   0.649   -6.021  1.00 39.25  ? 338 HOH A O   1 
HETATM 1323 O  O   . HOH G 5 .   ? -13.551 5.601   -4.277  1.00 28.55  ? 339 HOH A O   1 
HETATM 1324 O  O   . HOH G 5 .   ? -19.690 8.778   -7.195  1.00 49.88  ? 340 HOH A O   1 
HETATM 1325 O  O   . HOH G 5 .   ? 8.647   12.927  1.556   1.00 38.37  ? 341 HOH A O   1 
HETATM 1326 O  O   . HOH G 5 .   ? 5.260   -10.698 -3.280  1.00 35.01  ? 342 HOH A O   1 
HETATM 1327 O  O   . HOH G 5 .   ? -1.995  6.797   0.967   1.00 35.56  ? 343 HOH A O   1 
HETATM 1328 O  O   . HOH G 5 .   ? 0.555   -12.955 -3.089  1.00 27.24  ? 344 HOH A O   1 
HETATM 1329 O  O   . HOH G 5 .   ? -9.654  -14.103 9.777   1.00 27.76  ? 345 HOH A O   1 
HETATM 1330 O  O   . HOH G 5 .   ? -13.261 -1.387  4.234   1.00 35.48  ? 346 HOH A O   1 
HETATM 1331 O  O   . HOH G 5 .   ? -11.574 4.571   -2.834  1.00 41.04  ? 347 HOH A O   1 
HETATM 1332 O  O   . HOH G 5 .   ? -15.428 0.080   2.071   1.00 38.98  ? 348 HOH A O   1 
HETATM 1333 O  O   . HOH G 5 .   ? 12.189  10.825  -5.770  1.00 40.98  ? 349 HOH A O   1 
HETATM 1334 O  O   . HOH G 5 .   ? -10.584 -11.286 9.294   1.00 31.32  ? 350 HOH A O   1 
HETATM 1335 O  O   . HOH G 5 .   ? 18.425  0.148   -2.066  1.00 44.65  ? 351 HOH A O   1 
HETATM 1336 O  O   . HOH G 5 .   ? 15.237  9.765   4.622   1.00 42.89  ? 352 HOH A O   1 
HETATM 1337 O  O   . HOH G 5 .   ? 15.824  0.748   8.322   1.00 34.91  ? 353 HOH A O   1 
HETATM 1338 O  O   . HOH G 5 .   ? -3.437  8.500   -0.897  1.00 42.01  ? 354 HOH A O   1 
HETATM 1339 O  O   . HOH G 5 .   ? 11.021  13.228  12.760  1.00 26.71  ? 355 HOH A O   1 
HETATM 1340 O  O   . HOH G 5 .   ? -4.809  -2.049  -18.168 1.00 39.89  ? 356 HOH A O   1 
HETATM 1341 O  O   . HOH G 5 .   ? 12.723  10.814  15.973  1.00 27.95  ? 357 HOH A O   1 
HETATM 1342 O  O   . HOH G 5 .   ? 6.238   -4.288  -13.873 1.00 44.04  ? 358 HOH A O   1 
HETATM 1343 O  O   . HOH G 5 .   ? -18.916 0.866   -5.980  1.00 36.81  ? 359 HOH A O   1 
HETATM 1344 O  O   . HOH G 5 .   ? 16.867  -8.281  2.216   1.00 36.28  ? 360 HOH A O   1 
# 
